data_4HKJ
#
_entry.id   4HKJ
#
_cell.length_a   88.31
_cell.length_b   88.25
_cell.length_c   106.42
_cell.angle_alpha   76.18
_cell.angle_beta   69.29
_cell.angle_gamma   66.69
#
_symmetry.space_group_name_H-M   'P 1'
#
loop_
_entity.id
_entity.type
_entity.pdbx_description
1 polymer 'H-2 class I histocompatibility antigen, K-B alpha chain'
2 polymer Beta-2-microglobulin
3 polymer Ovalbumin
4 polymer 'CPXV203 protein'
5 water water
#
loop_
_entity_poly.entity_id
_entity_poly.type
_entity_poly.pdbx_seq_one_letter_code
_entity_poly.pdbx_strand_id
1 'polypeptide(L)'
;GPHSLRYFVTAVSRPGLGEPRYMEVGYVDDTEFVRFDSDAENPRYEPRARWMEQEGPEYWERETQKAKGNEQSFRVDLRT
LLGYYNQSKGGSHTIQVISGCEVGSDGRLLRGYQQYAYDGCDYIALNEDLKTWTAADMAALITKHKWEQAGEAERLRAYL
EGTCVEWLRRYLKNGNATLLRTDSPKAHVTHHSRPEDKVTLRCWALGFYPADITLTWQLNGEELIQDMELVETRPAGDGT
FQKWASVVVPLGKEQYYTCHVYHQGLPEPLTLRWEPPPST
;
A,E,I,M
2 'polypeptide(L)'
;MIQRTPKIQVYSRHPAENGKSNFLNCYVSGFHPSDIEVDLLKNGERIEKVEHSDLSFSKDWSFYLLYYTEFTPTEKDEYA
CRVNHVTLSQPKIVKWDRDM
;
B,F,J,N
3 'polypeptide(L)' SIINFEKL C,G,K,O
4 'polypeptide(L)'
;A(MSE)VIRRCEK(MSE)EEETWKLKIG(MSE)CIQAKDFYSKRTDCSVHRPDVGGGLITEGNGYRVVVHDQCEEPNPFI
IATTKQTHFGVTHSYIEFSNSNTGAPENIPDCSKHILISVYCDQEASGLDFHTLKYVESNYLHITVKYDTSCINHLGVNY
SF(MSE)NECERKLTSIYETDTLTCGAKDIQTRDKYLKTCTNTKFDRSVYKTH(MSE)QKSKILHV
;
D,H,L,P
#
# COMPACT_ATOMS: atom_id res chain seq x y z
N GLY A 1 -15.97 7.81 -11.84
CA GLY A 1 -16.87 8.94 -11.76
C GLY A 1 -17.87 8.82 -10.63
N PRO A 2 -18.77 9.80 -10.52
CA PRO A 2 -19.80 9.82 -9.45
C PRO A 2 -20.96 8.88 -9.74
N HIS A 3 -21.67 8.49 -8.70
CA HIS A 3 -22.84 7.63 -8.83
C HIS A 3 -23.96 8.08 -7.88
N SER A 4 -25.16 7.57 -8.10
CA SER A 4 -26.30 7.95 -7.26
C SER A 4 -27.39 6.89 -7.20
N LEU A 5 -28.15 6.92 -6.12
CA LEU A 5 -29.30 6.05 -5.95
C LEU A 5 -30.53 6.90 -5.64
N ARG A 6 -31.52 6.84 -6.53
CA ARG A 6 -32.71 7.68 -6.38
C ARG A 6 -33.99 6.88 -6.44
N TYR A 7 -34.95 7.23 -5.59
CA TYR A 7 -36.25 6.60 -5.60
C TYR A 7 -37.35 7.56 -6.03
N PHE A 8 -38.10 7.16 -7.06
CA PHE A 8 -39.16 7.99 -7.61
C PHE A 8 -40.52 7.48 -7.17
N VAL A 9 -41.17 8.23 -6.27
CA VAL A 9 -42.46 7.83 -5.73
C VAL A 9 -43.61 8.56 -6.43
N THR A 10 -44.61 7.78 -6.85
CA THR A 10 -45.81 8.34 -7.47
C THR A 10 -47.04 7.99 -6.65
N ALA A 11 -47.90 8.98 -6.43
CA ALA A 11 -49.15 8.77 -5.71
C ALA A 11 -50.28 9.56 -6.35
N VAL A 12 -51.16 8.86 -7.07
CA VAL A 12 -52.28 9.51 -7.75
C VAL A 12 -53.61 9.02 -7.19
N SER A 13 -54.46 9.97 -6.80
CA SER A 13 -55.77 9.64 -6.25
C SER A 13 -56.80 9.41 -7.35
N ARG A 14 -57.80 8.59 -7.05
CA ARG A 14 -58.90 8.33 -7.99
C ARG A 14 -60.23 8.29 -7.23
N PRO A 15 -60.86 9.47 -7.08
CA PRO A 15 -62.13 9.60 -6.35
C PRO A 15 -63.26 8.77 -6.96
N GLY A 16 -63.85 7.91 -6.15
CA GLY A 16 -64.97 7.09 -6.59
C GLY A 16 -64.55 5.96 -7.50
N LEU A 17 -63.26 5.61 -7.47
CA LEU A 17 -62.74 4.54 -8.31
C LEU A 17 -61.93 3.54 -7.50
N GLY A 18 -61.70 3.85 -6.24
CA GLY A 18 -60.94 2.99 -5.36
C GLY A 18 -59.80 3.71 -4.67
N GLU A 19 -58.87 2.93 -4.11
CA GLU A 19 -57.71 3.48 -3.45
C GLU A 19 -56.71 4.02 -4.47
N PRO A 20 -55.94 5.06 -4.07
CA PRO A 20 -54.94 5.67 -4.95
C PRO A 20 -53.90 4.69 -5.49
N ARG A 21 -53.38 4.97 -6.68
CA ARG A 21 -52.32 4.17 -7.27
C ARG A 21 -50.97 4.60 -6.70
N TYR A 22 -50.18 3.63 -6.24
CA TYR A 22 -48.90 3.94 -5.62
C TYR A 22 -47.73 3.27 -6.35
N MET A 23 -46.69 4.05 -6.61
CA MET A 23 -45.51 3.56 -7.31
C MET A 23 -44.19 3.94 -6.64
N GLU A 24 -43.28 2.98 -6.59
CA GLU A 24 -41.92 3.23 -6.12
C GLU A 24 -40.92 2.67 -7.13
N VAL A 25 -40.15 3.55 -7.75
CA VAL A 25 -39.18 3.14 -8.76
C VAL A 25 -37.76 3.60 -8.41
N GLY A 26 -36.87 2.64 -8.18
CA GLY A 26 -35.50 2.95 -7.84
C GLY A 26 -34.60 3.05 -9.05
N TYR A 27 -33.60 3.92 -8.97
CA TYR A 27 -32.66 4.13 -10.06
C TYR A 27 -31.22 4.19 -9.57
N VAL A 28 -30.42 3.18 -9.92
CA VAL A 28 -28.98 3.29 -9.78
C VAL A 28 -28.48 4.07 -10.99
N ASP A 29 -28.03 5.30 -10.75
CA ASP A 29 -27.72 6.24 -11.82
C ASP A 29 -28.94 6.49 -12.71
N ASP A 30 -28.87 6.05 -13.95
CA ASP A 30 -29.98 6.23 -14.90
C ASP A 30 -30.69 4.92 -15.21
N THR A 31 -30.36 3.88 -14.45
CA THR A 31 -30.91 2.55 -14.70
C THR A 31 -31.94 2.12 -13.65
N GLU A 32 -33.11 1.69 -14.11
CA GLU A 32 -34.15 1.18 -13.22
C GLU A 32 -33.84 -0.24 -12.78
N PHE A 33 -33.79 -0.47 -11.47
CA PHE A 33 -33.45 -1.78 -10.94
C PHE A 33 -34.53 -2.42 -10.06
N VAL A 34 -35.42 -1.59 -9.52
CA VAL A 34 -36.53 -2.09 -8.71
C VAL A 34 -37.82 -1.33 -9.00
N ARG A 35 -38.95 -2.01 -8.85
CA ARG A 35 -40.25 -1.38 -9.08
C ARG A 35 -41.38 -2.01 -8.26
N PHE A 36 -42.17 -1.14 -7.63
CA PHE A 36 -43.37 -1.56 -6.91
C PHE A 36 -44.57 -0.80 -7.45
N ASP A 37 -45.65 -1.52 -7.74
CA ASP A 37 -46.85 -0.90 -8.29
C ASP A 37 -48.10 -1.48 -7.62
N SER A 38 -48.84 -0.64 -6.92
CA SER A 38 -50.06 -1.06 -6.24
C SER A 38 -51.10 -1.57 -7.23
N ASP A 39 -51.25 -0.87 -8.35
CA ASP A 39 -52.15 -1.31 -9.40
C ASP A 39 -51.48 -2.32 -10.32
N ALA A 40 -51.23 -3.51 -9.80
CA ALA A 40 -50.66 -4.60 -10.58
C ALA A 40 -51.35 -5.91 -10.18
N GLU A 41 -51.03 -6.99 -10.88
CA GLU A 41 -51.61 -8.29 -10.57
C GLU A 41 -51.29 -8.72 -9.15
N ASN A 42 -50.05 -8.49 -8.73
CA ASN A 42 -49.66 -8.69 -7.34
C ASN A 42 -48.73 -7.58 -6.86
N PRO A 43 -49.20 -6.76 -5.92
CA PRO A 43 -48.45 -5.62 -5.39
C PRO A 43 -47.24 -6.05 -4.55
N ARG A 44 -46.14 -6.34 -5.22
CA ARG A 44 -44.89 -6.68 -4.52
C ARG A 44 -43.68 -6.08 -5.23
N TYR A 45 -42.57 -5.98 -4.51
CA TYR A 45 -41.33 -5.46 -5.07
C TYR A 45 -40.76 -6.40 -6.13
N GLU A 46 -40.61 -5.89 -7.34
CA GLU A 46 -40.08 -6.69 -8.44
C GLU A 46 -38.80 -6.10 -9.02
N PRO A 47 -37.81 -6.96 -9.27
CA PRO A 47 -36.53 -6.54 -9.86
C PRO A 47 -36.74 -6.02 -11.28
N ARG A 48 -35.90 -5.07 -11.69
CA ARG A 48 -35.99 -4.52 -13.04
C ARG A 48 -34.65 -4.66 -13.76
N ALA A 49 -33.67 -5.16 -13.02
CA ALA A 49 -32.34 -5.45 -13.58
C ALA A 49 -31.94 -6.87 -13.20
N ARG A 50 -31.35 -7.58 -14.15
CA ARG A 50 -30.99 -8.98 -13.95
C ARG A 50 -29.90 -9.20 -12.90
N TRP A 51 -29.25 -8.11 -12.49
CA TRP A 51 -28.22 -8.19 -11.46
C TRP A 51 -28.80 -8.02 -10.05
N MET A 52 -30.12 -7.85 -9.97
CA MET A 52 -30.79 -7.72 -8.69
C MET A 52 -31.39 -9.04 -8.21
N GLU A 53 -31.25 -10.08 -9.04
CA GLU A 53 -31.74 -11.41 -8.71
C GLU A 53 -30.89 -12.04 -7.62
N GLN A 54 -29.71 -11.47 -7.40
CA GLN A 54 -28.76 -11.98 -6.41
C GLN A 54 -29.32 -11.87 -4.99
N GLU A 55 -30.14 -10.85 -4.77
CA GLU A 55 -30.76 -10.63 -3.46
C GLU A 55 -31.72 -11.77 -3.13
N GLY A 56 -31.73 -12.20 -1.87
CA GLY A 56 -32.57 -13.29 -1.44
C GLY A 56 -33.98 -12.87 -1.10
N PRO A 57 -34.82 -13.84 -0.68
CA PRO A 57 -36.21 -13.59 -0.30
C PRO A 57 -36.33 -12.65 0.90
N GLU A 58 -35.31 -12.66 1.75
CA GLU A 58 -35.29 -11.79 2.93
C GLU A 58 -35.32 -10.32 2.51
N TYR A 59 -34.65 -10.01 1.41
CA TYR A 59 -34.55 -8.64 0.93
C TYR A 59 -35.85 -8.18 0.27
N TRP A 60 -36.47 -9.06 -0.52
CA TRP A 60 -37.69 -8.72 -1.24
C TRP A 60 -38.90 -8.69 -0.33
N GLU A 61 -38.74 -9.20 0.89
CA GLU A 61 -39.82 -9.19 1.88
C GLU A 61 -39.79 -7.89 2.69
N ARG A 62 -38.59 -7.42 3.02
CA ARG A 62 -38.42 -6.17 3.75
C ARG A 62 -38.94 -4.99 2.92
N GLU A 63 -38.46 -4.91 1.68
CA GLU A 63 -38.82 -3.81 0.80
C GLU A 63 -40.31 -3.77 0.47
N THR A 64 -40.94 -4.94 0.40
CA THR A 64 -42.37 -5.02 0.14
C THR A 64 -43.17 -4.48 1.32
N GLN A 65 -42.81 -4.93 2.52
CA GLN A 65 -43.44 -4.45 3.74
C GLN A 65 -43.27 -2.94 3.89
N LYS A 66 -42.10 -2.44 3.51
CA LYS A 66 -41.80 -1.02 3.58
C LYS A 66 -42.62 -0.26 2.55
N ALA A 67 -42.85 -0.90 1.40
CA ALA A 67 -43.63 -0.30 0.32
C ALA A 67 -45.09 -0.13 0.72
N LYS A 68 -45.68 -1.19 1.27
CA LYS A 68 -47.07 -1.15 1.73
C LYS A 68 -47.23 -0.12 2.85
N GLY A 69 -46.23 -0.06 3.73
CA GLY A 69 -46.23 0.91 4.80
C GLY A 69 -46.18 2.33 4.28
N ASN A 70 -45.41 2.53 3.21
CA ASN A 70 -45.32 3.84 2.57
C ASN A 70 -46.61 4.22 1.83
N GLU A 71 -47.24 3.24 1.20
CA GLU A 71 -48.48 3.47 0.45
C GLU A 71 -49.58 4.01 1.35
N GLN A 72 -49.70 3.45 2.55
CA GLN A 72 -50.69 3.89 3.52
C GLN A 72 -50.42 5.33 3.97
N SER A 73 -49.14 5.65 4.17
CA SER A 73 -48.75 6.99 4.57
C SER A 73 -49.14 8.01 3.52
N PHE A 74 -48.93 7.67 2.25
CA PHE A 74 -49.26 8.56 1.15
C PHE A 74 -50.75 8.63 0.88
N ARG A 75 -51.47 7.56 1.18
CA ARG A 75 -52.92 7.55 1.07
C ARG A 75 -53.51 8.59 2.02
N VAL A 76 -52.89 8.72 3.18
CA VAL A 76 -53.29 9.74 4.15
C VAL A 76 -52.89 11.13 3.68
N ASP A 77 -51.65 11.26 3.22
CA ASP A 77 -51.11 12.54 2.76
C ASP A 77 -51.95 13.14 1.64
N LEU A 78 -52.53 12.29 0.81
CA LEU A 78 -53.42 12.74 -0.26
C LEU A 78 -54.67 13.40 0.31
N ARG A 79 -55.18 12.85 1.41
CA ARG A 79 -56.32 13.44 2.08
C ARG A 79 -55.91 14.66 2.91
N THR A 80 -54.69 14.62 3.45
CA THR A 80 -54.18 15.70 4.29
C THR A 80 -54.05 17.00 3.51
N LEU A 81 -53.61 16.89 2.26
CA LEU A 81 -53.41 18.06 1.41
C LEU A 81 -54.73 18.64 0.92
N LEU A 82 -55.78 17.84 0.94
CA LEU A 82 -57.13 18.32 0.61
C LEU A 82 -57.60 19.31 1.68
N GLY A 83 -57.08 19.13 2.89
CA GLY A 83 -57.42 20.01 4.00
C GLY A 83 -56.58 21.27 4.01
N TYR A 84 -55.28 21.11 3.74
CA TYR A 84 -54.36 22.25 3.68
C TYR A 84 -54.79 23.26 2.63
N TYR A 85 -55.13 22.77 1.44
CA TYR A 85 -55.51 23.64 0.34
C TYR A 85 -57.00 23.96 0.35
N ASN A 86 -57.76 23.19 1.12
CA ASN A 86 -59.22 23.26 1.13
C ASN A 86 -59.80 22.98 -0.26
N GLN A 87 -59.44 21.83 -0.80
CA GLN A 87 -59.91 21.40 -2.12
C GLN A 87 -61.09 20.45 -2.01
N SER A 88 -61.67 20.10 -3.15
CA SER A 88 -62.80 19.17 -3.19
C SER A 88 -62.29 17.74 -3.29
N LYS A 89 -63.10 16.79 -2.80
CA LYS A 89 -62.71 15.39 -2.80
C LYS A 89 -62.97 14.73 -4.15
N GLY A 90 -63.78 15.38 -4.98
CA GLY A 90 -64.13 14.82 -6.27
C GLY A 90 -63.00 14.84 -7.29
N GLY A 91 -62.00 15.68 -7.04
CA GLY A 91 -60.90 15.84 -7.97
C GLY A 91 -59.76 14.87 -7.74
N SER A 92 -59.13 14.44 -8.82
CA SER A 92 -57.98 13.54 -8.74
C SER A 92 -56.69 14.35 -8.63
N HIS A 93 -55.90 14.06 -7.61
CA HIS A 93 -54.67 14.81 -7.37
C HIS A 93 -53.45 13.91 -7.36
N THR A 94 -52.26 14.51 -7.54
CA THR A 94 -51.04 13.74 -7.68
C THR A 94 -49.94 14.20 -6.73
N ILE A 95 -49.37 13.26 -5.99
CA ILE A 95 -48.18 13.52 -5.19
C ILE A 95 -46.98 12.79 -5.79
N GLN A 96 -45.88 13.49 -5.98
CA GLN A 96 -44.66 12.89 -6.51
C GLN A 96 -43.48 13.22 -5.60
N VAL A 97 -42.64 12.22 -5.36
CA VAL A 97 -41.46 12.42 -4.51
C VAL A 97 -40.20 11.88 -5.18
N ILE A 98 -39.14 12.67 -5.17
CA ILE A 98 -37.82 12.20 -5.59
C ILE A 98 -36.90 12.18 -4.39
N SER A 99 -36.43 10.99 -4.04
CA SER A 99 -35.61 10.81 -2.85
C SER A 99 -34.41 9.91 -3.10
N GLY A 100 -33.24 10.37 -2.67
CA GLY A 100 -32.03 9.58 -2.84
C GLY A 100 -30.77 10.29 -2.40
N CYS A 101 -29.64 9.89 -2.97
CA CYS A 101 -28.35 10.43 -2.59
C CYS A 101 -27.32 10.22 -3.69
N GLU A 102 -26.44 11.20 -3.88
CA GLU A 102 -25.36 11.08 -4.86
C GLU A 102 -24.00 10.99 -4.16
N VAL A 103 -23.28 9.90 -4.42
CA VAL A 103 -22.00 9.68 -3.79
C VAL A 103 -20.89 9.70 -4.83
N GLY A 104 -19.85 10.49 -4.57
CA GLY A 104 -18.73 10.61 -5.48
C GLY A 104 -17.77 9.44 -5.41
N SER A 105 -16.68 9.52 -6.16
CA SER A 105 -15.67 8.47 -6.17
C SER A 105 -14.98 8.36 -4.82
N ASP A 106 -14.83 9.49 -4.15
CA ASP A 106 -14.17 9.52 -2.84
C ASP A 106 -15.02 8.91 -1.74
N GLY A 107 -16.29 8.62 -2.07
CA GLY A 107 -17.22 8.07 -1.10
C GLY A 107 -17.98 9.17 -0.38
N ARG A 108 -17.61 10.41 -0.67
CA ARG A 108 -18.24 11.57 -0.03
C ARG A 108 -19.63 11.81 -0.61
N LEU A 109 -20.58 12.14 0.26
CA LEU A 109 -21.94 12.45 -0.16
C LEU A 109 -21.99 13.82 -0.83
N LEU A 110 -22.34 13.84 -2.10
CA LEU A 110 -22.35 15.08 -2.89
C LEU A 110 -23.71 15.78 -2.86
N ARG A 111 -24.78 15.01 -2.99
CA ARG A 111 -26.13 15.58 -2.98
C ARG A 111 -27.10 14.77 -2.13
N GLY A 112 -27.92 15.48 -1.35
CA GLY A 112 -28.98 14.86 -0.58
C GLY A 112 -30.33 15.14 -1.22
N TYR A 113 -30.93 14.13 -1.81
CA TYR A 113 -32.19 14.29 -2.54
C TYR A 113 -33.43 14.00 -1.70
N GLN A 114 -34.31 14.99 -1.60
CA GLN A 114 -35.61 14.83 -0.97
C GLN A 114 -36.53 15.99 -1.34
N GLN A 115 -37.32 15.81 -2.41
CA GLN A 115 -38.27 16.82 -2.83
C GLN A 115 -39.65 16.25 -3.09
N TYR A 116 -40.67 16.97 -2.63
CA TYR A 116 -42.06 16.58 -2.82
C TYR A 116 -42.71 17.45 -3.90
N ALA A 117 -43.72 16.91 -4.56
CA ALA A 117 -44.47 17.65 -5.57
C ALA A 117 -45.95 17.34 -5.50
N TYR A 118 -46.76 18.39 -5.40
CA TYR A 118 -48.20 18.24 -5.40
C TYR A 118 -48.79 18.81 -6.68
N ASP A 119 -49.41 17.95 -7.48
CA ASP A 119 -49.97 18.33 -8.77
C ASP A 119 -48.94 18.97 -9.71
N GLY A 120 -47.70 18.52 -9.61
CA GLY A 120 -46.65 18.96 -10.52
C GLY A 120 -45.90 20.18 -10.03
N CYS A 121 -46.51 20.95 -9.13
CA CYS A 121 -45.83 22.08 -8.52
C CYS A 121 -44.93 21.57 -7.40
N ASP A 122 -43.82 22.26 -7.20
CA ASP A 122 -42.95 21.96 -6.07
C ASP A 122 -43.74 22.23 -4.79
N TYR A 123 -43.54 21.37 -3.80
CA TYR A 123 -44.22 21.52 -2.52
C TYR A 123 -43.22 21.86 -1.43
N ILE A 124 -42.47 20.86 -1.00
CA ILE A 124 -41.43 21.07 -0.01
C ILE A 124 -40.17 20.30 -0.42
N ALA A 125 -39.01 20.80 0.00
CA ALA A 125 -37.75 20.18 -0.39
C ALA A 125 -36.67 20.37 0.68
N LEU A 126 -35.85 19.35 0.88
CA LEU A 126 -34.73 19.44 1.80
C LEU A 126 -33.60 20.24 1.15
N ASN A 127 -33.16 21.28 1.85
CA ASN A 127 -32.09 22.14 1.33
C ASN A 127 -30.75 21.43 1.32
N GLU A 128 -29.72 22.14 0.86
CA GLU A 128 -28.39 21.57 0.76
C GLU A 128 -27.72 21.40 2.12
N ASP A 129 -28.20 22.16 3.10
CA ASP A 129 -27.62 22.11 4.46
C ASP A 129 -28.05 20.85 5.20
N LEU A 130 -29.04 20.15 4.65
CA LEU A 130 -29.59 18.93 5.24
C LEU A 130 -30.17 19.18 6.64
N LYS A 131 -30.66 20.39 6.88
CA LYS A 131 -31.18 20.76 8.19
C LYS A 131 -32.44 21.62 8.09
N THR A 132 -32.61 22.31 6.97
CA THR A 132 -33.77 23.18 6.78
C THR A 132 -34.59 22.81 5.55
N TRP A 133 -35.81 23.32 5.49
CA TRP A 133 -36.73 23.02 4.39
C TRP A 133 -37.10 24.28 3.61
N THR A 134 -37.38 24.11 2.32
CA THR A 134 -37.87 25.20 1.49
C THR A 134 -39.32 24.93 1.10
N ALA A 135 -40.24 25.68 1.69
CA ALA A 135 -41.66 25.53 1.39
C ALA A 135 -42.04 26.39 0.19
N ALA A 136 -42.61 25.76 -0.84
CA ALA A 136 -42.89 26.44 -2.09
C ALA A 136 -44.19 27.23 -2.07
N ASP A 137 -45.10 26.89 -1.15
CA ASP A 137 -46.36 27.61 -1.04
C ASP A 137 -46.87 27.72 0.40
N MET A 138 -48.03 28.36 0.56
CA MET A 138 -48.61 28.60 1.87
C MET A 138 -48.93 27.31 2.61
N ALA A 139 -49.38 26.30 1.87
CA ALA A 139 -49.78 25.03 2.47
C ALA A 139 -48.58 24.21 2.94
N ALA A 140 -47.45 24.36 2.26
CA ALA A 140 -46.23 23.63 2.61
C ALA A 140 -45.66 24.12 3.94
N LEU A 141 -46.03 25.34 4.32
CA LEU A 141 -45.60 25.92 5.58
C LEU A 141 -46.14 25.10 6.75
N ILE A 142 -47.30 24.49 6.55
CA ILE A 142 -47.90 23.62 7.55
C ILE A 142 -47.04 22.37 7.73
N THR A 143 -46.69 21.74 6.62
CA THR A 143 -45.83 20.56 6.63
C THR A 143 -44.47 20.90 7.23
N LYS A 144 -43.90 22.00 6.77
CA LYS A 144 -42.59 22.48 7.23
C LYS A 144 -42.57 22.64 8.75
N HIS A 145 -43.62 23.25 9.30
CA HIS A 145 -43.70 23.47 10.75
C HIS A 145 -43.82 22.16 11.51
N LYS A 146 -44.49 21.18 10.91
CA LYS A 146 -44.64 19.87 11.53
C LYS A 146 -43.30 19.14 11.57
N TRP A 147 -42.54 19.26 10.49
CA TRP A 147 -41.26 18.55 10.37
C TRP A 147 -40.16 19.20 11.21
N GLU A 148 -40.35 20.47 11.57
CA GLU A 148 -39.41 21.16 12.44
C GLU A 148 -39.59 20.69 13.88
N GLN A 149 -40.85 20.63 14.31
CA GLN A 149 -41.18 20.20 15.67
C GLN A 149 -40.99 18.70 15.85
N ALA A 150 -40.92 17.97 14.73
CA ALA A 150 -40.73 16.52 14.78
C ALA A 150 -39.28 16.14 14.53
N GLY A 151 -38.49 17.10 14.08
CA GLY A 151 -37.09 16.86 13.78
C GLY A 151 -36.92 15.90 12.63
N GLU A 152 -37.75 16.06 11.60
CA GLU A 152 -37.71 15.20 10.42
C GLU A 152 -36.42 15.40 9.64
N ALA A 153 -35.94 16.63 9.59
CA ALA A 153 -34.73 16.98 8.85
C ALA A 153 -33.52 16.22 9.37
N GLU A 154 -33.44 16.06 10.69
CA GLU A 154 -32.31 15.36 11.32
C GLU A 154 -32.39 13.85 11.08
N ARG A 155 -33.59 13.28 11.18
CA ARG A 155 -33.80 11.87 10.92
C ARG A 155 -33.49 11.55 9.46
N LEU A 156 -33.80 12.50 8.58
CA LEU A 156 -33.60 12.31 7.15
C LEU A 156 -32.13 12.37 6.74
N ARG A 157 -31.39 13.28 7.37
CA ARG A 157 -29.96 13.42 7.08
C ARG A 157 -29.22 12.14 7.45
N ALA A 158 -29.66 11.48 8.51
CA ALA A 158 -29.07 10.24 8.95
C ALA A 158 -29.17 9.15 7.88
N TYR A 159 -30.35 9.04 7.27
CA TYR A 159 -30.59 8.08 6.20
C TYR A 159 -29.73 8.38 4.99
N LEU A 160 -29.70 9.64 4.59
CA LEU A 160 -28.97 10.07 3.41
C LEU A 160 -27.46 9.83 3.53
N GLU A 161 -26.90 10.15 4.70
CA GLU A 161 -25.47 10.01 4.91
C GLU A 161 -25.07 8.58 5.27
N GLY A 162 -26.01 7.83 5.83
CA GLY A 162 -25.73 6.47 6.28
C GLY A 162 -26.34 5.39 5.41
N THR A 163 -27.63 5.13 5.61
CA THR A 163 -28.32 4.03 4.95
C THR A 163 -28.28 4.07 3.43
N CYS A 164 -28.64 5.22 2.85
CA CYS A 164 -28.69 5.37 1.39
C CYS A 164 -27.34 5.10 0.73
N VAL A 165 -26.27 5.58 1.35
CA VAL A 165 -24.93 5.39 0.81
C VAL A 165 -24.49 3.93 0.87
N GLU A 166 -24.80 3.27 1.99
CA GLU A 166 -24.43 1.88 2.19
C GLU A 166 -25.06 0.96 1.14
N TRP A 167 -26.30 1.27 0.75
CA TRP A 167 -27.00 0.46 -0.23
C TRP A 167 -26.54 0.76 -1.65
N LEU A 168 -26.18 2.02 -1.90
CA LEU A 168 -25.65 2.41 -3.20
C LEU A 168 -24.35 1.66 -3.48
N ARG A 169 -23.50 1.56 -2.46
CA ARG A 169 -22.25 0.82 -2.57
C ARG A 169 -22.50 -0.64 -2.88
N ARG A 170 -23.53 -1.20 -2.25
CA ARG A 170 -23.87 -2.61 -2.44
C ARG A 170 -24.45 -2.87 -3.82
N TYR A 171 -25.36 -2.00 -4.26
CA TYR A 171 -25.99 -2.13 -5.57
C TYR A 171 -24.96 -1.99 -6.68
N LEU A 172 -24.02 -1.08 -6.50
CA LEU A 172 -22.99 -0.81 -7.51
C LEU A 172 -22.08 -2.01 -7.74
N LYS A 173 -21.67 -2.67 -6.65
CA LYS A 173 -20.77 -3.82 -6.77
C LYS A 173 -21.52 -5.08 -7.17
N ASN A 174 -22.84 -5.07 -7.05
CA ASN A 174 -23.67 -6.21 -7.42
C ASN A 174 -24.03 -6.22 -8.91
N GLY A 175 -23.78 -5.11 -9.59
CA GLY A 175 -24.12 -5.00 -11.00
C GLY A 175 -23.20 -4.10 -11.80
N ASN A 176 -21.98 -3.90 -11.30
CA ASN A 176 -21.00 -3.07 -12.00
C ASN A 176 -20.67 -3.58 -13.39
N ALA A 177 -20.67 -4.91 -13.54
CA ALA A 177 -20.35 -5.53 -14.81
C ALA A 177 -21.34 -5.17 -15.91
N THR A 178 -22.61 -5.00 -15.53
CA THR A 178 -23.66 -4.70 -16.49
C THR A 178 -23.92 -3.21 -16.62
N LEU A 179 -23.68 -2.45 -15.55
CA LEU A 179 -23.85 -1.01 -15.58
C LEU A 179 -22.82 -0.35 -16.50
N LEU A 180 -21.67 -1.01 -16.64
CA LEU A 180 -20.59 -0.48 -17.46
C LEU A 180 -20.78 -0.83 -18.94
N ARG A 181 -21.63 -1.82 -19.21
CA ARG A 181 -21.91 -2.26 -20.57
C ARG A 181 -22.47 -1.14 -21.44
N THR A 182 -21.85 -0.94 -22.60
CA THR A 182 -22.26 0.14 -23.51
C THR A 182 -22.34 -0.35 -24.96
N ASP A 183 -23.36 0.12 -25.67
CA ASP A 183 -23.54 -0.23 -27.07
C ASP A 183 -23.15 0.93 -27.99
N SER A 184 -22.33 0.64 -29.00
CA SER A 184 -21.88 1.66 -29.94
C SER A 184 -23.00 2.09 -30.89
N PRO A 185 -23.15 3.41 -31.08
CA PRO A 185 -24.16 3.95 -31.99
C PRO A 185 -23.82 3.65 -33.44
N LYS A 186 -24.71 2.94 -34.13
CA LYS A 186 -24.55 2.73 -35.56
C LYS A 186 -25.16 3.92 -36.31
N ALA A 187 -24.33 4.65 -37.04
CA ALA A 187 -24.72 5.90 -37.64
C ALA A 187 -24.81 5.83 -39.17
N HIS A 188 -25.65 6.68 -39.75
CA HIS A 188 -25.72 6.84 -41.19
C HIS A 188 -26.39 8.16 -41.56
N VAL A 189 -26.11 8.65 -42.76
CA VAL A 189 -26.63 9.94 -43.20
C VAL A 189 -27.59 9.77 -44.38
N THR A 190 -28.80 10.30 -44.23
CA THR A 190 -29.79 10.26 -45.30
C THR A 190 -29.88 11.61 -46.01
N HIS A 191 -30.59 11.63 -47.13
CA HIS A 191 -30.67 12.83 -47.96
C HIS A 191 -32.07 13.04 -48.51
N HIS A 192 -32.58 14.27 -48.40
CA HIS A 192 -33.89 14.62 -48.92
C HIS A 192 -33.87 16.00 -49.56
N SER A 193 -34.69 16.17 -50.59
CA SER A 193 -34.75 17.43 -51.32
C SER A 193 -35.97 18.26 -50.90
N ARG A 194 -36.21 18.32 -49.60
CA ARG A 194 -37.38 19.02 -49.07
C ARG A 194 -37.40 20.54 -49.28
N PRO A 195 -36.32 21.25 -48.90
CA PRO A 195 -36.38 22.70 -49.14
C PRO A 195 -36.29 23.04 -50.63
N GLU A 196 -36.70 24.25 -51.00
CA GLU A 196 -36.64 24.68 -52.39
C GLU A 196 -35.22 25.12 -52.77
N ASP A 197 -34.70 24.53 -53.84
CA ASP A 197 -33.35 24.80 -54.31
C ASP A 197 -32.28 24.43 -53.27
N LYS A 198 -32.70 23.70 -52.25
CA LYS A 198 -31.81 23.24 -51.18
C LYS A 198 -32.17 21.80 -50.81
N VAL A 199 -31.37 21.20 -49.94
CA VAL A 199 -31.62 19.84 -49.49
C VAL A 199 -31.52 19.72 -47.98
N THR A 200 -31.69 18.50 -47.47
CA THR A 200 -31.63 18.26 -46.04
C THR A 200 -30.83 17.00 -45.71
N LEU A 201 -29.80 17.15 -44.90
CA LEU A 201 -28.99 16.02 -44.46
C LEU A 201 -29.35 15.63 -43.04
N ARG A 202 -29.73 14.37 -42.86
CA ARG A 202 -30.10 13.88 -41.54
C ARG A 202 -29.15 12.80 -41.05
N CYS A 203 -28.34 13.14 -40.05
CA CYS A 203 -27.39 12.20 -39.47
C CYS A 203 -28.05 11.35 -38.40
N TRP A 204 -28.03 10.04 -38.59
CA TRP A 204 -28.68 9.12 -37.66
C TRP A 204 -27.71 8.52 -36.64
N ALA A 205 -28.26 7.96 -35.57
CA ALA A 205 -27.49 7.26 -34.56
C ALA A 205 -28.41 6.27 -33.84
N LEU A 206 -28.19 4.98 -34.06
CA LEU A 206 -29.11 3.96 -33.59
C LEU A 206 -28.44 2.91 -32.70
N GLY A 207 -29.25 2.24 -31.88
CA GLY A 207 -28.80 1.12 -31.08
C GLY A 207 -27.66 1.42 -30.13
N PHE A 208 -27.77 2.50 -29.35
CA PHE A 208 -26.73 2.85 -28.40
C PHE A 208 -27.21 2.90 -26.95
N TYR A 209 -26.31 2.54 -26.03
CA TYR A 209 -26.57 2.64 -24.61
C TYR A 209 -25.32 3.16 -23.90
N PRO A 210 -25.50 4.08 -22.93
CA PRO A 210 -26.79 4.65 -22.51
C PRO A 210 -27.26 5.77 -23.43
N ALA A 211 -28.17 6.60 -22.93
CA ALA A 211 -28.79 7.64 -23.75
C ALA A 211 -27.86 8.83 -24.00
N ASP A 212 -26.79 8.92 -23.21
CA ASP A 212 -25.81 10.00 -23.36
C ASP A 212 -25.11 9.95 -24.72
N ILE A 213 -25.40 10.93 -25.57
CA ILE A 213 -24.81 11.00 -26.89
C ILE A 213 -24.79 12.45 -27.39
N THR A 214 -23.86 12.76 -28.29
CA THR A 214 -23.77 14.10 -28.86
C THR A 214 -23.63 14.04 -30.39
N LEU A 215 -24.55 14.71 -31.08
CA LEU A 215 -24.52 14.77 -32.53
C LEU A 215 -24.38 16.20 -33.02
N THR A 216 -23.36 16.47 -33.83
CA THR A 216 -23.13 17.80 -34.36
C THR A 216 -22.89 17.79 -35.86
N TRP A 217 -23.32 18.85 -36.53
CA TRP A 217 -23.01 19.06 -37.94
C TRP A 217 -21.96 20.16 -38.05
N GLN A 218 -21.02 20.00 -38.96
CA GLN A 218 -19.93 20.96 -39.10
C GLN A 218 -19.73 21.45 -40.54
N LEU A 219 -19.25 22.69 -40.66
CA LEU A 219 -18.88 23.26 -41.94
C LEU A 219 -17.66 24.16 -41.74
N ASN A 220 -16.61 23.91 -42.52
CA ASN A 220 -15.35 24.63 -42.38
C ASN A 220 -14.77 24.57 -40.96
N GLY A 221 -14.92 23.40 -40.32
CA GLY A 221 -14.38 23.20 -39.00
C GLY A 221 -15.16 23.88 -37.89
N GLU A 222 -16.32 24.43 -38.24
CA GLU A 222 -17.17 25.10 -37.25
C GLU A 222 -18.49 24.37 -37.06
N GLU A 223 -18.94 24.26 -35.82
CA GLU A 223 -20.17 23.57 -35.50
C GLU A 223 -21.40 24.41 -35.82
N LEU A 224 -22.42 23.77 -36.37
CA LEU A 224 -23.70 24.41 -36.63
C LEU A 224 -24.68 24.05 -35.52
N ILE A 225 -24.89 24.97 -34.58
CA ILE A 225 -25.73 24.69 -33.42
C ILE A 225 -27.16 25.19 -33.59
N GLN A 226 -27.31 26.44 -34.06
CA GLN A 226 -28.63 27.02 -34.26
C GLN A 226 -29.28 26.56 -35.55
N ASP A 227 -28.46 26.12 -36.50
CA ASP A 227 -28.95 25.67 -37.79
C ASP A 227 -29.24 24.18 -37.77
N MET A 228 -29.02 23.57 -36.60
CA MET A 228 -29.16 22.12 -36.45
C MET A 228 -30.49 21.75 -35.80
N GLU A 229 -31.28 20.93 -36.50
CA GLU A 229 -32.53 20.42 -35.95
C GLU A 229 -32.27 19.15 -35.16
N LEU A 230 -32.30 19.27 -33.83
CA LEU A 230 -32.01 18.13 -32.96
C LEU A 230 -33.26 17.66 -32.23
N VAL A 231 -33.54 16.37 -32.31
CA VAL A 231 -34.71 15.80 -31.64
C VAL A 231 -34.30 15.03 -30.38
N GLU A 232 -35.21 14.94 -29.43
CA GLU A 232 -34.95 14.29 -28.15
C GLU A 232 -34.62 12.82 -28.33
N THR A 233 -33.68 12.33 -27.51
CA THR A 233 -33.29 10.93 -27.53
C THR A 233 -34.46 10.05 -27.11
N ARG A 234 -34.76 9.05 -27.93
CA ARG A 234 -35.92 8.20 -27.70
C ARG A 234 -35.50 6.75 -27.57
N PRO A 235 -36.31 5.93 -26.89
CA PRO A 235 -36.02 4.51 -26.76
C PRO A 235 -36.46 3.73 -28.01
N ALA A 236 -35.66 2.74 -28.40
CA ALA A 236 -35.99 1.91 -29.55
C ALA A 236 -36.95 0.80 -29.15
N GLY A 237 -37.04 0.56 -27.85
CA GLY A 237 -37.93 -0.46 -27.31
C GLY A 237 -37.20 -1.73 -26.94
N ASP A 238 -35.95 -1.85 -27.36
CA ASP A 238 -35.17 -3.04 -27.09
C ASP A 238 -34.08 -2.79 -26.05
N GLY A 239 -34.16 -1.63 -25.39
CA GLY A 239 -33.22 -1.28 -24.35
C GLY A 239 -32.20 -0.26 -24.82
N THR A 240 -32.17 -0.01 -26.12
CA THR A 240 -31.25 0.96 -26.69
C THR A 240 -31.97 2.25 -27.05
N PHE A 241 -31.24 3.19 -27.65
CA PHE A 241 -31.83 4.50 -27.95
C PHE A 241 -31.52 4.99 -29.37
N GLN A 242 -32.30 5.97 -29.81
CA GLN A 242 -32.12 6.57 -31.13
C GLN A 242 -32.09 8.08 -31.02
N LYS A 243 -31.45 8.72 -32.00
CA LYS A 243 -31.38 10.17 -32.06
C LYS A 243 -30.86 10.60 -33.43
N TRP A 244 -31.32 11.75 -33.92
CA TRP A 244 -30.81 12.26 -35.18
C TRP A 244 -30.71 13.79 -35.23
N ALA A 245 -29.83 14.28 -36.10
CA ALA A 245 -29.65 15.71 -36.30
C ALA A 245 -29.89 16.07 -37.76
N SER A 246 -30.74 17.07 -37.98
CA SER A 246 -31.02 17.53 -39.33
C SER A 246 -30.42 18.91 -39.58
N VAL A 247 -29.95 19.13 -40.80
CA VAL A 247 -29.41 20.43 -41.19
C VAL A 247 -29.79 20.75 -42.63
N VAL A 248 -30.17 22.00 -42.88
CA VAL A 248 -30.58 22.42 -44.21
C VAL A 248 -29.41 23.04 -44.96
N VAL A 249 -28.95 22.36 -46.00
CA VAL A 249 -27.80 22.83 -46.77
C VAL A 249 -28.18 23.05 -48.24
N PRO A 250 -27.53 24.04 -48.88
CA PRO A 250 -27.78 24.31 -50.31
C PRO A 250 -27.44 23.13 -51.20
N LEU A 251 -28.10 23.03 -52.34
CA LEU A 251 -27.90 21.91 -53.26
C LEU A 251 -26.51 21.96 -53.90
N GLY A 252 -25.86 20.80 -53.97
CA GLY A 252 -24.55 20.70 -54.57
C GLY A 252 -23.43 20.85 -53.57
N LYS A 253 -23.78 21.09 -52.31
CA LYS A 253 -22.79 21.30 -51.27
C LYS A 253 -22.89 20.26 -50.16
N GLU A 254 -23.43 19.10 -50.48
CA GLU A 254 -23.60 18.04 -49.49
C GLU A 254 -22.28 17.55 -48.93
N GLN A 255 -21.26 17.47 -49.78
CA GLN A 255 -19.96 16.92 -49.40
C GLN A 255 -19.18 17.85 -48.48
N TYR A 256 -19.58 19.11 -48.42
CA TYR A 256 -18.89 20.09 -47.59
C TYR A 256 -19.29 20.00 -46.13
N TYR A 257 -20.32 19.21 -45.83
CA TYR A 257 -20.81 19.08 -44.47
C TYR A 257 -20.54 17.69 -43.90
N THR A 258 -20.14 17.65 -42.62
CA THR A 258 -19.82 16.40 -41.96
C THR A 258 -20.59 16.27 -40.64
N CYS A 259 -21.07 15.06 -40.35
CA CYS A 259 -21.74 14.79 -39.08
C CYS A 259 -20.77 14.14 -38.10
N HIS A 260 -20.98 14.38 -36.82
CA HIS A 260 -20.11 13.83 -35.78
C HIS A 260 -20.90 13.12 -34.69
N VAL A 261 -20.48 11.90 -34.38
CA VAL A 261 -21.15 11.09 -33.35
C VAL A 261 -20.24 10.88 -32.15
N TYR A 262 -20.61 11.46 -31.01
CA TYR A 262 -19.85 11.32 -29.78
C TYR A 262 -20.56 10.42 -28.79
N HIS A 263 -19.89 9.35 -28.37
CA HIS A 263 -20.45 8.41 -27.40
C HIS A 263 -19.33 7.73 -26.62
N GLN A 264 -19.63 7.31 -25.40
CA GLN A 264 -18.62 6.68 -24.54
C GLN A 264 -18.34 5.23 -24.94
N GLY A 265 -19.16 4.69 -25.82
CA GLY A 265 -18.99 3.33 -26.29
C GLY A 265 -18.17 3.27 -27.56
N LEU A 266 -17.64 4.41 -27.98
CA LEU A 266 -16.83 4.50 -29.19
C LEU A 266 -15.38 4.80 -28.85
N PRO A 267 -14.44 4.06 -29.46
CA PRO A 267 -13.02 4.31 -29.28
C PRO A 267 -12.63 5.65 -29.88
N GLU A 268 -13.33 6.03 -30.94
CA GLU A 268 -13.09 7.28 -31.63
C GLU A 268 -14.40 7.84 -32.17
N PRO A 269 -14.63 9.15 -32.02
CA PRO A 269 -15.83 9.82 -32.53
C PRO A 269 -16.03 9.58 -34.02
N LEU A 270 -17.25 9.25 -34.41
CA LEU A 270 -17.56 8.95 -35.81
C LEU A 270 -17.66 10.21 -36.65
N THR A 271 -17.17 10.13 -37.88
CA THR A 271 -17.27 11.24 -38.83
C THR A 271 -17.95 10.76 -40.11
N LEU A 272 -19.09 11.37 -40.45
CA LEU A 272 -19.88 10.90 -41.59
C LEU A 272 -20.19 12.02 -42.57
N ARG A 273 -20.27 11.65 -43.85
CA ARG A 273 -20.72 12.55 -44.90
C ARG A 273 -21.85 11.89 -45.68
N TRP A 274 -22.55 12.68 -46.50
CA TRP A 274 -23.55 12.11 -47.38
C TRP A 274 -22.87 11.37 -48.53
N GLU A 275 -23.31 10.15 -48.78
CA GLU A 275 -22.71 9.32 -49.83
C GLU A 275 -23.77 8.56 -50.62
N PRO A 276 -23.93 8.92 -51.90
CA PRO A 276 -24.87 8.25 -52.80
C PRO A 276 -24.39 6.85 -53.19
N PRO A 277 -25.28 5.86 -53.10
CA PRO A 277 -24.97 4.46 -53.45
C PRO A 277 -24.56 4.31 -54.91
N MET B 1 -51.09 24.21 -9.09
CA MET B 1 -50.94 23.02 -9.93
C MET B 1 -50.44 23.41 -11.32
N ILE B 2 -49.86 22.44 -12.02
CA ILE B 2 -49.40 22.66 -13.40
C ILE B 2 -49.95 21.61 -14.36
N GLN B 3 -49.96 21.94 -15.64
CA GLN B 3 -50.39 21.01 -16.68
C GLN B 3 -49.51 21.13 -17.91
N ARG B 4 -49.19 20.00 -18.53
CA ARG B 4 -48.28 19.98 -19.67
C ARG B 4 -48.80 19.09 -20.79
N THR B 5 -48.74 19.60 -22.01
CA THR B 5 -49.16 18.85 -23.19
C THR B 5 -48.07 17.88 -23.61
N PRO B 6 -48.45 16.62 -23.86
CA PRO B 6 -47.50 15.54 -24.19
C PRO B 6 -46.74 15.80 -25.49
N LYS B 7 -45.42 15.57 -25.45
CA LYS B 7 -44.60 15.59 -26.64
C LYS B 7 -44.67 14.21 -27.29
N ILE B 8 -44.94 14.18 -28.59
CA ILE B 8 -45.18 12.91 -29.27
C ILE B 8 -44.19 12.64 -30.40
N GLN B 9 -43.67 11.42 -30.42
CA GLN B 9 -42.79 10.98 -31.51
C GLN B 9 -43.19 9.60 -32.01
N VAL B 10 -43.40 9.49 -33.31
CA VAL B 10 -43.75 8.22 -33.94
C VAL B 10 -42.59 7.74 -34.80
N TYR B 11 -42.10 6.54 -34.51
CA TYR B 11 -40.92 6.03 -35.19
C TYR B 11 -40.85 4.51 -35.13
N SER B 12 -39.94 3.94 -35.92
CA SER B 12 -39.76 2.50 -35.96
C SER B 12 -38.46 2.10 -35.26
N ARG B 13 -38.44 0.88 -34.73
CA ARG B 13 -37.27 0.38 -34.02
C ARG B 13 -36.06 0.24 -34.95
N HIS B 14 -36.33 -0.11 -36.19
CA HIS B 14 -35.28 -0.27 -37.19
C HIS B 14 -35.64 0.46 -38.48
N PRO B 15 -34.63 0.81 -39.30
CA PRO B 15 -34.88 1.41 -40.62
C PRO B 15 -35.88 0.59 -41.43
N ALA B 16 -36.93 1.25 -41.90
CA ALA B 16 -38.03 0.55 -42.56
C ALA B 16 -37.74 0.19 -44.01
N GLU B 17 -37.53 -1.09 -44.26
CA GLU B 17 -37.46 -1.61 -45.62
C GLU B 17 -38.69 -2.48 -45.87
N ASN B 18 -39.45 -2.14 -46.90
CA ASN B 18 -40.73 -2.79 -47.19
C ASN B 18 -40.66 -4.31 -47.26
N GLY B 19 -41.27 -4.96 -46.27
CA GLY B 19 -41.33 -6.42 -46.25
C GLY B 19 -40.82 -7.03 -44.95
N LYS B 20 -39.74 -6.46 -44.40
CA LYS B 20 -39.14 -6.99 -43.18
C LYS B 20 -39.97 -6.64 -41.96
N SER B 21 -40.03 -7.57 -41.00
CA SER B 21 -40.76 -7.33 -39.76
C SER B 21 -40.08 -6.27 -38.92
N ASN B 22 -40.85 -5.55 -38.12
CA ASN B 22 -40.32 -4.46 -37.33
C ASN B 22 -41.23 -4.12 -36.16
N PHE B 23 -40.81 -3.16 -35.33
CA PHE B 23 -41.65 -2.67 -34.23
C PHE B 23 -42.07 -1.23 -34.49
N LEU B 24 -43.28 -0.88 -34.08
CA LEU B 24 -43.78 0.49 -34.21
C LEU B 24 -43.90 1.14 -32.84
N ASN B 25 -43.16 2.22 -32.63
CA ASN B 25 -43.13 2.90 -31.34
C ASN B 25 -43.81 4.26 -31.36
N CYS B 26 -44.44 4.60 -30.24
CA CYS B 26 -45.01 5.93 -30.05
C CYS B 26 -44.61 6.44 -28.66
N TYR B 27 -43.73 7.43 -28.64
CA TYR B 27 -43.14 7.92 -27.40
C TYR B 27 -43.83 9.20 -26.92
N VAL B 28 -44.59 9.09 -25.84
CA VAL B 28 -45.21 10.26 -25.22
C VAL B 28 -44.44 10.65 -23.97
N SER B 29 -44.16 11.95 -23.83
CA SER B 29 -43.35 12.43 -22.73
C SER B 29 -43.59 13.92 -22.44
N GLY B 30 -43.34 14.32 -21.21
CA GLY B 30 -43.48 15.71 -20.81
C GLY B 30 -44.91 16.13 -20.52
N PHE B 31 -45.72 15.18 -20.04
CA PHE B 31 -47.13 15.48 -19.78
C PHE B 31 -47.48 15.36 -18.29
N HIS B 32 -48.49 16.12 -17.87
CA HIS B 32 -48.96 16.12 -16.50
C HIS B 32 -50.37 16.71 -16.48
N PRO B 33 -51.32 16.01 -15.83
CA PRO B 33 -51.17 14.79 -15.04
C PRO B 33 -50.95 13.51 -15.86
N SER B 34 -50.84 12.39 -15.16
CA SER B 34 -50.42 11.12 -15.74
C SER B 34 -51.44 10.47 -16.68
N ASP B 35 -52.73 10.72 -16.44
CA ASP B 35 -53.78 10.09 -17.22
C ASP B 35 -53.71 10.47 -18.71
N ILE B 36 -53.36 9.50 -19.54
CA ILE B 36 -53.19 9.71 -20.97
C ILE B 36 -53.72 8.53 -21.77
N GLU B 37 -54.27 8.80 -22.95
CA GLU B 37 -54.80 7.74 -23.80
C GLU B 37 -54.02 7.65 -25.11
N VAL B 38 -53.40 6.51 -25.35
CA VAL B 38 -52.58 6.32 -26.54
C VAL B 38 -52.93 5.02 -27.28
N ASP B 39 -53.19 5.14 -28.58
CA ASP B 39 -53.47 3.97 -29.41
C ASP B 39 -52.85 4.12 -30.79
N LEU B 40 -52.40 3.00 -31.36
CA LEU B 40 -51.74 3.00 -32.65
C LEU B 40 -52.72 2.72 -33.78
N LEU B 41 -52.51 3.38 -34.92
CA LEU B 41 -53.43 3.27 -36.04
C LEU B 41 -52.79 2.65 -37.28
N LYS B 42 -53.35 1.54 -37.75
CA LYS B 42 -52.91 0.93 -38.99
C LYS B 42 -53.93 1.24 -40.09
N ASN B 43 -53.50 2.02 -41.08
CA ASN B 43 -54.37 2.46 -42.17
C ASN B 43 -55.61 3.20 -41.70
N GLY B 44 -55.45 4.01 -40.64
CA GLY B 44 -56.54 4.80 -40.12
C GLY B 44 -57.35 4.10 -39.06
N GLU B 45 -57.17 2.78 -38.94
CA GLU B 45 -57.92 1.98 -37.98
C GLU B 45 -57.05 1.57 -36.79
N ARG B 46 -57.66 1.45 -35.63
CA ARG B 46 -56.95 1.13 -34.40
C ARG B 46 -56.44 -0.31 -34.37
N ILE B 47 -55.19 -0.49 -33.96
CA ILE B 47 -54.61 -1.81 -33.77
C ILE B 47 -55.02 -2.35 -32.40
N GLU B 48 -55.57 -3.57 -32.39
CA GLU B 48 -56.12 -4.15 -31.18
C GLU B 48 -55.07 -4.50 -30.12
N LYS B 49 -53.93 -5.03 -30.54
CA LYS B 49 -52.89 -5.43 -29.59
C LYS B 49 -51.74 -4.43 -29.53
N VAL B 50 -51.79 -3.55 -28.53
CA VAL B 50 -50.75 -2.55 -28.34
C VAL B 50 -50.23 -2.60 -26.91
N GLU B 51 -48.96 -2.97 -26.75
CA GLU B 51 -48.34 -3.04 -25.43
C GLU B 51 -47.63 -1.73 -25.08
N HIS B 52 -47.67 -1.36 -23.81
CA HIS B 52 -47.08 -0.10 -23.36
C HIS B 52 -46.06 -0.33 -22.26
N SER B 53 -45.04 0.53 -22.20
CA SER B 53 -44.05 0.46 -21.15
C SER B 53 -44.67 0.87 -19.82
N ASP B 54 -43.96 0.61 -18.73
CA ASP B 54 -44.42 1.01 -17.41
C ASP B 54 -44.26 2.51 -17.22
N LEU B 55 -45.14 3.10 -16.41
CA LEU B 55 -45.14 4.55 -16.21
C LEU B 55 -43.94 5.02 -15.40
N SER B 56 -43.41 6.19 -15.78
CA SER B 56 -42.28 6.79 -15.08
C SER B 56 -42.33 8.30 -15.26
N PHE B 57 -41.52 9.02 -14.49
CA PHE B 57 -41.43 10.47 -14.65
C PHE B 57 -40.01 11.01 -14.46
N SER B 58 -39.71 12.12 -15.12
CA SER B 58 -38.39 12.72 -15.07
C SER B 58 -38.27 13.76 -13.95
N LYS B 59 -37.17 14.49 -13.94
CA LYS B 59 -36.86 15.43 -12.85
C LYS B 59 -37.73 16.69 -12.87
N ASP B 60 -38.45 16.91 -13.97
CA ASP B 60 -39.35 18.05 -14.08
C ASP B 60 -40.78 17.63 -13.73
N TRP B 61 -40.88 16.49 -13.06
CA TRP B 61 -42.16 15.88 -12.65
C TRP B 61 -43.02 15.40 -13.83
N SER B 62 -42.46 15.46 -15.04
CA SER B 62 -43.21 15.09 -16.23
C SER B 62 -43.17 13.58 -16.50
N PHE B 63 -44.33 13.00 -16.79
CA PHE B 63 -44.43 11.57 -17.04
C PHE B 63 -44.02 11.22 -18.47
N TYR B 64 -43.64 9.95 -18.67
CA TYR B 64 -43.30 9.48 -20.01
C TYR B 64 -43.61 8.00 -20.21
N LEU B 65 -44.17 7.67 -21.37
CA LEU B 65 -44.56 6.30 -21.69
C LEU B 65 -44.05 5.90 -23.07
N LEU B 66 -43.99 4.59 -23.31
CA LEU B 66 -43.66 4.08 -24.65
C LEU B 66 -44.64 2.98 -25.06
N TYR B 67 -45.44 3.27 -26.08
CA TYR B 67 -46.38 2.31 -26.62
C TYR B 67 -45.78 1.64 -27.85
N TYR B 68 -45.79 0.31 -27.87
CA TYR B 68 -45.17 -0.43 -28.96
C TYR B 68 -46.00 -1.64 -29.41
N THR B 69 -45.77 -2.05 -30.64
CA THR B 69 -46.40 -3.25 -31.19
C THR B 69 -45.58 -3.79 -32.35
N GLU B 70 -45.81 -5.06 -32.67
CA GLU B 70 -45.16 -5.68 -33.82
C GLU B 70 -45.94 -5.36 -35.08
N PHE B 71 -45.22 -5.17 -36.19
CA PHE B 71 -45.87 -4.89 -37.46
C PHE B 71 -44.94 -5.15 -38.65
N THR B 72 -45.50 -5.16 -39.84
CA THR B 72 -44.71 -5.31 -41.06
C THR B 72 -45.09 -4.22 -42.06
N PRO B 73 -44.17 -3.27 -42.29
CA PRO B 73 -44.41 -2.12 -43.17
C PRO B 73 -44.37 -2.50 -44.65
N THR B 74 -45.20 -1.85 -45.45
CA THR B 74 -45.21 -2.04 -46.90
C THR B 74 -45.01 -0.71 -47.60
N GLU B 75 -45.56 -0.59 -48.81
CA GLU B 75 -45.38 0.63 -49.59
C GLU B 75 -46.53 1.62 -49.42
N LYS B 76 -47.77 1.12 -49.50
CA LYS B 76 -48.94 2.00 -49.47
C LYS B 76 -49.65 2.00 -48.11
N ASP B 77 -49.10 1.28 -47.14
CA ASP B 77 -49.66 1.27 -45.79
C ASP B 77 -49.15 2.44 -44.97
N GLU B 78 -50.06 3.33 -44.59
CA GLU B 78 -49.68 4.49 -43.78
C GLU B 78 -50.09 4.29 -42.33
N TYR B 79 -49.11 4.40 -41.43
CA TYR B 79 -49.35 4.26 -40.01
C TYR B 79 -49.39 5.62 -39.31
N ALA B 80 -49.93 5.65 -38.10
CA ALA B 80 -50.03 6.88 -37.34
C ALA B 80 -50.16 6.61 -35.85
N CYS B 81 -50.33 7.67 -35.06
CA CYS B 81 -50.47 7.56 -33.62
C CYS B 81 -51.54 8.53 -33.13
N ARG B 82 -52.43 8.03 -32.28
CA ARG B 82 -53.49 8.87 -31.73
C ARG B 82 -53.30 9.05 -30.23
N VAL B 83 -53.12 10.30 -29.82
CA VAL B 83 -52.89 10.63 -28.42
C VAL B 83 -53.88 11.68 -27.93
N ASN B 84 -54.57 11.36 -26.84
CA ASN B 84 -55.42 12.34 -26.18
C ASN B 84 -55.00 12.56 -24.74
N HIS B 85 -54.99 13.82 -24.32
CA HIS B 85 -54.65 14.19 -22.96
C HIS B 85 -55.64 15.24 -22.48
N VAL B 86 -55.70 15.45 -21.16
CA VAL B 86 -56.64 16.42 -20.60
C VAL B 86 -56.30 17.84 -21.05
N THR B 87 -55.04 18.06 -21.41
CA THR B 87 -54.58 19.36 -21.86
C THR B 87 -54.86 19.61 -23.34
N LEU B 88 -55.38 18.59 -24.01
CA LEU B 88 -55.66 18.70 -25.44
C LEU B 88 -57.14 18.93 -25.73
N SER B 89 -57.43 19.94 -26.55
CA SER B 89 -58.81 20.25 -26.92
C SER B 89 -59.41 19.12 -27.72
N GLN B 90 -58.67 18.67 -28.73
CA GLN B 90 -59.06 17.49 -29.51
C GLN B 90 -57.83 16.59 -29.68
N PRO B 91 -58.06 15.26 -29.74
CA PRO B 91 -57.00 14.25 -29.85
C PRO B 91 -55.94 14.58 -30.91
N LYS B 92 -54.70 14.22 -30.62
CA LYS B 92 -53.59 14.52 -31.51
C LYS B 92 -53.28 13.34 -32.43
N ILE B 93 -53.01 13.64 -33.69
CA ILE B 93 -52.64 12.62 -34.68
C ILE B 93 -51.28 12.96 -35.27
N VAL B 94 -50.36 12.00 -35.25
CA VAL B 94 -49.03 12.20 -35.83
C VAL B 94 -48.70 11.08 -36.81
N LYS B 95 -48.54 11.44 -38.08
CA LYS B 95 -48.25 10.48 -39.13
C LYS B 95 -46.86 9.88 -38.97
N TRP B 96 -46.68 8.63 -39.39
CA TRP B 96 -45.41 7.95 -39.28
C TRP B 96 -44.51 8.20 -40.48
N ASP B 97 -43.28 8.63 -40.21
CA ASP B 97 -42.28 8.83 -41.26
C ASP B 97 -41.12 7.87 -41.04
N ARG B 98 -40.89 6.98 -42.00
CA ARG B 98 -39.89 5.93 -41.86
C ARG B 98 -38.46 6.47 -41.74
N ASP B 99 -38.27 7.72 -42.14
CA ASP B 99 -36.97 8.36 -41.98
C ASP B 99 -37.07 9.59 -41.08
N MET B 100 -37.68 9.40 -39.92
CA MET B 100 -37.81 10.46 -38.90
C MET B 100 -38.00 9.85 -37.52
N SER C 1 -32.26 0.33 -0.76
CA SER C 1 -33.40 0.35 0.15
C SER C 1 -33.97 1.75 0.28
N ILE C 2 -35.26 1.91 -0.05
CA ILE C 2 -35.93 3.19 0.06
C ILE C 2 -36.14 3.55 1.52
N ILE C 3 -36.50 4.81 1.78
CA ILE C 3 -36.71 5.30 3.14
C ILE C 3 -38.17 5.21 3.55
N ASN C 4 -38.42 4.96 4.83
CA ASN C 4 -39.76 5.03 5.39
C ASN C 4 -40.22 6.49 5.51
N PHE C 5 -41.06 6.92 4.57
CA PHE C 5 -41.49 8.31 4.50
C PHE C 5 -42.33 8.75 5.69
N GLU C 6 -42.22 10.04 6.04
CA GLU C 6 -43.02 10.63 7.10
C GLU C 6 -44.20 11.39 6.49
N LYS C 7 -45.29 11.46 7.23
CA LYS C 7 -46.51 12.12 6.74
C LYS C 7 -46.35 13.63 6.58
N LEU C 8 -47.17 14.23 5.73
CA LEU C 8 -47.16 15.67 5.51
C LEU C 8 -48.03 16.38 6.54
N ARG D 6 -27.69 31.07 7.61
CA ARG D 6 -28.28 30.79 6.30
C ARG D 6 -27.71 31.70 5.22
N CYS D 7 -28.32 32.87 5.06
CA CYS D 7 -27.90 33.81 4.03
C CYS D 7 -28.15 35.26 4.45
N GLU D 8 -27.65 36.19 3.66
CA GLU D 8 -27.74 37.61 3.98
C GLU D 8 -29.16 38.15 3.90
N LYS D 9 -29.36 39.35 4.44
CA LYS D 9 -30.66 40.02 4.41
C LYS D 9 -31.06 40.37 2.98
N GLU D 11 -30.26 38.78 0.24
CA GLU D 11 -30.61 37.58 -0.51
C GLU D 11 -32.05 37.14 -0.29
N GLU D 12 -32.53 37.32 0.94
CA GLU D 12 -33.88 36.93 1.29
C GLU D 12 -34.93 37.91 0.77
N GLU D 13 -34.47 39.06 0.30
CA GLU D 13 -35.37 40.11 -0.18
C GLU D 13 -35.32 40.29 -1.70
N THR D 14 -34.27 39.76 -2.33
CA THR D 14 -34.13 39.86 -3.78
C THR D 14 -34.88 38.73 -4.47
N TRP D 15 -36.02 39.07 -5.08
CA TRP D 15 -36.83 38.08 -5.78
C TRP D 15 -36.65 38.17 -7.29
N LYS D 16 -36.46 37.02 -7.94
CA LYS D 16 -36.26 36.98 -9.38
C LYS D 16 -37.32 36.13 -10.08
N LEU D 17 -37.74 36.59 -11.25
CA LEU D 17 -38.76 35.89 -12.02
C LEU D 17 -38.26 35.53 -13.42
N LYS D 18 -38.39 34.25 -13.77
CA LYS D 18 -38.04 33.78 -15.10
C LYS D 18 -39.13 32.90 -15.67
N ILE D 19 -39.67 33.30 -16.82
CA ILE D 19 -40.67 32.50 -17.52
C ILE D 19 -40.10 32.02 -18.85
N GLY D 20 -39.92 30.72 -18.98
CA GLY D 20 -39.45 30.13 -20.22
C GLY D 20 -40.60 29.53 -21.01
N CYS D 22 -41.16 27.31 -24.80
CA CYS D 22 -40.66 26.71 -26.03
C CYS D 22 -41.81 26.48 -27.02
N ILE D 23 -41.69 27.09 -28.20
CA ILE D 23 -42.71 26.96 -29.23
C ILE D 23 -42.17 26.19 -30.43
N GLN D 24 -42.84 25.11 -30.80
CA GLN D 24 -42.43 24.32 -31.96
C GLN D 24 -43.36 24.56 -33.14
N ALA D 25 -42.78 24.84 -34.31
CA ALA D 25 -43.54 25.15 -35.50
C ALA D 25 -44.23 23.92 -36.07
N LYS D 26 -45.37 24.14 -36.72
CA LYS D 26 -46.12 23.05 -37.34
C LYS D 26 -46.37 23.36 -38.81
N ASP D 27 -46.08 22.38 -39.67
CA ASP D 27 -46.32 22.48 -41.11
C ASP D 27 -45.55 23.61 -41.79
N PHE D 28 -44.57 24.19 -41.10
CA PHE D 28 -43.73 25.22 -41.69
C PHE D 28 -42.41 25.36 -40.94
N TYR D 29 -41.44 26.00 -41.59
CA TYR D 29 -40.13 26.21 -40.97
C TYR D 29 -40.00 27.61 -40.40
N SER D 30 -39.84 27.71 -39.09
CA SER D 30 -39.63 28.99 -38.43
C SER D 30 -38.20 29.48 -38.65
N LYS D 31 -38.07 30.75 -39.01
CA LYS D 31 -36.76 31.33 -39.32
C LYS D 31 -36.18 32.08 -38.13
N ARG D 32 -34.88 31.90 -37.90
CA ARG D 32 -34.18 32.62 -36.84
C ARG D 32 -34.04 34.09 -37.20
N THR D 33 -34.33 34.97 -36.23
CA THR D 33 -34.23 36.40 -36.46
C THR D 33 -34.07 37.18 -35.17
N ASP D 34 -33.84 38.49 -35.31
CA ASP D 34 -33.79 39.38 -34.16
C ASP D 34 -35.19 39.52 -33.59
N CYS D 35 -35.29 39.92 -32.32
CA CYS D 35 -36.58 40.09 -31.69
C CYS D 35 -36.81 41.52 -31.20
N SER D 36 -38.06 41.95 -31.24
CA SER D 36 -38.43 43.28 -30.78
C SER D 36 -39.34 43.18 -29.56
N VAL D 37 -39.46 44.28 -28.82
CA VAL D 37 -40.34 44.33 -27.66
C VAL D 37 -40.84 45.74 -27.41
N HIS D 38 -42.16 45.89 -27.25
CA HIS D 38 -42.76 47.20 -27.04
C HIS D 38 -43.86 47.13 -26.00
N ARG D 39 -44.04 48.22 -25.25
CA ARG D 39 -45.16 48.34 -24.35
C ARG D 39 -46.25 49.15 -25.04
N PRO D 40 -47.31 48.46 -25.50
CA PRO D 40 -48.39 49.14 -26.23
C PRO D 40 -49.20 50.05 -25.30
N ASP D 41 -49.48 51.27 -25.76
CA ASP D 41 -50.32 52.18 -25.01
C ASP D 41 -51.78 51.76 -25.15
N VAL D 42 -52.01 50.77 -26.01
CA VAL D 42 -53.35 50.23 -26.23
C VAL D 42 -53.81 49.46 -25.00
N GLY D 43 -52.95 48.57 -24.50
CA GLY D 43 -53.25 47.79 -23.33
C GLY D 43 -52.01 47.51 -22.50
N GLY D 44 -52.17 47.47 -21.19
CA GLY D 44 -51.06 47.24 -20.28
C GLY D 44 -50.38 45.90 -20.48
N GLY D 45 -49.08 45.93 -20.76
CA GLY D 45 -48.32 44.71 -20.99
C GLY D 45 -47.18 44.91 -21.96
N LEU D 46 -46.92 43.88 -22.78
CA LEU D 46 -45.85 43.94 -23.76
C LEU D 46 -46.15 43.09 -25.00
N ILE D 47 -45.64 43.53 -26.15
CA ILE D 47 -45.78 42.79 -27.39
C ILE D 47 -44.39 42.51 -27.97
N THR D 48 -44.13 41.27 -28.33
CA THR D 48 -42.82 40.91 -28.87
C THR D 48 -42.90 40.21 -30.23
N GLU D 49 -42.14 40.72 -31.20
CA GLU D 49 -42.07 40.13 -32.53
C GLU D 49 -40.73 39.42 -32.72
N GLY D 50 -40.78 38.21 -33.26
CA GLY D 50 -39.57 37.47 -33.53
C GLY D 50 -39.76 35.97 -33.66
N ASN D 51 -38.90 35.34 -34.44
CA ASN D 51 -38.90 33.89 -34.66
C ASN D 51 -40.20 33.35 -35.26
N GLY D 52 -40.82 34.14 -36.14
CA GLY D 52 -42.02 33.70 -36.83
C GLY D 52 -43.29 33.89 -36.04
N TYR D 53 -43.16 34.38 -34.81
CA TYR D 53 -44.33 34.60 -33.96
C TYR D 53 -44.33 36.01 -33.38
N ARG D 54 -45.53 36.51 -33.09
CA ARG D 54 -45.66 37.71 -32.30
C ARG D 54 -46.50 37.41 -31.05
N VAL D 55 -45.95 37.75 -29.89
CA VAL D 55 -46.56 37.33 -28.63
C VAL D 55 -47.00 38.52 -27.78
N VAL D 56 -48.23 38.45 -27.28
CA VAL D 56 -48.78 39.48 -26.43
C VAL D 56 -48.93 38.97 -25.00
N VAL D 57 -48.43 39.74 -24.03
CA VAL D 57 -48.51 39.35 -22.63
C VAL D 57 -49.22 40.42 -21.81
N HIS D 58 -50.34 40.05 -21.19
CA HIS D 58 -51.12 40.98 -20.37
C HIS D 58 -51.18 40.57 -18.91
N ASP D 59 -51.68 41.47 -18.08
CA ASP D 59 -52.01 41.15 -16.70
C ASP D 59 -53.45 41.55 -16.42
N GLN D 60 -54.00 41.11 -15.28
CA GLN D 60 -55.38 41.42 -14.95
C GLN D 60 -55.55 42.78 -14.27
N CYS D 61 -54.56 43.65 -14.46
CA CYS D 61 -54.60 44.99 -13.89
C CYS D 61 -55.17 46.01 -14.87
N GLU D 62 -56.13 46.81 -14.40
CA GLU D 62 -56.67 47.90 -15.18
C GLU D 62 -56.03 49.20 -14.75
N GLU D 63 -55.80 49.32 -13.45
CA GLU D 63 -55.12 50.48 -12.88
C GLU D 63 -53.64 50.41 -13.24
N PRO D 64 -53.05 51.56 -13.64
CA PRO D 64 -51.63 51.60 -14.01
C PRO D 64 -50.70 51.10 -12.91
N ASN D 65 -50.24 49.86 -13.06
CA ASN D 65 -49.31 49.25 -12.11
C ASN D 65 -48.06 48.76 -12.84
N PRO D 66 -46.93 48.68 -12.13
CA PRO D 66 -45.70 48.15 -12.73
C PRO D 66 -45.87 46.71 -13.20
N PHE D 67 -45.58 46.46 -14.47
CA PHE D 67 -45.72 45.12 -15.04
C PHE D 67 -44.67 44.19 -14.42
N ILE D 68 -45.07 42.95 -14.15
CA ILE D 68 -44.21 42.01 -13.42
C ILE D 68 -43.04 41.51 -14.26
N ILE D 69 -43.11 41.72 -15.56
CA ILE D 69 -42.01 41.33 -16.46
C ILE D 69 -41.23 42.56 -16.91
N ALA D 70 -39.91 42.46 -16.84
CA ALA D 70 -39.03 43.59 -17.18
C ALA D 70 -38.20 43.37 -18.44
N THR D 71 -37.71 42.14 -18.62
CA THR D 71 -36.81 41.85 -19.75
C THR D 71 -37.33 40.69 -20.60
N THR D 72 -37.11 40.79 -21.92
CA THR D 72 -37.51 39.74 -22.85
C THR D 72 -36.35 39.30 -23.72
N LYS D 73 -36.16 37.99 -23.85
CA LYS D 73 -35.09 37.43 -24.67
C LYS D 73 -35.62 36.32 -25.56
N GLN D 74 -35.02 36.15 -26.74
CA GLN D 74 -35.41 35.10 -27.66
C GLN D 74 -34.20 34.45 -28.34
N THR D 75 -34.38 33.20 -28.75
CA THR D 75 -33.36 32.48 -29.51
C THR D 75 -34.03 31.45 -30.41
N HIS D 76 -33.25 30.87 -31.32
CA HIS D 76 -33.79 29.89 -32.25
C HIS D 76 -32.84 28.74 -32.49
N PHE D 77 -33.40 27.53 -32.61
CA PHE D 77 -32.61 26.34 -32.90
C PHE D 77 -33.29 25.50 -33.97
N GLY D 78 -32.51 25.01 -34.92
CA GLY D 78 -33.03 24.20 -35.99
C GLY D 78 -33.98 24.96 -36.89
N VAL D 79 -35.09 24.33 -37.26
CA VAL D 79 -36.06 24.95 -38.16
C VAL D 79 -37.48 24.95 -37.58
N THR D 80 -37.63 24.46 -36.35
CA THR D 80 -38.95 24.37 -35.73
C THR D 80 -39.03 25.03 -34.35
N HIS D 81 -37.94 24.95 -33.60
CA HIS D 81 -37.96 25.43 -32.21
C HIS D 81 -37.71 26.93 -32.07
N SER D 82 -38.56 27.58 -31.28
CA SER D 82 -38.39 28.99 -30.96
C SER D 82 -38.63 29.21 -29.46
N TYR D 83 -37.62 29.76 -28.79
CA TYR D 83 -37.67 29.92 -27.34
C TYR D 83 -37.74 31.39 -26.92
N ILE D 84 -38.55 31.67 -25.90
CA ILE D 84 -38.71 33.02 -25.38
C ILE D 84 -38.52 33.03 -23.85
N GLU D 85 -37.78 34.01 -23.34
CA GLU D 85 -37.53 34.10 -21.91
C GLU D 85 -37.92 35.46 -21.34
N PHE D 86 -38.96 35.47 -20.51
CA PHE D 86 -39.37 36.69 -19.81
C PHE D 86 -38.69 36.76 -18.46
N SER D 87 -38.05 37.88 -18.15
CA SER D 87 -37.23 37.98 -16.95
C SER D 87 -37.53 39.22 -16.10
N ASN D 88 -37.10 39.16 -14.84
CA ASN D 88 -37.13 40.30 -13.94
C ASN D 88 -36.17 40.07 -12.79
N SER D 89 -35.06 40.83 -12.79
CA SER D 89 -34.00 40.62 -11.81
C SER D 89 -34.41 40.97 -10.38
N ASN D 90 -35.39 41.84 -10.24
CA ASN D 90 -35.90 42.19 -8.92
C ASN D 90 -37.37 42.59 -8.91
N THR D 91 -38.24 41.60 -8.69
CA THR D 91 -39.67 41.84 -8.60
C THR D 91 -40.04 42.36 -7.21
N GLY D 92 -39.19 42.05 -6.24
CA GLY D 92 -39.52 42.30 -4.84
C GLY D 92 -40.37 41.16 -4.32
N ALA D 93 -40.60 41.15 -3.01
CA ALA D 93 -41.41 40.10 -2.39
C ALA D 93 -42.82 40.07 -2.97
N PRO D 94 -43.34 38.87 -3.24
CA PRO D 94 -44.68 38.70 -3.81
C PRO D 94 -45.79 39.20 -2.89
N GLU D 95 -45.46 39.39 -1.61
CA GLU D 95 -46.40 39.92 -0.63
C GLU D 95 -46.73 41.37 -0.97
N ASN D 96 -45.75 42.10 -1.50
CA ASN D 96 -45.91 43.51 -1.77
C ASN D 96 -46.39 43.81 -3.19
N ILE D 97 -46.57 42.74 -3.98
CA ILE D 97 -47.05 42.89 -5.34
C ILE D 97 -48.55 42.61 -5.42
N PRO D 98 -49.30 43.54 -6.03
CA PRO D 98 -50.75 43.39 -6.25
C PRO D 98 -51.08 42.05 -6.91
N ASP D 99 -52.21 41.47 -6.55
CA ASP D 99 -52.58 40.15 -7.04
C ASP D 99 -52.81 40.15 -8.55
N CYS D 100 -53.43 41.21 -9.05
CA CYS D 100 -53.75 41.32 -10.48
C CYS D 100 -52.51 41.28 -11.36
N SER D 101 -51.40 41.79 -10.84
CA SER D 101 -50.14 41.80 -11.58
C SER D 101 -49.49 40.43 -11.60
N LYS D 102 -50.05 39.50 -10.83
CA LYS D 102 -49.52 38.15 -10.77
C LYS D 102 -50.37 37.14 -11.56
N HIS D 103 -51.37 37.66 -12.26
CA HIS D 103 -52.14 36.86 -13.19
C HIS D 103 -51.75 37.20 -14.62
N ILE D 104 -51.04 36.28 -15.26
CA ILE D 104 -50.47 36.52 -16.58
C ILE D 104 -51.26 35.84 -17.69
N LEU D 105 -51.59 36.61 -18.73
CA LEU D 105 -52.24 36.07 -19.91
C LEU D 105 -51.34 36.24 -21.14
N ILE D 106 -50.92 35.13 -21.72
CA ILE D 106 -50.00 35.16 -22.86
C ILE D 106 -50.67 34.64 -24.13
N SER D 107 -50.65 35.46 -25.18
CA SER D 107 -51.25 35.09 -26.45
C SER D 107 -50.18 34.96 -27.53
N VAL D 108 -50.09 33.78 -28.15
CA VAL D 108 -49.07 33.52 -29.16
C VAL D 108 -49.66 33.42 -30.56
N TYR D 109 -49.41 34.43 -31.39
CA TYR D 109 -49.86 34.43 -32.76
C TYR D 109 -48.68 34.17 -33.69
N CYS D 110 -48.97 33.64 -34.88
CA CYS D 110 -47.92 33.37 -35.86
C CYS D 110 -47.90 34.41 -36.98
N ASP D 111 -46.70 34.88 -37.32
CA ASP D 111 -46.52 35.91 -38.33
C ASP D 111 -46.00 35.34 -39.65
N GLN D 112 -45.09 34.38 -39.55
CA GLN D 112 -44.43 33.81 -40.73
C GLN D 112 -45.42 33.11 -41.65
N GLU D 113 -46.13 32.13 -41.12
CA GLU D 113 -47.08 31.36 -41.91
C GLU D 113 -48.49 31.94 -41.79
N ALA D 114 -49.26 31.83 -42.87
CA ALA D 114 -50.64 32.28 -42.87
C ALA D 114 -51.47 31.48 -41.87
N SER D 115 -51.88 32.15 -40.79
CA SER D 115 -52.57 31.49 -39.69
C SER D 115 -53.94 30.93 -40.08
N GLY D 116 -54.31 29.82 -39.45
CA GLY D 116 -55.61 29.21 -39.66
C GLY D 116 -56.59 29.68 -38.61
N LEU D 117 -56.08 30.40 -37.61
CA LEU D 117 -56.90 31.01 -36.57
C LEU D 117 -57.71 30.00 -35.76
N ASP D 118 -57.06 28.89 -35.39
CA ASP D 118 -57.69 27.90 -34.53
C ASP D 118 -56.97 27.87 -33.18
N PHE D 119 -57.43 28.71 -32.27
CA PHE D 119 -56.74 28.89 -30.99
C PHE D 119 -57.11 27.86 -29.94
N HIS D 120 -56.29 27.79 -28.90
CA HIS D 120 -56.53 26.92 -27.76
C HIS D 120 -55.98 27.59 -26.51
N THR D 121 -56.81 27.69 -25.48
CA THR D 121 -56.39 28.33 -24.24
C THR D 121 -56.20 27.30 -23.13
N LEU D 122 -55.01 27.30 -22.55
CA LEU D 122 -54.67 26.35 -21.50
C LEU D 122 -53.98 27.05 -20.34
N LYS D 123 -54.44 26.75 -19.13
CA LYS D 123 -53.82 27.32 -17.94
C LYS D 123 -52.66 26.43 -17.49
N TYR D 124 -51.45 26.89 -17.77
CA TYR D 124 -50.24 26.10 -17.54
C TYR D 124 -49.78 26.12 -16.08
N VAL D 125 -49.88 27.28 -15.45
CA VAL D 125 -49.39 27.44 -14.08
C VAL D 125 -50.46 28.00 -13.14
N GLU D 126 -50.63 27.35 -12.00
CA GLU D 126 -51.57 27.80 -10.98
C GLU D 126 -50.95 27.67 -9.60
N SER D 127 -50.43 28.78 -9.07
CA SER D 127 -49.80 28.78 -7.76
C SER D 127 -50.04 30.09 -7.02
N ASN D 128 -49.60 30.14 -5.75
CA ASN D 128 -49.80 31.31 -4.91
C ASN D 128 -48.99 32.52 -5.37
N TYR D 129 -47.93 32.26 -6.14
CA TYR D 129 -47.04 33.32 -6.59
C TYR D 129 -47.38 33.82 -8.00
N LEU D 130 -47.84 32.93 -8.86
CA LEU D 130 -48.04 33.28 -10.26
C LEU D 130 -49.13 32.44 -10.93
N HIS D 131 -49.81 33.05 -11.90
CA HIS D 131 -50.78 32.36 -12.73
C HIS D 131 -50.43 32.56 -14.20
N ILE D 132 -50.16 31.47 -14.91
CA ILE D 132 -49.79 31.56 -16.31
C ILE D 132 -50.81 30.87 -17.22
N THR D 133 -51.49 31.67 -18.04
CA THR D 133 -52.44 31.15 -19.02
C THR D 133 -51.94 31.42 -20.43
N VAL D 134 -51.94 30.40 -21.28
CA VAL D 134 -51.42 30.53 -22.63
C VAL D 134 -52.48 30.26 -23.70
N LYS D 135 -52.64 31.22 -24.61
CA LYS D 135 -53.54 31.09 -25.74
C LYS D 135 -52.72 31.11 -27.03
N TYR D 136 -52.82 30.06 -27.83
CA TYR D 136 -52.00 29.96 -29.03
C TYR D 136 -52.71 29.33 -30.23
N ASP D 137 -52.30 29.74 -31.42
CA ASP D 137 -52.85 29.23 -32.68
C ASP D 137 -52.25 27.86 -32.99
N THR D 138 -53.10 26.83 -32.96
CA THR D 138 -52.64 25.45 -33.15
C THR D 138 -52.47 25.09 -34.63
N SER D 139 -52.76 26.04 -35.52
CA SER D 139 -52.61 25.79 -36.95
C SER D 139 -51.14 25.89 -37.37
N CYS D 140 -50.38 26.72 -36.65
CA CYS D 140 -48.97 26.91 -36.96
C CYS D 140 -48.06 26.49 -35.80
N ILE D 141 -48.64 26.04 -34.71
CA ILE D 141 -47.86 25.62 -33.54
C ILE D 141 -48.10 24.14 -33.20
N ASN D 142 -47.02 23.37 -33.25
CA ASN D 142 -47.10 21.92 -33.01
C ASN D 142 -47.10 21.56 -31.53
N HIS D 143 -46.29 22.27 -30.74
CA HIS D 143 -46.21 22.03 -29.31
C HIS D 143 -45.73 23.27 -28.55
N LEU D 144 -46.21 23.42 -27.33
CA LEU D 144 -45.81 24.55 -26.48
C LEU D 144 -45.56 24.11 -25.05
N GLY D 145 -44.36 24.40 -24.55
CA GLY D 145 -44.01 24.09 -23.18
C GLY D 145 -43.68 25.35 -22.41
N VAL D 146 -43.99 25.35 -21.11
CA VAL D 146 -43.75 26.52 -20.26
C VAL D 146 -43.02 26.15 -18.98
N ASN D 147 -41.87 26.78 -18.76
CA ASN D 147 -41.16 26.61 -17.50
C ASN D 147 -41.28 27.86 -16.64
N TYR D 148 -41.39 27.66 -15.33
CA TYR D 148 -41.68 28.74 -14.42
C TYR D 148 -40.78 28.71 -13.18
N SER D 149 -40.24 29.86 -12.82
CA SER D 149 -39.33 29.97 -11.68
C SER D 149 -39.47 31.33 -11.01
N PHE D 150 -39.79 31.33 -9.72
CA PHE D 150 -40.01 32.57 -8.98
C PHE D 150 -39.66 32.38 -7.51
N ASN D 152 -36.48 33.76 -4.20
CA ASN D 152 -35.39 34.65 -3.80
C ASN D 152 -34.02 33.99 -3.90
N GLU D 153 -32.97 34.80 -3.77
CA GLU D 153 -31.60 34.32 -3.95
C GLU D 153 -31.18 33.33 -2.86
N CYS D 154 -31.80 33.41 -1.70
CA CYS D 154 -31.50 32.51 -0.61
C CYS D 154 -31.96 31.08 -0.91
N GLU D 155 -33.24 30.96 -1.25
CA GLU D 155 -33.83 29.66 -1.55
C GLU D 155 -33.25 29.04 -2.83
N ARG D 156 -32.90 29.90 -3.78
CA ARG D 156 -32.29 29.43 -5.02
C ARG D 156 -30.91 28.82 -4.74
N LYS D 157 -30.18 29.44 -3.82
CA LYS D 157 -28.86 28.97 -3.43
C LYS D 157 -28.95 27.66 -2.64
N LEU D 158 -30.05 27.48 -1.93
CA LEU D 158 -30.22 26.31 -1.07
C LEU D 158 -30.89 25.14 -1.78
N THR D 159 -31.39 25.38 -2.98
CA THR D 159 -32.05 24.33 -3.77
C THR D 159 -31.49 24.26 -5.19
N SER D 160 -30.19 24.51 -5.33
CA SER D 160 -29.54 24.49 -6.64
C SER D 160 -29.31 23.06 -7.13
N ILE D 161 -29.32 22.11 -6.19
CA ILE D 161 -29.11 20.70 -6.53
C ILE D 161 -30.33 20.11 -7.22
N TYR D 162 -31.46 20.81 -7.14
CA TYR D 162 -32.68 20.37 -7.80
C TYR D 162 -32.83 21.05 -9.16
N GLU D 163 -32.73 20.26 -10.22
CA GLU D 163 -32.82 20.78 -11.58
C GLU D 163 -34.20 20.49 -12.17
N THR D 164 -34.98 21.54 -12.37
CA THR D 164 -36.35 21.38 -12.84
C THR D 164 -36.56 21.90 -14.26
N ASP D 165 -35.51 22.48 -14.85
CA ASP D 165 -35.61 23.01 -16.21
C ASP D 165 -35.15 21.96 -17.21
N THR D 166 -36.04 21.60 -18.13
CA THR D 166 -35.75 20.62 -19.16
C THR D 166 -36.13 21.11 -20.55
N LEU D 167 -36.55 22.37 -20.63
CA LEU D 167 -36.91 22.97 -21.91
C LEU D 167 -35.68 23.30 -22.75
N THR D 168 -35.02 22.25 -23.25
CA THR D 168 -33.85 22.39 -24.09
C THR D 168 -34.19 23.18 -25.36
N CYS D 169 -35.39 22.92 -25.88
CA CYS D 169 -35.95 23.65 -27.02
C CYS D 169 -35.04 23.63 -28.26
N GLY D 170 -34.56 22.45 -28.62
CA GLY D 170 -33.77 22.29 -29.82
C GLY D 170 -32.27 22.25 -29.59
N ALA D 171 -31.86 22.48 -28.36
CA ALA D 171 -30.44 22.43 -28.00
C ALA D 171 -30.12 21.17 -27.21
N LYS D 172 -28.83 20.90 -27.03
CA LYS D 172 -28.40 19.70 -26.32
C LYS D 172 -28.71 19.79 -24.83
N ASP D 173 -28.64 21.00 -24.29
CA ASP D 173 -28.91 21.24 -22.88
C ASP D 173 -29.37 22.68 -22.66
N ILE D 174 -29.81 23.00 -21.44
CA ILE D 174 -30.30 24.34 -21.14
C ILE D 174 -29.19 25.39 -21.24
N GLN D 175 -27.96 24.99 -20.93
CA GLN D 175 -26.82 25.89 -21.01
C GLN D 175 -26.60 26.39 -22.44
N THR D 176 -26.73 25.49 -23.40
CA THR D 176 -26.57 25.84 -24.80
C THR D 176 -27.69 26.77 -25.26
N ARG D 177 -28.89 26.55 -24.73
CA ARG D 177 -30.04 27.39 -25.04
C ARG D 177 -29.79 28.84 -24.61
N ASP D 178 -29.30 29.01 -23.39
CA ASP D 178 -29.10 30.34 -22.82
C ASP D 178 -27.89 31.05 -23.43
N LYS D 179 -27.02 30.29 -24.10
CA LYS D 179 -25.82 30.87 -24.69
C LYS D 179 -26.17 31.73 -25.91
N TYR D 180 -27.15 31.28 -26.68
CA TYR D 180 -27.52 31.97 -27.92
C TYR D 180 -28.69 32.93 -27.75
N LEU D 181 -29.07 33.21 -26.52
CA LEU D 181 -30.15 34.15 -26.25
C LEU D 181 -29.78 35.57 -26.67
N LYS D 182 -30.75 36.30 -27.21
CA LYS D 182 -30.55 37.69 -27.59
C LYS D 182 -31.64 38.58 -27.01
N THR D 183 -31.23 39.65 -26.34
CA THR D 183 -32.16 40.57 -25.71
C THR D 183 -32.97 41.32 -26.76
N CYS D 184 -34.30 41.27 -26.62
CA CYS D 184 -35.19 41.95 -27.56
C CYS D 184 -35.11 43.46 -27.42
N THR D 185 -35.13 44.16 -28.55
CA THR D 185 -34.90 45.60 -28.56
C THR D 185 -36.19 46.40 -28.85
N ASN D 186 -36.09 47.71 -28.66
CA ASN D 186 -37.22 48.60 -28.89
C ASN D 186 -37.18 49.19 -30.31
N THR D 187 -37.52 48.36 -31.29
CA THR D 187 -37.53 48.79 -32.68
C THR D 187 -38.60 48.03 -33.47
N LYS D 188 -39.03 48.60 -34.59
CA LYS D 188 -40.04 47.97 -35.42
C LYS D 188 -39.51 46.71 -36.10
N PHE D 189 -40.40 45.99 -36.79
CA PHE D 189 -40.03 44.74 -37.46
C PHE D 189 -40.14 44.90 -38.97
N ASP D 190 -39.72 43.88 -39.71
CA ASP D 190 -39.69 43.98 -41.17
C ASP D 190 -39.86 42.63 -41.87
N ARG D 191 -39.13 41.61 -41.40
CA ARG D 191 -39.15 40.27 -41.99
C ARG D 191 -38.63 40.24 -43.44
N GLY E 1 -14.31 8.86 -16.97
CA GLY E 1 -14.30 10.29 -16.76
C GLY E 1 -13.51 11.04 -17.80
N PRO E 2 -13.40 12.37 -17.65
CA PRO E 2 -12.69 13.24 -18.60
C PRO E 2 -11.18 13.17 -18.42
N HIS E 3 -10.44 13.54 -19.46
CA HIS E 3 -8.98 13.57 -19.41
C HIS E 3 -8.46 14.79 -20.15
N SER E 4 -7.18 15.11 -19.94
CA SER E 4 -6.57 16.26 -20.59
C SER E 4 -5.06 16.13 -20.77
N LEU E 5 -4.54 16.86 -21.75
CA LEU E 5 -3.11 16.92 -22.01
C LEU E 5 -2.70 18.39 -22.03
N ARG E 6 -1.83 18.78 -21.10
CA ARG E 6 -1.43 20.18 -20.98
C ARG E 6 0.08 20.34 -20.99
N TYR E 7 0.57 21.37 -21.66
CA TYR E 7 1.98 21.69 -21.67
C TYR E 7 2.28 23.01 -20.98
N PHE E 8 3.17 22.95 -19.99
CA PHE E 8 3.52 24.12 -19.20
C PHE E 8 4.88 24.67 -19.63
N VAL E 9 4.86 25.81 -20.30
CA VAL E 9 6.09 26.42 -20.80
C VAL E 9 6.59 27.53 -19.89
N THR E 10 7.88 27.47 -19.55
CA THR E 10 8.52 28.50 -18.74
C THR E 10 9.64 29.18 -19.50
N ALA E 11 9.69 30.50 -19.47
CA ALA E 11 10.76 31.26 -20.10
C ALA E 11 11.20 32.42 -19.23
N VAL E 12 12.37 32.28 -18.59
CA VAL E 12 12.88 33.32 -17.71
C VAL E 12 14.20 33.89 -18.25
N SER E 13 14.26 35.20 -18.37
CA SER E 13 15.45 35.87 -18.87
C SER E 13 16.47 36.11 -17.76
N ARG E 14 17.75 36.16 -18.13
CA ARG E 14 18.81 36.44 -17.18
C ARG E 14 19.83 37.39 -17.81
N PRO E 15 19.61 38.70 -17.68
CA PRO E 15 20.46 39.73 -18.26
C PRO E 15 21.90 39.67 -17.75
N GLY E 16 22.86 39.55 -18.67
CA GLY E 16 24.26 39.51 -18.31
C GLY E 16 24.69 38.20 -17.68
N LEU E 17 23.89 37.16 -17.87
CA LEU E 17 24.19 35.86 -17.30
C LEU E 17 24.12 34.76 -18.35
N GLY E 18 23.68 35.12 -19.56
CA GLY E 18 23.56 34.17 -20.65
C GLY E 18 22.18 34.16 -21.27
N GLU E 19 21.90 33.11 -22.03
CA GLU E 19 20.60 32.95 -22.66
C GLU E 19 19.54 32.54 -21.65
N PRO E 20 18.28 32.92 -21.89
CA PRO E 20 17.16 32.60 -21.00
C PRO E 20 16.99 31.11 -20.75
N ARG E 21 16.48 30.76 -19.57
CA ARG E 21 16.18 29.37 -19.24
C ARG E 21 14.83 28.98 -19.81
N TYR E 22 14.77 27.86 -20.51
CA TYR E 22 13.54 27.43 -21.17
C TYR E 22 13.07 26.06 -20.68
N MET E 23 11.79 25.96 -20.36
CA MET E 23 11.22 24.71 -19.86
C MET E 23 9.91 24.33 -20.55
N GLU E 24 9.77 23.05 -20.86
CA GLU E 24 8.53 22.50 -21.39
C GLU E 24 8.15 21.26 -20.59
N VAL E 25 7.03 21.33 -19.87
CA VAL E 25 6.60 20.20 -19.04
C VAL E 25 5.18 19.76 -19.41
N GLY E 26 5.06 18.53 -19.89
CA GLY E 26 3.78 17.98 -20.28
C GLY E 26 3.07 17.25 -19.14
N TYR E 27 1.74 17.33 -19.14
CA TYR E 27 0.95 16.69 -18.11
C TYR E 27 -0.24 15.94 -18.69
N VAL E 28 -0.22 14.61 -18.61
CA VAL E 28 -1.43 13.84 -18.84
C VAL E 28 -2.23 13.88 -17.54
N ASP E 29 -3.35 14.59 -17.58
CA ASP E 29 -4.12 14.90 -16.36
C ASP E 29 -3.27 15.66 -15.35
N ASP E 30 -2.97 15.02 -14.21
CA ASP E 30 -2.16 15.64 -13.17
C ASP E 30 -0.77 15.02 -13.08
N THR E 31 -0.43 14.18 -14.05
CA THR E 31 0.84 13.45 -14.02
C THR E 31 1.84 13.97 -15.05
N GLU E 32 3.06 14.26 -14.59
CA GLU E 32 4.13 14.71 -15.48
C GLU E 32 4.73 13.52 -16.23
N PHE E 33 4.76 13.59 -17.55
CA PHE E 33 5.26 12.49 -18.35
C PHE E 33 6.46 12.85 -19.24
N VAL E 34 6.61 14.14 -19.55
CA VAL E 34 7.75 14.60 -20.34
C VAL E 34 8.31 15.91 -19.80
N ARG E 35 9.60 16.13 -20.00
CA ARG E 35 10.24 17.36 -19.54
C ARG E 35 11.47 17.75 -20.37
N PHE E 36 11.52 19.02 -20.76
CA PHE E 36 12.67 19.58 -21.45
C PHE E 36 13.18 20.79 -20.67
N ASP E 37 14.48 20.84 -20.44
CA ASP E 37 15.09 21.94 -19.69
C ASP E 37 16.39 22.40 -20.35
N SER E 38 16.40 23.65 -20.81
CA SER E 38 17.57 24.22 -21.46
C SER E 38 18.77 24.27 -20.51
N ASP E 39 18.51 24.65 -19.26
CA ASP E 39 19.57 24.66 -18.26
C ASP E 39 19.71 23.29 -17.60
N ALA E 40 20.23 22.33 -18.37
CA ALA E 40 20.50 20.99 -17.88
C ALA E 40 21.81 20.51 -18.48
N GLU E 41 22.27 19.34 -18.03
CA GLU E 41 23.51 18.78 -18.54
C GLU E 41 23.44 18.54 -20.04
N ASN E 42 22.29 18.06 -20.50
CA ASN E 42 22.04 17.92 -21.94
C ASN E 42 20.59 18.30 -22.25
N PRO E 43 20.40 19.42 -22.97
CA PRO E 43 19.08 19.94 -23.33
C PRO E 43 18.34 19.04 -24.33
N ARG E 44 17.70 17.99 -23.83
CA ARG E 44 16.89 17.11 -24.67
C ARG E 44 15.61 16.68 -23.95
N TYR E 45 14.63 16.22 -24.74
CA TYR E 45 13.37 15.74 -24.18
C TYR E 45 13.57 14.46 -23.38
N GLU E 46 13.19 14.50 -22.10
CA GLU E 46 13.35 13.34 -21.23
C GLU E 46 12.02 12.89 -20.66
N PRO E 47 11.78 11.56 -20.65
CA PRO E 47 10.56 10.98 -20.10
C PRO E 47 10.48 11.22 -18.59
N ARG E 48 9.27 11.34 -18.07
CA ARG E 48 9.08 11.54 -16.64
C ARG E 48 8.17 10.45 -16.08
N ALA E 49 7.66 9.62 -16.97
CA ALA E 49 6.83 8.48 -16.59
C ALA E 49 7.36 7.22 -17.27
N ARG E 50 7.41 6.12 -16.53
CA ARG E 50 7.97 4.88 -17.03
C ARG E 50 7.18 4.27 -18.19
N TRP E 51 5.97 4.77 -18.43
CA TRP E 51 5.17 4.29 -19.54
C TRP E 51 5.42 5.06 -20.84
N MET E 52 6.35 6.02 -20.77
CA MET E 52 6.71 6.79 -21.95
C MET E 52 7.97 6.25 -22.62
N GLU E 53 8.55 5.21 -22.02
CA GLU E 53 9.74 4.58 -22.58
C GLU E 53 9.39 3.78 -23.84
N GLN E 54 8.10 3.54 -24.04
CA GLN E 54 7.62 2.77 -25.18
C GLN E 54 7.89 3.49 -26.50
N GLU E 55 7.89 4.83 -26.45
CA GLU E 55 8.18 5.63 -27.63
C GLU E 55 9.61 5.42 -28.09
N GLY E 56 9.80 5.36 -29.42
CA GLY E 56 11.11 5.13 -29.99
C GLY E 56 11.93 6.39 -30.12
N PRO E 57 13.16 6.26 -30.65
CA PRO E 57 14.09 7.38 -30.86
C PRO E 57 13.53 8.41 -31.84
N GLU E 58 12.68 7.96 -32.76
CA GLU E 58 12.05 8.84 -33.73
C GLU E 58 11.20 9.90 -33.03
N TYR E 59 10.55 9.49 -31.95
CA TYR E 59 9.66 10.38 -31.21
C TYR E 59 10.43 11.39 -30.37
N TRP E 60 11.50 10.94 -29.73
CA TRP E 60 12.29 11.80 -28.86
C TRP E 60 13.18 12.76 -29.65
N GLU E 61 13.28 12.53 -30.96
CA GLU E 61 14.05 13.40 -31.82
C GLU E 61 13.18 14.54 -32.36
N ARG E 62 11.94 14.21 -32.70
CA ARG E 62 10.99 15.22 -33.17
C ARG E 62 10.71 16.26 -32.09
N GLU E 63 10.38 15.78 -30.89
CA GLU E 63 10.03 16.66 -29.78
C GLU E 63 11.19 17.54 -29.34
N THR E 64 12.41 17.02 -29.45
CA THR E 64 13.60 17.78 -29.09
C THR E 64 13.83 18.92 -30.07
N GLN E 65 13.74 18.61 -31.37
CA GLN E 65 13.87 19.62 -32.42
C GLN E 65 12.80 20.69 -32.28
N LYS E 66 11.59 20.27 -31.91
CA LYS E 66 10.48 21.18 -31.71
C LYS E 66 10.71 22.05 -30.48
N ALA E 67 11.36 21.47 -29.48
CA ALA E 67 11.67 22.18 -28.24
C ALA E 67 12.68 23.30 -28.48
N LYS E 68 13.77 22.96 -29.17
CA LYS E 68 14.80 23.95 -29.50
C LYS E 68 14.22 25.05 -30.39
N GLY E 69 13.35 24.67 -31.31
CA GLY E 69 12.69 25.63 -32.17
C GLY E 69 11.81 26.57 -31.37
N ASN E 70 11.15 26.03 -30.35
CA ASN E 70 10.30 26.84 -29.47
C ASN E 70 11.12 27.77 -28.57
N GLU E 71 12.27 27.28 -28.10
CA GLU E 71 13.14 28.06 -27.23
C GLU E 71 13.61 29.35 -27.91
N GLN E 72 13.97 29.23 -29.18
CA GLN E 72 14.42 30.37 -29.95
C GLN E 72 13.30 31.39 -30.14
N SER E 73 12.09 30.89 -30.37
CA SER E 73 10.92 31.76 -30.53
C SER E 73 10.66 32.56 -29.27
N PHE E 74 10.78 31.91 -28.12
CA PHE E 74 10.55 32.56 -26.84
C PHE E 74 11.71 33.48 -26.44
N ARG E 75 12.91 33.16 -26.90
CA ARG E 75 14.06 34.03 -26.67
C ARG E 75 13.83 35.38 -27.33
N VAL E 76 13.19 35.34 -28.50
CA VAL E 76 12.82 36.55 -29.22
C VAL E 76 11.67 37.27 -28.51
N ASP E 77 10.65 36.51 -28.13
CA ASP E 77 9.47 37.07 -27.47
C ASP E 77 9.81 37.81 -26.19
N LEU E 78 10.85 37.35 -25.50
CA LEU E 78 11.33 38.02 -24.29
C LEU E 78 11.87 39.41 -24.62
N ARG E 79 12.54 39.53 -25.76
CA ARG E 79 13.04 40.83 -26.21
C ARG E 79 11.90 41.66 -26.81
N THR E 80 10.95 40.99 -27.45
CA THR E 80 9.83 41.67 -28.09
C THR E 80 8.96 42.42 -27.07
N LEU E 81 8.76 41.81 -25.92
CA LEU E 81 7.94 42.40 -24.86
C LEU E 81 8.64 43.56 -24.16
N LEU E 82 9.97 43.60 -24.26
CA LEU E 82 10.73 44.72 -23.74
C LEU E 82 10.44 45.98 -24.55
N GLY E 83 10.07 45.78 -25.81
CA GLY E 83 9.73 46.89 -26.69
C GLY E 83 8.29 47.34 -26.53
N TYR E 84 7.38 46.36 -26.39
CA TYR E 84 5.96 46.64 -26.18
C TYR E 84 5.73 47.46 -24.93
N TYR E 85 6.37 47.06 -23.83
CA TYR E 85 6.21 47.73 -22.55
C TYR E 85 7.18 48.89 -22.38
N ASN E 86 8.20 48.93 -23.23
CA ASN E 86 9.30 49.88 -23.10
C ASN E 86 10.01 49.74 -21.75
N GLN E 87 10.48 48.53 -21.48
CA GLN E 87 11.19 48.23 -20.23
C GLN E 87 12.70 48.24 -20.44
N SER E 88 13.44 48.11 -19.35
CA SER E 88 14.89 48.08 -19.41
C SER E 88 15.39 46.65 -19.63
N LYS E 89 16.57 46.53 -20.23
CA LYS E 89 17.14 45.22 -20.54
C LYS E 89 17.83 44.59 -19.33
N GLY E 90 18.11 45.42 -18.33
CA GLY E 90 18.81 44.95 -17.14
C GLY E 90 17.98 44.07 -16.24
N GLY E 91 16.66 44.14 -16.40
CA GLY E 91 15.75 43.39 -15.55
C GLY E 91 15.44 42.00 -16.06
N SER E 92 15.27 41.07 -15.14
CA SER E 92 14.93 39.69 -15.49
C SER E 92 13.41 39.53 -15.53
N HIS E 93 12.90 39.04 -16.65
CA HIS E 93 11.46 38.91 -16.84
C HIS E 93 11.05 37.46 -17.12
N THR E 94 9.78 37.16 -16.91
CA THR E 94 9.30 35.79 -17.05
C THR E 94 8.09 35.66 -17.97
N ILE E 95 8.18 34.75 -18.92
CA ILE E 95 7.03 34.38 -19.75
C ILE E 95 6.59 32.96 -19.40
N GLN E 96 5.30 32.79 -19.16
CA GLN E 96 4.74 31.47 -18.87
C GLN E 96 3.56 31.17 -19.78
N VAL E 97 3.51 29.95 -20.30
CA VAL E 97 2.41 29.55 -21.16
C VAL E 97 1.79 28.22 -20.73
N ILE E 98 0.46 28.18 -20.66
CA ILE E 98 -0.25 26.92 -20.45
C ILE E 98 -1.04 26.59 -21.71
N SER E 99 -0.70 25.45 -22.32
CA SER E 99 -1.30 25.07 -23.58
C SER E 99 -1.67 23.59 -23.61
N GLY E 100 -2.90 23.31 -24.03
CA GLY E 100 -3.35 21.94 -24.13
C GLY E 100 -4.80 21.79 -24.52
N CYS E 101 -5.40 20.67 -24.13
CA CYS E 101 -6.77 20.36 -24.50
C CYS E 101 -7.38 19.34 -23.55
N GLU E 102 -8.67 19.51 -23.24
CA GLU E 102 -9.38 18.55 -22.39
C GLU E 102 -10.43 17.80 -23.20
N VAL E 103 -10.31 16.48 -23.23
CA VAL E 103 -11.22 15.64 -23.99
C VAL E 103 -12.04 14.76 -23.06
N GLY E 104 -13.35 14.77 -23.25
CA GLY E 104 -14.25 13.99 -22.41
C GLY E 104 -14.28 12.53 -22.80
N SER E 105 -15.15 11.77 -22.13
CA SER E 105 -15.29 10.35 -22.40
C SER E 105 -15.84 10.12 -23.81
N ASP E 106 -16.70 11.02 -24.25
CA ASP E 106 -17.33 10.90 -25.57
C ASP E 106 -16.33 11.19 -26.70
N GLY E 107 -15.15 11.68 -26.34
CA GLY E 107 -14.14 12.03 -27.31
C GLY E 107 -14.27 13.47 -27.74
N ARG E 108 -15.30 14.14 -27.24
CA ARG E 108 -15.56 15.53 -27.58
C ARG E 108 -14.59 16.47 -26.86
N LEU E 109 -14.10 17.48 -27.58
CA LEU E 109 -13.20 18.46 -26.98
C LEU E 109 -13.97 19.40 -26.06
N LEU E 110 -13.62 19.37 -24.78
CA LEU E 110 -14.33 20.16 -23.77
C LEU E 110 -13.70 21.53 -23.55
N ARG E 111 -12.37 21.58 -23.49
CA ARG E 111 -11.67 22.84 -23.27
C ARG E 111 -10.46 23.00 -24.19
N GLY E 112 -10.29 24.20 -24.73
CA GLY E 112 -9.13 24.53 -25.53
C GLY E 112 -8.21 25.46 -24.75
N TYR E 113 -7.07 24.93 -24.32
CA TYR E 113 -6.14 25.68 -23.47
C TYR E 113 -5.05 26.39 -24.24
N GLN E 114 -4.98 27.71 -24.08
CA GLN E 114 -3.88 28.51 -24.62
C GLN E 114 -3.85 29.89 -23.95
N GLN E 115 -3.06 30.00 -22.89
CA GLN E 115 -2.92 31.28 -22.19
C GLN E 115 -1.46 31.65 -21.94
N TYR E 116 -1.14 32.92 -22.16
CA TYR E 116 0.21 33.43 -21.94
C TYR E 116 0.25 34.27 -20.67
N ALA E 117 1.41 34.34 -20.05
CA ALA E 117 1.58 35.16 -18.85
C ALA E 117 2.94 35.85 -18.86
N TYR E 118 2.93 37.17 -18.69
CA TYR E 118 4.16 37.94 -18.61
C TYR E 118 4.34 38.47 -17.19
N ASP E 119 5.41 38.03 -16.53
CA ASP E 119 5.70 38.40 -15.14
C ASP E 119 4.55 38.07 -14.19
N GLY E 120 3.85 36.98 -14.47
CA GLY E 120 2.80 36.49 -13.59
C GLY E 120 1.43 37.05 -13.89
N CYS E 121 1.39 38.20 -14.55
CA CYS E 121 0.13 38.76 -14.99
C CYS E 121 -0.35 38.06 -16.25
N ASP E 122 -1.66 37.94 -16.40
CA ASP E 122 -2.23 37.42 -17.64
C ASP E 122 -1.85 38.36 -18.77
N TYR E 123 -1.53 37.79 -19.93
CA TYR E 123 -1.16 38.59 -21.08
C TYR E 123 -2.23 38.46 -22.17
N ILE E 124 -2.23 37.31 -22.84
CA ILE E 124 -3.23 37.04 -23.86
C ILE E 124 -3.73 35.60 -23.70
N ALA E 125 -4.97 35.35 -24.11
CA ALA E 125 -5.55 34.02 -23.96
C ALA E 125 -6.57 33.73 -25.05
N LEU E 126 -6.60 32.49 -25.51
CA LEU E 126 -7.60 32.05 -26.48
C LEU E 126 -8.93 31.85 -25.79
N ASN E 127 -9.96 32.51 -26.29
CA ASN E 127 -11.29 32.40 -25.71
C ASN E 127 -11.91 31.02 -25.94
N GLU E 128 -13.12 30.83 -25.44
CA GLU E 128 -13.82 29.56 -25.56
C GLU E 128 -14.32 29.30 -26.98
N ASP E 129 -14.48 30.37 -27.75
CA ASP E 129 -14.98 30.25 -29.12
C ASP E 129 -13.91 29.71 -30.07
N LEU E 130 -12.66 29.68 -29.59
CA LEU E 130 -11.51 29.22 -30.36
C LEU E 130 -11.30 30.05 -31.63
N LYS E 131 -11.69 31.32 -31.58
CA LYS E 131 -11.57 32.19 -32.75
C LYS E 131 -11.12 33.60 -32.38
N THR E 132 -11.33 34.00 -31.13
CA THR E 132 -10.96 35.33 -30.68
C THR E 132 -10.01 35.30 -29.49
N TRP E 133 -9.35 36.43 -29.24
CA TRP E 133 -8.39 36.55 -28.15
C TRP E 133 -8.83 37.57 -27.10
N THR E 134 -8.43 37.34 -25.86
CA THR E 134 -8.66 38.30 -24.79
C THR E 134 -7.34 38.91 -24.34
N ALA E 135 -7.11 40.16 -24.68
CA ALA E 135 -5.89 40.87 -24.32
C ALA E 135 -6.04 41.51 -22.94
N ALA E 136 -5.15 41.17 -22.03
CA ALA E 136 -5.27 41.60 -20.63
C ALA E 136 -4.73 43.01 -20.39
N ASP E 137 -3.88 43.49 -21.29
CA ASP E 137 -3.33 44.84 -21.15
C ASP E 137 -3.10 45.54 -22.50
N MET E 138 -2.58 46.76 -22.43
CA MET E 138 -2.36 47.58 -23.63
C MET E 138 -1.35 46.95 -24.58
N ALA E 139 -0.34 46.29 -24.02
CA ALA E 139 0.73 45.69 -24.82
C ALA E 139 0.26 44.44 -25.54
N ALA E 140 -0.68 43.71 -24.94
CA ALA E 140 -1.20 42.48 -25.53
C ALA E 140 -2.04 42.78 -26.76
N LEU E 141 -2.54 44.00 -26.86
CA LEU E 141 -3.29 44.45 -28.02
C LEU E 141 -2.43 44.39 -29.27
N ILE E 142 -1.13 44.61 -29.11
CA ILE E 142 -0.18 44.51 -30.21
C ILE E 142 -0.10 43.08 -30.71
N THR E 143 0.09 42.15 -29.77
CA THR E 143 0.13 40.72 -30.08
C THR E 143 -1.17 40.27 -30.71
N LYS E 144 -2.28 40.67 -30.09
CA LYS E 144 -3.62 40.32 -30.56
C LYS E 144 -3.84 40.74 -32.01
N HIS E 145 -3.43 41.95 -32.35
CA HIS E 145 -3.58 42.48 -33.70
C HIS E 145 -2.73 41.70 -34.71
N LYS E 146 -1.55 41.26 -34.26
CA LYS E 146 -0.67 40.47 -35.11
C LYS E 146 -1.27 39.09 -35.39
N TRP E 147 -1.88 38.50 -34.37
CA TRP E 147 -2.44 37.15 -34.50
C TRP E 147 -3.76 37.14 -35.29
N GLU E 148 -4.41 38.30 -35.36
CA GLU E 148 -5.63 38.42 -36.16
C GLU E 148 -5.28 38.48 -37.64
N GLN E 149 -4.28 39.28 -37.98
CA GLN E 149 -3.85 39.44 -39.36
C GLN E 149 -3.07 38.21 -39.85
N ALA E 150 -2.61 37.39 -38.91
CA ALA E 150 -1.86 36.19 -39.25
C ALA E 150 -2.75 34.95 -39.21
N GLY E 151 -3.94 35.10 -38.64
CA GLY E 151 -4.88 34.00 -38.50
C GLY E 151 -4.34 32.92 -37.59
N GLU E 152 -3.73 33.35 -36.48
CA GLU E 152 -3.15 32.42 -35.51
C GLU E 152 -4.25 31.62 -34.81
N ALA E 153 -5.38 32.26 -34.55
CA ALA E 153 -6.49 31.62 -33.86
C ALA E 153 -7.01 30.40 -34.62
N GLU E 154 -7.05 30.51 -35.94
CA GLU E 154 -7.53 29.41 -36.78
C GLU E 154 -6.54 28.26 -36.84
N ARG E 155 -5.25 28.59 -36.96
CA ARG E 155 -4.21 27.58 -36.97
C ARG E 155 -4.16 26.85 -35.63
N LEU E 156 -4.45 27.58 -34.56
CA LEU E 156 -4.39 27.03 -33.21
C LEU E 156 -5.56 26.09 -32.93
N ARG E 157 -6.75 26.45 -33.41
CA ARG E 157 -7.94 25.62 -33.23
C ARG E 157 -7.77 24.26 -33.89
N ALA E 158 -7.06 24.26 -35.02
CA ALA E 158 -6.78 23.03 -35.76
C ALA E 158 -5.97 22.05 -34.92
N TYR E 159 -4.94 22.57 -34.25
CA TYR E 159 -4.09 21.76 -33.38
C TYR E 159 -4.88 21.21 -32.20
N LEU E 160 -5.66 22.07 -31.55
CA LEU E 160 -6.43 21.70 -30.38
C LEU E 160 -7.47 20.62 -30.67
N GLU E 161 -8.18 20.75 -31.79
CA GLU E 161 -9.22 19.82 -32.14
C GLU E 161 -8.67 18.55 -32.80
N GLY E 162 -7.51 18.68 -33.42
CA GLY E 162 -6.91 17.57 -34.16
C GLY E 162 -5.72 16.94 -33.47
N THR E 163 -4.56 17.58 -33.61
CA THR E 163 -3.30 17.03 -33.13
C THR E 163 -3.27 16.72 -31.64
N CYS E 164 -3.66 17.69 -30.82
CA CYS E 164 -3.62 17.54 -29.37
C CYS E 164 -4.47 16.36 -28.88
N VAL E 165 -5.64 16.20 -29.48
CA VAL E 165 -6.55 15.12 -29.10
C VAL E 165 -6.00 13.75 -29.48
N GLU E 166 -5.42 13.67 -30.68
CA GLU E 166 -4.85 12.42 -31.17
C GLU E 166 -3.74 11.90 -30.28
N TRP E 167 -2.92 12.81 -29.75
CA TRP E 167 -1.81 12.43 -28.89
C TRP E 167 -2.28 12.09 -27.47
N LEU E 168 -3.32 12.77 -27.02
CA LEU E 168 -3.91 12.47 -25.71
C LEU E 168 -4.45 11.05 -25.68
N ARG E 169 -5.10 10.66 -26.77
CA ARG E 169 -5.64 9.31 -26.91
C ARG E 169 -4.50 8.28 -26.88
N ARG E 170 -3.40 8.61 -27.53
CA ARG E 170 -2.25 7.71 -27.59
C ARG E 170 -1.55 7.58 -26.24
N TYR E 171 -1.34 8.72 -25.58
CA TYR E 171 -0.69 8.74 -24.27
C TYR E 171 -1.52 7.98 -23.24
N LEU E 172 -2.84 8.14 -23.30
CA LEU E 172 -3.73 7.50 -22.36
C LEU E 172 -3.69 5.98 -22.44
N LYS E 173 -3.68 5.44 -23.66
CA LYS E 173 -3.66 4.00 -23.85
C LYS E 173 -2.28 3.41 -23.64
N ASN E 174 -1.26 4.27 -23.66
CA ASN E 174 0.11 3.82 -23.45
C ASN E 174 0.49 3.73 -21.97
N GLY E 175 -0.34 4.29 -21.11
CA GLY E 175 -0.06 4.30 -19.69
C GLY E 175 -1.28 4.24 -18.80
N ASN E 176 -2.40 3.75 -19.34
CA ASN E 176 -3.64 3.64 -18.58
C ASN E 176 -3.50 2.76 -17.35
N ALA E 177 -2.67 1.72 -17.46
CA ALA E 177 -2.46 0.77 -16.38
C ALA E 177 -1.84 1.45 -15.15
N THR E 178 -0.97 2.43 -15.38
CA THR E 178 -0.27 3.11 -14.30
C THR E 178 -0.99 4.38 -13.85
N LEU E 179 -1.70 5.02 -14.77
CA LEU E 179 -2.46 6.23 -14.44
C LEU E 179 -3.61 5.90 -13.50
N LEU E 180 -4.10 4.66 -13.58
CA LEU E 180 -5.23 4.23 -12.76
C LEU E 180 -4.77 3.80 -11.37
N ARG E 181 -3.48 3.49 -11.24
CA ARG E 181 -2.91 3.05 -9.97
C ARG E 181 -3.11 4.07 -8.86
N THR E 182 -3.65 3.61 -7.73
CA THR E 182 -3.93 4.49 -6.59
C THR E 182 -3.47 3.87 -5.28
N ASP E 183 -2.93 4.71 -4.39
CA ASP E 183 -2.49 4.26 -3.08
C ASP E 183 -3.45 4.72 -2.00
N SER E 184 -3.85 3.79 -1.12
CA SER E 184 -4.78 4.09 -0.05
C SER E 184 -4.11 4.92 1.05
N PRO E 185 -4.80 5.97 1.52
CA PRO E 185 -4.28 6.82 2.60
C PRO E 185 -4.27 6.09 3.93
N LYS E 186 -3.10 5.96 4.53
CA LYS E 186 -3.01 5.40 5.88
C LYS E 186 -3.20 6.52 6.89
N ALA E 187 -4.28 6.41 7.67
CA ALA E 187 -4.70 7.50 8.55
C ALA E 187 -4.50 7.17 10.02
N HIS E 188 -4.32 8.23 10.83
CA HIS E 188 -4.28 8.09 12.28
C HIS E 188 -4.55 9.44 12.96
N VAL E 189 -5.00 9.38 14.21
CA VAL E 189 -5.36 10.60 14.95
C VAL E 189 -4.42 10.82 16.13
N THR E 190 -3.82 11.99 16.19
CA THR E 190 -2.95 12.35 17.31
C THR E 190 -3.66 13.28 18.28
N HIS E 191 -3.06 13.51 19.43
CA HIS E 191 -3.68 14.30 20.49
C HIS E 191 -2.67 15.21 21.18
N HIS E 192 -3.05 16.48 21.35
CA HIS E 192 -2.20 17.45 22.03
C HIS E 192 -3.03 18.36 22.93
N SER E 193 -2.44 18.79 24.04
CA SER E 193 -3.12 19.63 25.01
C SER E 193 -2.71 21.08 24.86
N ARG E 194 -2.63 21.56 23.62
CA ARG E 194 -2.17 22.91 23.34
C ARG E 194 -3.08 24.05 23.85
N PRO E 195 -4.39 24.00 23.53
CA PRO E 195 -5.22 25.09 24.05
C PRO E 195 -5.42 24.99 25.56
N GLU E 196 -5.81 26.08 26.20
CA GLU E 196 -6.05 26.09 27.64
C GLU E 196 -7.41 25.48 27.99
N ASP E 197 -7.39 24.49 28.87
CA ASP E 197 -8.59 23.75 29.28
C ASP E 197 -9.26 23.04 28.10
N LYS E 198 -8.54 22.96 26.99
CA LYS E 198 -9.01 22.27 25.79
C LYS E 198 -7.87 21.47 25.18
N VAL E 199 -8.18 20.71 24.13
CA VAL E 199 -7.16 19.92 23.45
C VAL E 199 -7.26 20.07 21.94
N THR E 200 -6.41 19.36 21.21
CA THR E 200 -6.40 19.42 19.76
C THR E 200 -6.26 18.04 19.14
N LEU E 201 -7.22 17.69 18.28
CA LEU E 201 -7.18 16.42 17.56
C LEU E 201 -6.75 16.64 16.13
N ARG E 202 -5.68 15.95 15.72
CA ARG E 202 -5.16 16.07 14.37
C ARG E 202 -5.28 14.76 13.60
N CYS E 203 -6.18 14.73 12.63
CA CYS E 203 -6.38 13.54 11.80
C CYS E 203 -5.40 13.53 10.64
N TRP E 204 -4.60 12.48 10.55
CA TRP E 204 -3.58 12.38 9.52
C TRP E 204 -4.03 11.52 8.34
N ALA E 205 -3.31 11.66 7.22
CA ALA E 205 -3.55 10.85 6.03
C ALA E 205 -2.26 10.82 5.21
N LEU E 206 -1.63 9.66 5.15
CA LEU E 206 -0.30 9.55 4.56
C LEU E 206 -0.24 8.52 3.43
N GLY E 207 0.77 8.67 2.56
CA GLY E 207 1.05 7.71 1.51
C GLY E 207 -0.08 7.42 0.56
N PHE E 208 -0.71 8.47 0.03
CA PHE E 208 -1.80 8.30 -0.92
C PHE E 208 -1.54 8.93 -2.29
N TYR E 209 -2.07 8.28 -3.32
CA TYR E 209 -2.02 8.81 -4.68
C TYR E 209 -3.37 8.60 -5.36
N PRO E 210 -3.85 9.61 -6.11
CA PRO E 210 -3.22 10.92 -6.31
C PRO E 210 -3.48 11.87 -5.15
N ALA E 211 -3.30 13.17 -5.40
CA ALA E 211 -3.42 14.17 -4.35
C ALA E 211 -4.87 14.45 -3.94
N ASP E 212 -5.82 14.02 -4.77
CA ASP E 212 -7.24 14.21 -4.49
C ASP E 212 -7.68 13.47 -3.23
N ILE E 213 -8.00 14.22 -2.19
CA ILE E 213 -8.43 13.63 -0.93
C ILE E 213 -9.31 14.63 -0.16
N THR E 214 -10.17 14.10 0.71
CA THR E 214 -11.04 14.94 1.52
C THR E 214 -11.01 14.50 2.98
N LEU E 215 -10.67 15.44 3.88
CA LEU E 215 -10.64 15.16 5.30
C LEU E 215 -11.60 16.08 6.04
N THR E 216 -12.52 15.48 6.81
CA THR E 216 -13.49 16.25 7.57
C THR E 216 -13.58 15.78 9.02
N TRP E 217 -13.85 16.73 9.92
CA TRP E 217 -14.15 16.39 11.31
C TRP E 217 -15.64 16.57 11.55
N GLN E 218 -16.23 15.67 12.34
CA GLN E 218 -17.66 15.72 12.58
C GLN E 218 -18.03 15.67 14.06
N LEU E 219 -19.16 16.29 14.39
CA LEU E 219 -19.74 16.23 15.73
C LEU E 219 -21.26 16.21 15.61
N ASN E 220 -21.88 15.22 16.23
CA ASN E 220 -23.33 15.02 16.14
C ASN E 220 -23.82 14.91 14.70
N GLY E 221 -23.03 14.25 13.86
CA GLY E 221 -23.40 14.03 12.47
C GLY E 221 -23.28 15.26 11.60
N GLU E 222 -22.69 16.31 12.13
CA GLU E 222 -22.50 17.54 11.37
C GLU E 222 -21.02 17.85 11.15
N GLU E 223 -20.69 18.29 9.94
CA GLU E 223 -19.30 18.58 9.60
C GLU E 223 -18.84 19.91 10.18
N LEU E 224 -17.60 19.94 10.67
CA LEU E 224 -16.99 21.17 11.15
C LEU E 224 -16.06 21.72 10.07
N ILE E 225 -16.51 22.74 9.36
CA ILE E 225 -15.76 23.29 8.23
C ILE E 225 -14.94 24.52 8.63
N GLN E 226 -15.56 25.45 9.33
CA GLN E 226 -14.88 26.68 9.75
C GLN E 226 -14.00 26.45 10.97
N ASP E 227 -14.31 25.42 11.74
CA ASP E 227 -13.57 25.11 12.96
C ASP E 227 -12.43 24.16 12.66
N MET E 228 -12.29 23.80 11.38
CA MET E 228 -11.29 22.82 10.95
C MET E 228 -10.06 23.48 10.36
N GLU E 229 -8.90 23.20 10.94
CA GLU E 229 -7.63 23.70 10.40
C GLU E 229 -7.10 22.74 9.36
N LEU E 230 -7.23 23.11 8.09
CA LEU E 230 -6.81 22.25 6.99
C LEU E 230 -5.59 22.81 6.28
N VAL E 231 -4.56 21.98 6.12
CA VAL E 231 -3.34 22.39 5.45
C VAL E 231 -3.27 21.82 4.04
N GLU E 232 -2.54 22.51 3.17
CA GLU E 232 -2.43 22.11 1.77
C GLU E 232 -1.77 20.75 1.62
N THR E 233 -2.25 19.98 0.65
CA THR E 233 -1.69 18.67 0.36
C THR E 233 -0.25 18.81 -0.12
N ARG E 234 0.64 18.07 0.50
CA ARG E 234 2.07 18.17 0.21
C ARG E 234 2.62 16.82 -0.25
N PRO E 235 3.73 16.85 -1.01
CA PRO E 235 4.37 15.60 -1.44
C PRO E 235 5.26 15.03 -0.35
N ALA E 236 5.27 13.71 -0.22
CA ALA E 236 6.11 13.04 0.77
C ALA E 236 7.53 12.86 0.23
N GLY E 237 7.67 13.01 -1.09
CA GLY E 237 8.96 12.90 -1.73
C GLY E 237 9.16 11.56 -2.42
N ASP E 238 8.28 10.61 -2.13
CA ASP E 238 8.38 9.27 -2.69
C ASP E 238 7.30 9.01 -3.75
N GLY E 239 6.62 10.07 -4.15
CA GLY E 239 5.59 9.97 -5.17
C GLY E 239 4.19 10.03 -4.59
N THR E 240 4.09 9.94 -3.27
CA THR E 240 2.80 9.98 -2.60
C THR E 240 2.60 11.34 -1.93
N PHE E 241 1.49 11.50 -1.22
CA PHE E 241 1.16 12.78 -0.62
C PHE E 241 0.70 12.68 0.83
N GLN E 242 0.74 13.81 1.53
CA GLN E 242 0.31 13.89 2.92
C GLN E 242 -0.66 15.04 3.11
N LYS E 243 -1.50 14.94 4.15
CA LYS E 243 -2.45 15.99 4.49
C LYS E 243 -3.03 15.72 5.86
N TRP E 244 -3.35 16.77 6.61
CA TRP E 244 -4.00 16.59 7.91
C TRP E 244 -5.02 17.67 8.24
N ALA E 245 -5.95 17.33 9.12
CA ALA E 245 -6.96 18.27 9.58
C ALA E 245 -6.91 18.39 11.10
N SER E 246 -6.86 19.63 11.59
CA SER E 246 -6.83 19.87 13.02
C SER E 246 -8.13 20.50 13.48
N VAL E 247 -8.57 20.13 14.68
CA VAL E 247 -9.77 20.71 15.27
C VAL E 247 -9.58 20.89 16.78
N VAL E 248 -10.04 22.02 17.30
CA VAL E 248 -9.89 22.32 18.72
C VAL E 248 -11.15 21.93 19.48
N VAL E 249 -11.04 20.90 20.33
CA VAL E 249 -12.18 20.40 21.08
C VAL E 249 -11.93 20.50 22.59
N PRO E 250 -13.00 20.73 23.37
CA PRO E 250 -12.90 20.79 24.83
C PRO E 250 -12.38 19.50 25.42
N LEU E 251 -11.72 19.59 26.58
CA LEU E 251 -11.15 18.43 27.24
C LEU E 251 -12.22 17.48 27.75
N GLY E 252 -12.01 16.19 27.54
CA GLY E 252 -12.94 15.17 28.01
C GLY E 252 -13.98 14.81 26.97
N LYS E 253 -13.92 15.47 25.82
CA LYS E 253 -14.90 15.24 24.76
C LYS E 253 -14.24 14.73 23.48
N GLU E 254 -13.08 14.11 23.61
CA GLU E 254 -12.34 13.61 22.44
C GLU E 254 -13.12 12.54 21.68
N GLN E 255 -13.82 11.68 22.43
CA GLN E 255 -14.52 10.54 21.83
C GLN E 255 -15.77 10.95 21.07
N TYR E 256 -16.23 12.17 21.29
CA TYR E 256 -17.43 12.67 20.61
C TYR E 256 -17.15 13.15 19.19
N TYR E 257 -15.87 13.24 18.84
CA TYR E 257 -15.49 13.72 17.52
C TYR E 257 -14.87 12.62 16.66
N THR E 258 -15.24 12.60 15.38
CA THR E 258 -14.75 11.59 14.45
C THR E 258 -14.16 12.23 13.21
N CYS E 259 -13.06 11.67 12.72
CA CYS E 259 -12.44 12.14 11.48
C CYS E 259 -12.85 11.25 10.31
N HIS E 260 -12.91 11.82 9.12
CA HIS E 260 -13.31 11.07 7.94
C HIS E 260 -12.33 11.24 6.79
N VAL E 261 -11.91 10.12 6.21
CA VAL E 261 -10.96 10.13 5.10
C VAL E 261 -11.62 9.65 3.81
N TYR E 262 -11.74 10.56 2.84
CA TYR E 262 -12.35 10.24 1.56
C TYR E 262 -11.28 10.19 0.46
N HIS E 263 -11.18 9.05 -0.21
CA HIS E 263 -10.22 8.88 -1.30
C HIS E 263 -10.73 7.84 -2.29
N GLN E 264 -10.31 7.95 -3.54
CA GLN E 264 -10.76 7.03 -4.58
C GLN E 264 -10.07 5.67 -4.51
N GLY E 265 -9.03 5.58 -3.69
CA GLY E 265 -8.29 4.34 -3.51
C GLY E 265 -8.82 3.52 -2.34
N LEU E 266 -9.92 3.99 -1.75
CA LEU E 266 -10.54 3.31 -0.62
C LEU E 266 -11.88 2.72 -1.01
N PRO E 267 -12.11 1.45 -0.64
CA PRO E 267 -13.41 0.80 -0.88
C PRO E 267 -14.50 1.47 -0.05
N GLU E 268 -14.12 1.96 1.11
CA GLU E 268 -15.04 2.63 2.03
C GLU E 268 -14.32 3.75 2.76
N PRO E 269 -14.97 4.91 2.89
CA PRO E 269 -14.40 6.06 3.62
C PRO E 269 -14.01 5.68 5.05
N LEU E 270 -12.82 6.13 5.47
CA LEU E 270 -12.31 5.79 6.78
C LEU E 270 -12.95 6.63 7.88
N THR E 271 -13.22 6.01 9.03
CA THR E 271 -13.77 6.73 10.17
C THR E 271 -12.86 6.52 11.38
N LEU E 272 -12.32 7.60 11.92
CA LEU E 272 -11.35 7.52 13.00
C LEU E 272 -11.73 8.35 14.22
N ARG E 273 -11.36 7.86 15.40
CA ARG E 273 -11.51 8.61 16.64
C ARG E 273 -10.16 8.64 17.36
N TRP E 274 -10.06 9.49 18.37
CA TRP E 274 -8.86 9.50 19.21
C TRP E 274 -8.87 8.29 20.13
N GLU E 275 -7.75 7.57 20.16
CA GLU E 275 -7.65 6.36 20.97
C GLU E 275 -6.31 6.26 21.68
N PRO E 276 -6.32 6.38 23.02
CA PRO E 276 -5.11 6.27 23.83
C PRO E 276 -4.60 4.82 23.90
N PRO E 277 -3.30 4.63 23.68
CA PRO E 277 -2.66 3.30 23.72
C PRO E 277 -2.80 2.63 25.10
N MET F 1 2.88 43.41 -13.69
CA MET F 1 3.55 42.27 -13.09
C MET F 1 2.99 41.97 -11.71
N ILE F 2 3.18 40.74 -11.25
CA ILE F 2 2.76 40.36 -9.90
C ILE F 2 3.89 39.71 -9.12
N GLN F 3 3.78 39.71 -7.79
CA GLN F 3 4.76 39.07 -6.92
C GLN F 3 4.06 38.38 -5.76
N ARG F 4 4.55 37.20 -5.39
CA ARG F 4 3.92 36.41 -4.35
C ARG F 4 4.94 35.83 -3.38
N THR F 5 4.65 35.94 -2.08
CA THR F 5 5.51 35.40 -1.05
C THR F 5 5.29 33.90 -0.91
N PRO F 6 6.39 33.14 -0.85
CA PRO F 6 6.34 31.67 -0.81
C PRO F 6 5.66 31.13 0.45
N LYS F 7 4.77 30.15 0.26
CA LYS F 7 4.19 29.42 1.37
C LYS F 7 5.14 28.29 1.76
N ILE F 8 5.45 28.18 3.04
CA ILE F 8 6.47 27.23 3.49
C ILE F 8 5.92 26.19 4.45
N GLN F 9 6.28 24.93 4.21
CA GLN F 9 5.93 23.84 5.12
C GLN F 9 7.13 22.94 5.39
N VAL F 10 7.45 22.75 6.66
CA VAL F 10 8.55 21.88 7.06
C VAL F 10 7.99 20.63 7.72
N TYR F 11 8.34 19.47 7.18
CA TYR F 11 7.77 18.21 7.66
C TYR F 11 8.67 17.02 7.31
N SER F 12 8.35 15.87 7.91
CA SER F 12 9.12 14.65 7.66
C SER F 12 8.31 13.68 6.81
N ARG F 13 9.02 12.85 6.05
CA ARG F 13 8.38 11.89 5.16
C ARG F 13 7.58 10.85 5.95
N HIS F 14 8.08 10.50 7.14
CA HIS F 14 7.43 9.53 7.99
C HIS F 14 7.33 10.07 9.42
N PRO F 15 6.37 9.54 10.21
CA PRO F 15 6.25 9.89 11.63
C PRO F 15 7.59 9.73 12.35
N ALA F 16 8.03 10.78 13.01
CA ALA F 16 9.36 10.81 13.62
C ALA F 16 9.44 10.08 14.96
N GLU F 17 10.10 8.93 14.94
CA GLU F 17 10.45 8.22 16.16
C GLU F 17 11.96 8.28 16.34
N ASN F 18 12.40 8.81 17.48
CA ASN F 18 13.81 9.06 17.74
C ASN F 18 14.71 7.85 17.52
N GLY F 19 15.53 7.92 16.47
CA GLY F 19 16.49 6.86 16.18
C GLY F 19 16.41 6.33 14.76
N LYS F 20 15.18 6.20 14.25
CA LYS F 20 14.96 5.67 12.91
C LYS F 20 15.34 6.69 11.83
N SER F 21 15.90 6.21 10.73
CA SER F 21 16.26 7.08 9.62
C SER F 21 15.00 7.62 8.94
N ASN F 22 15.12 8.80 8.34
CA ASN F 22 13.97 9.46 7.74
C ASN F 22 14.41 10.53 6.72
N PHE F 23 13.44 11.15 6.07
CA PHE F 23 13.71 12.25 5.15
C PHE F 23 13.17 13.55 5.71
N LEU F 24 13.88 14.65 5.46
CA LEU F 24 13.41 15.97 5.88
C LEU F 24 13.02 16.81 4.67
N ASN F 25 11.75 17.21 4.62
CA ASN F 25 11.23 17.96 3.47
C ASN F 25 10.92 19.42 3.80
N CYS F 26 11.12 20.28 2.81
CA CYS F 26 10.73 21.68 2.92
C CYS F 26 10.02 22.09 1.64
N TYR F 27 8.72 22.30 1.72
CA TYR F 27 7.88 22.54 0.56
C TYR F 27 7.59 24.03 0.39
N VAL F 28 8.19 24.64 -0.63
CA VAL F 28 7.91 26.02 -0.97
C VAL F 28 6.99 26.10 -2.18
N SER F 29 5.96 26.93 -2.10
CA SER F 29 4.96 27.01 -3.15
C SER F 29 4.21 28.34 -3.13
N GLY F 30 3.69 28.72 -4.28
CA GLY F 30 2.92 29.95 -4.39
C GLY F 30 3.75 31.21 -4.49
N PHE F 31 4.95 31.09 -5.06
CA PHE F 31 5.84 32.24 -5.18
C PHE F 31 6.10 32.66 -6.62
N HIS F 32 6.39 33.95 -6.80
CA HIS F 32 6.67 34.51 -8.12
C HIS F 32 7.41 35.84 -7.92
N PRO F 33 8.55 36.03 -8.62
CA PRO F 33 9.15 35.15 -9.63
C PRO F 33 9.81 33.89 -9.08
N SER F 34 10.40 33.11 -9.99
CA SER F 34 10.90 31.77 -9.68
C SER F 34 12.15 31.73 -8.81
N ASP F 35 12.98 32.76 -8.90
CA ASP F 35 14.24 32.79 -8.16
C ASP F 35 14.03 32.74 -6.65
N ILE F 36 14.41 31.62 -6.05
CA ILE F 36 14.23 31.41 -4.62
C ILE F 36 15.43 30.67 -4.02
N GLU F 37 15.75 30.99 -2.76
CA GLU F 37 16.88 30.36 -2.09
C GLU F 37 16.40 29.55 -0.88
N VAL F 38 16.64 28.25 -0.91
CA VAL F 38 16.19 27.36 0.15
C VAL F 38 17.32 26.46 0.66
N ASP F 39 17.52 26.45 1.97
CA ASP F 39 18.50 25.58 2.60
C ASP F 39 18.01 25.04 3.94
N LEU F 40 18.39 23.79 4.24
CA LEU F 40 17.95 23.13 5.46
C LEU F 40 18.95 23.30 6.59
N LEU F 41 18.45 23.46 7.80
CA LEU F 41 19.30 23.73 8.95
C LEU F 41 19.25 22.62 10.00
N LYS F 42 20.41 22.04 10.30
CA LYS F 42 20.52 21.06 11.37
C LYS F 42 21.18 21.69 12.59
N ASN F 43 20.42 21.84 13.66
CA ASN F 43 20.88 22.49 14.88
C ASN F 43 21.36 23.93 14.65
N GLY F 44 20.67 24.63 13.76
CA GLY F 44 20.99 26.02 13.48
C GLY F 44 22.01 26.20 12.37
N GLU F 45 22.68 25.11 12.00
CA GLU F 45 23.70 25.16 10.96
C GLU F 45 23.23 24.53 9.66
N ARG F 46 23.71 25.06 8.54
CA ARG F 46 23.28 24.60 7.22
C ARG F 46 23.78 23.20 6.89
N ILE F 47 22.89 22.37 6.35
CA ILE F 47 23.25 21.04 5.87
C ILE F 47 23.84 21.16 4.46
N GLU F 48 25.02 20.58 4.27
CA GLU F 48 25.75 20.71 3.01
C GLU F 48 25.09 20.02 1.83
N LYS F 49 24.55 18.81 2.05
CA LYS F 49 23.94 18.05 0.97
C LYS F 49 22.42 18.10 1.00
N VAL F 50 21.85 18.99 0.20
CA VAL F 50 20.40 19.15 0.11
C VAL F 50 19.94 19.05 -1.34
N GLU F 51 19.17 18.03 -1.67
CA GLU F 51 18.66 17.84 -3.02
C GLU F 51 17.28 18.46 -3.16
N HIS F 52 16.99 19.01 -4.34
CA HIS F 52 15.72 19.69 -4.59
C HIS F 52 15.01 19.10 -5.79
N SER F 53 13.68 19.13 -5.77
CA SER F 53 12.87 18.67 -6.88
C SER F 53 13.03 19.63 -8.06
N ASP F 54 12.58 19.20 -9.23
CA ASP F 54 12.63 20.04 -10.42
C ASP F 54 11.55 21.13 -10.34
N LEU F 55 11.82 22.28 -10.95
CA LEU F 55 10.91 23.41 -10.88
C LEU F 55 9.63 23.19 -11.67
N SER F 56 8.51 23.67 -11.12
CA SER F 56 7.21 23.56 -11.77
C SER F 56 6.32 24.69 -11.32
N PHE F 57 5.20 24.89 -12.00
CA PHE F 57 4.23 25.90 -11.58
C PHE F 57 2.78 25.46 -11.78
N SER F 58 1.89 25.99 -10.95
CA SER F 58 0.48 25.63 -10.98
C SER F 58 -0.32 26.57 -11.90
N LYS F 59 -1.65 26.44 -11.85
CA LYS F 59 -2.52 27.18 -12.76
C LYS F 59 -2.64 28.67 -12.44
N ASP F 60 -2.15 29.06 -11.27
CA ASP F 60 -2.16 30.46 -10.88
C ASP F 60 -0.80 31.11 -11.19
N TRP F 61 -0.04 30.43 -12.06
CA TRP F 61 1.30 30.85 -12.46
C TRP F 61 2.34 30.79 -11.34
N SER F 62 1.94 30.25 -10.19
CA SER F 62 2.83 30.20 -9.02
C SER F 62 3.75 28.98 -9.05
N PHE F 63 5.03 29.22 -8.78
CA PHE F 63 6.02 28.14 -8.80
C PHE F 63 6.00 27.34 -7.50
N TYR F 64 6.49 26.10 -7.56
CA TYR F 64 6.61 25.27 -6.37
C TYR F 64 7.79 24.29 -6.43
N LEU F 65 8.50 24.17 -5.31
CA LEU F 65 9.66 23.30 -5.22
C LEU F 65 9.61 22.42 -3.98
N LEU F 66 10.38 21.34 -4.00
CA LEU F 66 10.52 20.48 -2.82
C LEU F 66 11.99 20.18 -2.55
N TYR F 67 12.49 20.70 -1.43
CA TYR F 67 13.86 20.45 -1.00
C TYR F 67 13.89 19.34 0.03
N TYR F 68 14.72 18.33 -0.20
CA TYR F 68 14.76 17.16 0.68
C TYR F 68 16.18 16.68 0.95
N THR F 69 16.34 15.98 2.07
CA THR F 69 17.60 15.36 2.44
C THR F 69 17.38 14.20 3.40
N GLU F 70 18.36 13.31 3.49
CA GLU F 70 18.31 12.22 4.46
C GLU F 70 18.78 12.72 5.81
N PHE F 71 18.18 12.20 6.87
CA PHE F 71 18.58 12.56 8.23
C PHE F 71 18.07 11.55 9.26
N THR F 72 18.59 11.66 10.48
CA THR F 72 18.14 10.81 11.58
C THR F 72 17.82 11.68 12.79
N PRO F 73 16.51 11.79 13.12
CA PRO F 73 16.04 12.63 14.22
C PRO F 73 16.33 12.04 15.59
N THR F 74 16.61 12.90 16.56
CA THR F 74 16.83 12.47 17.94
C THR F 74 15.88 13.22 18.87
N GLU F 75 16.30 13.42 20.11
CA GLU F 75 15.45 14.07 21.09
C GLU F 75 15.72 15.58 21.20
N LYS F 76 17.00 15.95 21.28
CA LYS F 76 17.36 17.34 21.51
C LYS F 76 17.82 18.06 20.24
N ASP F 77 17.79 17.36 19.12
CA ASP F 77 18.17 17.97 17.83
C ASP F 77 16.99 18.69 17.20
N GLU F 78 17.11 20.00 17.07
CA GLU F 78 16.06 20.82 16.47
C GLU F 78 16.41 21.19 15.04
N TYR F 79 15.52 20.85 14.10
CA TYR F 79 15.72 21.16 12.70
C TYR F 79 14.87 22.35 12.28
N ALA F 80 15.20 22.94 11.14
CA ALA F 80 14.46 24.09 10.63
C ALA F 80 14.65 24.27 9.13
N CYS F 81 14.07 25.32 8.58
CA CYS F 81 14.17 25.61 7.16
C CYS F 81 14.38 27.11 6.94
N ARG F 82 15.34 27.45 6.09
CA ARG F 82 15.61 28.85 5.79
C ARG F 82 15.25 29.16 4.33
N VAL F 83 14.31 30.08 4.16
CA VAL F 83 13.85 30.46 2.83
C VAL F 83 13.93 31.96 2.62
N ASN F 84 14.62 32.37 1.56
CA ASN F 84 14.63 33.77 1.16
C ASN F 84 14.08 33.95 -0.25
N HIS F 85 13.26 34.99 -0.42
CA HIS F 85 12.69 35.31 -1.72
C HIS F 85 12.79 36.82 -1.91
N VAL F 86 12.61 37.28 -3.14
CA VAL F 86 12.70 38.70 -3.45
C VAL F 86 11.59 39.49 -2.77
N THR F 87 10.49 38.80 -2.47
CA THR F 87 9.33 39.41 -1.83
C THR F 87 9.48 39.48 -0.31
N LEU F 88 10.57 38.91 0.21
CA LEU F 88 10.80 38.89 1.65
C LEU F 88 11.83 39.93 2.08
N SER F 89 11.47 40.72 3.10
CA SER F 89 12.37 41.74 3.63
C SER F 89 13.60 41.09 4.26
N GLN F 90 13.36 40.08 5.09
CA GLN F 90 14.43 39.28 5.67
C GLN F 90 14.06 37.81 5.58
N PRO F 91 15.06 36.93 5.40
CA PRO F 91 14.87 35.48 5.23
C PRO F 91 13.91 34.87 6.24
N LYS F 92 13.15 33.88 5.80
CA LYS F 92 12.15 33.24 6.65
C LYS F 92 12.69 31.97 7.30
N ILE F 93 12.37 31.79 8.57
CA ILE F 93 12.76 30.60 9.31
C ILE F 93 11.53 29.88 9.86
N VAL F 94 11.42 28.59 9.57
CA VAL F 94 10.29 27.80 10.07
C VAL F 94 10.79 26.55 10.80
N LYS F 95 10.51 26.49 12.09
CA LYS F 95 10.94 25.37 12.92
C LYS F 95 10.21 24.08 12.54
N TRP F 96 10.89 22.95 12.72
CA TRP F 96 10.30 21.66 12.37
C TRP F 96 9.52 21.05 13.53
N ASP F 97 8.28 20.66 13.25
CA ASP F 97 7.44 19.99 14.23
C ASP F 97 7.12 18.60 13.74
N ARG F 98 7.55 17.58 14.49
CA ARG F 98 7.41 16.19 14.08
C ARG F 98 5.96 15.74 13.96
N ASP F 99 5.05 16.49 14.57
CA ASP F 99 3.62 16.20 14.44
C ASP F 99 2.88 17.37 13.78
N MET F 100 3.42 17.84 12.66
CA MET F 100 2.81 18.90 11.88
C MET F 100 3.25 18.84 10.43
N SER G 1 2.58 15.50 -27.96
CA SER G 1 3.39 16.41 -28.75
C SER G 1 2.96 17.85 -28.56
N ILE G 2 3.89 18.69 -28.11
CA ILE G 2 3.61 20.11 -27.90
C ILE G 2 3.45 20.81 -29.25
N ILE G 3 2.94 22.04 -29.22
CA ILE G 3 2.72 22.81 -30.44
C ILE G 3 3.90 23.74 -30.74
N ASN G 4 4.17 23.97 -32.02
CA ASN G 4 5.13 24.97 -32.44
C ASN G 4 4.58 26.37 -32.23
N PHE G 5 5.03 27.03 -31.16
CA PHE G 5 4.50 28.34 -30.78
C PHE G 5 4.81 29.44 -31.79
N GLU G 6 3.91 30.41 -31.88
CA GLU G 6 4.10 31.57 -32.74
C GLU G 6 4.59 32.75 -31.90
N LYS G 7 5.37 33.65 -32.52
CA LYS G 7 5.92 34.80 -31.81
C LYS G 7 4.87 35.80 -31.38
N LEU G 8 5.20 36.60 -30.36
CA LEU G 8 4.31 37.63 -29.86
C LEU G 8 4.47 38.93 -30.65
N ARG H 6 -20.80 37.57 -30.45
CA ARG H 6 -20.09 37.47 -29.19
C ARG H 6 -21.03 37.60 -27.99
N CYS H 7 -21.27 38.82 -27.56
CA CYS H 7 -22.11 39.08 -26.40
C CYS H 7 -22.83 40.43 -26.52
N GLU H 8 -23.76 40.67 -25.59
CA GLU H 8 -24.59 41.87 -25.63
C GLU H 8 -23.79 43.15 -25.34
N LYS H 9 -24.41 44.28 -25.61
CA LYS H 9 -23.81 45.59 -25.35
C LYS H 9 -23.62 45.81 -23.86
N GLU H 11 -23.09 43.58 -21.55
CA GLU H 11 -22.03 42.72 -21.01
C GLU H 11 -20.64 43.33 -21.22
N GLU H 12 -20.46 44.00 -22.35
CA GLU H 12 -19.17 44.61 -22.67
C GLU H 12 -18.92 45.89 -21.89
N GLU H 13 -19.97 46.39 -21.23
CA GLU H 13 -19.88 47.65 -20.50
C GLU H 13 -19.93 47.45 -18.98
N THR H 14 -20.39 46.28 -18.54
CA THR H 14 -20.48 45.97 -17.12
C THR H 14 -19.14 45.44 -16.61
N TRP H 15 -18.42 46.28 -15.87
CA TRP H 15 -17.13 45.88 -15.31
C TRP H 15 -17.23 45.55 -13.82
N LYS H 16 -16.62 44.43 -13.43
CA LYS H 16 -16.66 43.98 -12.05
C LYS H 16 -15.27 43.85 -11.44
N LEU H 17 -15.14 44.22 -10.18
CA LEU H 17 -13.86 44.16 -9.49
C LEU H 17 -13.95 43.29 -8.23
N LYS H 18 -13.04 42.33 -8.13
CA LYS H 18 -12.94 41.50 -6.94
C LYS H 18 -11.50 41.38 -6.46
N ILE H 19 -11.26 41.80 -5.23
CA ILE H 19 -9.94 41.66 -4.62
C ILE H 19 -10.00 40.69 -3.46
N GLY H 20 -9.33 39.55 -3.60
CA GLY H 20 -9.26 38.57 -2.53
C GLY H 20 -7.94 38.66 -1.79
N CYS H 22 -5.90 36.55 1.51
CA CYS H 22 -5.83 35.55 2.57
C CYS H 22 -4.74 35.89 3.58
N ILE H 23 -5.12 36.04 4.84
CA ILE H 23 -4.17 36.36 5.89
C ILE H 23 -4.06 35.21 6.88
N GLN H 24 -2.84 34.72 7.09
CA GLN H 24 -2.60 33.64 8.03
C GLN H 24 -1.94 34.16 9.32
N ALA H 25 -2.50 33.78 10.45
CA ALA H 25 -2.02 34.24 11.74
C ALA H 25 -0.69 33.62 12.11
N LYS H 26 0.12 34.35 12.87
CA LYS H 26 1.41 33.87 13.33
C LYS H 26 1.52 33.96 14.85
N ASP H 27 1.95 32.87 15.46
CA ASP H 27 2.16 32.79 16.91
C ASP H 27 0.91 33.05 17.76
N PHE H 28 -0.26 33.03 17.11
CA PHE H 28 -1.53 33.17 17.83
C PHE H 28 -2.69 32.61 17.02
N TYR H 29 -3.81 32.37 17.70
CA TYR H 29 -5.01 31.85 17.05
C TYR H 29 -6.01 32.96 16.75
N SER H 30 -6.28 33.18 15.47
CA SER H 30 -7.27 34.18 15.07
C SER H 30 -8.68 33.63 15.26
N LYS H 31 -9.55 34.43 15.85
CA LYS H 31 -10.91 34.01 16.17
C LYS H 31 -11.90 34.46 15.11
N ARG H 32 -12.82 33.58 14.74
CA ARG H 32 -13.88 33.90 13.81
C ARG H 32 -14.88 34.87 14.43
N THR H 33 -15.25 35.90 13.68
CA THR H 33 -16.21 36.89 14.18
C THR H 33 -16.88 37.66 13.05
N ASP H 34 -17.87 38.47 13.43
CA ASP H 34 -18.54 39.35 12.48
C ASP H 34 -17.55 40.43 12.05
N CYS H 35 -17.81 41.04 10.90
CA CYS H 35 -16.94 42.10 10.41
C CYS H 35 -17.67 43.42 10.23
N SER H 36 -16.96 44.52 10.44
CA SER H 36 -17.51 45.86 10.27
C SER H 36 -16.81 46.58 9.14
N VAL H 37 -17.45 47.64 8.63
CA VAL H 37 -16.85 48.45 7.58
C VAL H 37 -17.36 49.89 7.64
N HIS H 38 -16.42 50.84 7.60
CA HIS H 38 -16.77 52.25 7.71
C HIS H 38 -15.93 53.08 6.76
N ARG H 39 -16.52 54.17 6.25
CA ARG H 39 -15.77 55.14 5.48
C ARG H 39 -15.36 56.29 6.40
N PRO H 40 -14.09 56.32 6.80
CA PRO H 40 -13.61 57.36 7.72
C PRO H 40 -13.59 58.73 7.05
N ASP H 41 -14.10 59.74 7.75
CA ASP H 41 -14.04 61.11 7.26
C ASP H 41 -12.63 61.66 7.42
N VAL H 42 -11.78 60.89 8.09
CA VAL H 42 -10.40 61.25 8.30
C VAL H 42 -9.63 61.19 6.98
N GLY H 43 -9.79 60.09 6.26
CA GLY H 43 -9.15 59.90 4.98
C GLY H 43 -10.00 59.09 4.03
N GLY H 44 -9.93 59.42 2.74
CA GLY H 44 -10.72 58.74 1.73
C GLY H 44 -10.41 57.26 1.61
N GLY H 45 -11.42 56.43 1.80
CA GLY H 45 -11.26 54.99 1.72
C GLY H 45 -12.20 54.24 2.63
N LEU H 46 -11.73 53.14 3.21
CA LEU H 46 -12.54 52.32 4.11
C LEU H 46 -11.70 51.63 5.17
N ILE H 47 -12.31 51.41 6.33
CA ILE H 47 -11.66 50.67 7.42
C ILE H 47 -12.54 49.50 7.83
N THR H 48 -11.96 48.31 7.91
CA THR H 48 -12.73 47.13 8.28
C THR H 48 -12.15 46.38 9.48
N GLU H 49 -13.01 46.10 10.47
CA GLU H 49 -12.60 45.36 11.64
C GLU H 49 -13.20 43.95 11.60
N GLY H 50 -12.39 42.94 11.89
CA GLY H 50 -12.87 41.57 11.91
C GLY H 50 -11.78 40.53 11.76
N ASN H 51 -12.02 39.36 12.36
CA ASN H 51 -11.11 38.22 12.29
C ASN H 51 -9.72 38.49 12.86
N GLY H 52 -9.66 39.29 13.91
CA GLY H 52 -8.40 39.56 14.60
C GLY H 52 -7.58 40.64 13.96
N TYR H 53 -8.06 41.17 12.84
CA TYR H 53 -7.34 42.23 12.14
C TYR H 53 -8.24 43.43 11.85
N ARG H 54 -7.62 44.60 11.75
CA ARG H 54 -8.31 45.76 11.21
C ARG H 54 -7.55 46.29 10.01
N VAL H 55 -8.25 46.44 8.89
CA VAL H 55 -7.60 46.74 7.62
C VAL H 55 -8.04 48.10 7.05
N VAL H 56 -7.06 48.90 6.65
CA VAL H 56 -7.33 50.20 6.06
C VAL H 56 -6.98 50.19 4.57
N VAL H 57 -7.92 50.65 3.74
CA VAL H 57 -7.69 50.69 2.29
C VAL H 57 -7.85 52.10 1.75
N HIS H 58 -6.78 52.64 1.16
CA HIS H 58 -6.80 53.99 0.61
C HIS H 58 -6.59 54.00 -0.90
N ASP H 59 -6.80 55.17 -1.50
CA ASP H 59 -6.43 55.40 -2.89
C ASP H 59 -5.57 56.65 -2.97
N GLN H 60 -4.95 56.88 -4.13
CA GLN H 60 -4.06 58.03 -4.28
C GLN H 60 -4.82 59.30 -4.69
N CYS H 61 -6.12 59.32 -4.39
CA CYS H 61 -6.95 60.48 -4.69
C CYS H 61 -7.07 61.42 -3.49
N GLU H 62 -6.84 62.71 -3.73
CA GLU H 62 -7.03 63.72 -2.70
C GLU H 62 -8.38 64.39 -2.92
N GLU H 63 -8.72 64.61 -4.19
CA GLU H 63 -10.00 65.19 -4.58
C GLU H 63 -11.09 64.15 -4.34
N PRO H 64 -12.24 64.58 -3.77
CA PRO H 64 -13.35 63.68 -3.51
C PRO H 64 -13.84 62.94 -4.75
N ASN H 65 -13.43 61.68 -4.89
CA ASN H 65 -13.84 60.83 -6.00
C ASN H 65 -14.47 59.54 -5.47
N PRO H 66 -15.35 58.92 -6.27
CA PRO H 66 -15.95 57.64 -5.88
C PRO H 66 -14.89 56.55 -5.69
N PHE H 67 -14.89 55.93 -4.52
CA PHE H 67 -13.93 54.88 -4.22
C PHE H 67 -14.21 53.64 -5.08
N ILE H 68 -13.15 53.00 -5.55
CA ILE H 68 -13.29 51.91 -6.51
C ILE H 68 -13.85 50.63 -5.88
N ILE H 69 -13.84 50.58 -4.55
CA ILE H 69 -14.40 49.43 -3.84
C ILE H 69 -15.74 49.79 -3.21
N ALA H 70 -16.73 48.91 -3.40
CA ALA H 70 -18.08 49.17 -2.92
C ALA H 70 -18.52 48.23 -1.80
N THR H 71 -18.14 46.96 -1.89
CA THR H 71 -18.59 45.97 -0.92
C THR H 71 -17.42 45.23 -0.26
N THR H 72 -17.58 44.91 1.02
CA THR H 72 -16.55 44.18 1.76
C THR H 72 -17.14 42.94 2.44
N LYS H 73 -16.47 41.80 2.29
CA LYS H 73 -16.90 40.56 2.91
C LYS H 73 -15.74 39.86 3.60
N GLN H 74 -16.04 39.13 4.67
CA GLN H 74 -15.03 38.37 5.40
C GLN H 74 -15.53 37.01 5.85
N THR H 75 -14.59 36.08 6.02
CA THR H 75 -14.91 34.75 6.55
C THR H 75 -13.69 34.20 7.28
N HIS H 76 -13.88 33.09 7.99
CA HIS H 76 -12.80 32.50 8.76
C HIS H 76 -12.81 30.98 8.69
N PHE H 77 -11.62 30.38 8.62
CA PHE H 77 -11.49 28.93 8.61
C PHE H 77 -10.36 28.50 9.54
N GLY H 78 -10.62 27.45 10.31
CA GLY H 78 -9.64 26.93 11.25
C GLY H 78 -9.31 27.94 12.34
N VAL H 79 -8.03 28.06 12.66
CA VAL H 79 -7.59 28.95 13.73
C VAL H 79 -6.52 29.93 13.28
N THR H 80 -6.18 29.90 12.00
CA THR H 80 -5.13 30.76 11.47
C THR H 80 -5.55 31.59 10.26
N HIS H 81 -6.41 31.01 9.43
CA HIS H 81 -6.78 31.66 8.16
C HIS H 81 -7.90 32.69 8.30
N SER H 82 -7.69 33.86 7.71
CA SER H 82 -8.71 34.91 7.67
C SER H 82 -8.76 35.51 6.26
N TYR H 83 -9.93 35.44 5.64
CA TYR H 83 -10.08 35.89 4.25
C TYR H 83 -10.96 37.13 4.13
N ILE H 84 -10.56 38.05 3.25
CA ILE H 84 -11.31 39.28 3.00
C ILE H 84 -11.55 39.47 1.51
N GLU H 85 -12.76 39.86 1.15
CA GLU H 85 -13.10 40.06 -0.26
C GLU H 85 -13.69 41.46 -0.52
N PHE H 86 -12.93 42.27 -1.25
CA PHE H 86 -13.39 43.59 -1.65
C PHE H 86 -14.05 43.50 -3.04
N SER H 87 -15.26 44.02 -3.16
CA SER H 87 -16.05 43.83 -4.38
C SER H 87 -16.64 45.12 -4.94
N ASN H 88 -17.02 45.07 -6.22
CA ASN H 88 -17.76 46.14 -6.87
C ASN H 88 -18.45 45.60 -8.12
N SER H 89 -19.76 45.48 -8.05
CA SER H 89 -20.54 44.87 -9.13
C SER H 89 -20.53 45.67 -10.42
N ASN H 90 -20.30 46.97 -10.32
CA ASN H 90 -20.20 47.82 -11.51
C ASN H 90 -19.29 49.03 -11.33
N THR H 91 -18.02 48.86 -11.66
CA THR H 91 -17.04 49.95 -11.60
C THR H 91 -17.15 50.83 -12.83
N GLY H 92 -17.69 50.27 -13.91
CA GLY H 92 -17.69 50.95 -15.20
C GLY H 92 -16.36 50.71 -15.87
N ALA H 93 -16.25 51.10 -17.13
CA ALA H 93 -15.00 50.92 -17.88
C ALA H 93 -13.84 51.65 -17.21
N PRO H 94 -12.67 51.01 -17.14
CA PRO H 94 -11.48 51.59 -16.51
C PRO H 94 -10.98 52.83 -17.24
N GLU H 95 -11.44 53.03 -18.47
CA GLU H 95 -11.09 54.21 -19.26
C GLU H 95 -11.70 55.46 -18.63
N ASN H 96 -12.88 55.29 -18.04
CA ASN H 96 -13.62 56.41 -17.48
C ASN H 96 -13.33 56.65 -16.01
N ILE H 97 -12.49 55.79 -15.43
CA ILE H 97 -12.11 55.93 -14.02
C ILE H 97 -10.76 56.63 -13.90
N PRO H 98 -10.71 57.68 -13.06
CA PRO H 98 -9.47 58.41 -12.77
C PRO H 98 -8.34 57.46 -12.35
N ASP H 99 -7.11 57.78 -12.74
CA ASP H 99 -5.97 56.92 -12.49
C ASP H 99 -5.70 56.75 -10.99
N CYS H 100 -5.84 57.84 -10.25
CA CYS H 100 -5.57 57.84 -8.81
C CYS H 100 -6.46 56.86 -8.05
N SER H 101 -7.69 56.68 -8.55
CA SER H 101 -8.62 55.77 -7.91
C SER H 101 -8.30 54.31 -8.21
N LYS H 102 -7.32 54.11 -9.09
CA LYS H 102 -6.90 52.75 -9.46
C LYS H 102 -5.58 52.36 -8.82
N HIS H 103 -5.06 53.23 -7.95
CA HIS H 103 -3.90 52.91 -7.14
C HIS H 103 -4.33 52.64 -5.71
N ILE H 104 -4.27 51.37 -5.32
CA ILE H 104 -4.79 50.94 -4.02
C ILE H 104 -3.67 50.70 -3.00
N LEU H 105 -3.83 51.28 -1.82
CA LEU H 105 -2.91 51.03 -0.71
C LEU H 105 -3.65 50.37 0.45
N ILE H 106 -3.26 49.14 0.76
CA ILE H 106 -3.92 48.37 1.82
C ILE H 106 -3.00 48.13 3.00
N SER H 107 -3.45 48.54 4.19
CA SER H 107 -2.67 48.36 5.42
C SER H 107 -3.37 47.39 6.36
N VAL H 108 -2.67 46.32 6.72
CA VAL H 108 -3.25 45.30 7.58
C VAL H 108 -2.63 45.30 8.98
N TYR H 109 -3.41 45.75 9.96
CA TYR H 109 -2.97 45.75 11.35
C TYR H 109 -3.66 44.64 12.12
N CYS H 110 -3.04 44.18 13.21
CA CYS H 110 -3.64 43.13 14.03
C CYS H 110 -4.22 43.68 15.32
N ASP H 111 -5.43 43.23 15.65
CA ASP H 111 -6.15 43.71 16.84
C ASP H 111 -6.13 42.70 17.98
N GLN H 112 -6.25 41.42 17.62
CA GLN H 112 -6.34 40.35 18.60
C GLN H 112 -5.08 40.25 19.45
N GLU H 113 -3.95 40.03 18.79
CA GLU H 113 -2.67 39.87 19.48
C GLU H 113 -1.93 41.21 19.59
N ALA H 114 -1.19 41.38 20.68
CA ALA H 114 -0.39 42.59 20.88
C ALA H 114 0.69 42.68 19.80
N SER H 115 0.53 43.65 18.90
CA SER H 115 1.41 43.80 17.76
C SER H 115 2.85 44.14 18.13
N GLY H 116 3.79 43.65 17.32
CA GLY H 116 5.20 43.95 17.51
C GLY H 116 5.62 45.12 16.64
N LEU H 117 4.70 45.55 15.78
CA LEU H 117 4.90 46.72 14.93
C LEU H 117 6.11 46.61 14.00
N ASP H 118 6.27 45.45 13.38
CA ASP H 118 7.32 45.24 12.39
C ASP H 118 6.69 45.05 11.01
N PHE H 119 6.46 46.15 10.32
CA PHE H 119 5.74 46.13 9.05
C PHE H 119 6.61 45.78 7.85
N HIS H 120 5.94 45.42 6.76
CA HIS H 120 6.58 45.13 5.49
C HIS H 120 5.66 45.56 4.36
N THR H 121 6.18 46.35 3.44
CA THR H 121 5.39 46.84 2.31
C THR H 121 5.80 46.15 1.02
N LEU H 122 4.84 45.52 0.36
CA LEU H 122 5.10 44.80 -0.88
C LEU H 122 4.05 45.14 -1.93
N LYS H 123 4.51 45.43 -3.14
CA LYS H 123 3.61 45.73 -4.24
C LYS H 123 3.21 44.43 -4.94
N TYR H 124 2.00 43.97 -4.66
CA TYR H 124 1.53 42.67 -5.14
C TYR H 124 1.07 42.70 -6.59
N VAL H 125 0.38 43.77 -6.98
CA VAL H 125 -0.19 43.86 -8.32
C VAL H 125 0.24 45.12 -9.05
N GLU H 126 0.70 44.97 -10.28
CA GLU H 126 1.10 46.10 -11.12
C GLU H 126 0.60 45.89 -12.55
N SER H 127 -0.52 46.51 -12.88
CA SER H 127 -1.10 46.39 -14.21
C SER H 127 -1.75 47.69 -14.67
N ASN H 128 -2.21 47.70 -15.91
CA ASN H 128 -2.84 48.88 -16.49
C ASN H 128 -4.19 49.22 -15.87
N TYR H 129 -4.81 48.21 -15.24
CA TYR H 129 -6.14 48.38 -14.67
C TYR H 129 -6.09 48.70 -13.17
N LEU H 130 -5.12 48.13 -12.47
CA LEU H 130 -5.09 48.24 -11.02
C LEU H 130 -3.69 48.14 -10.44
N HIS H 131 -3.47 48.83 -9.32
CA HIS H 131 -2.22 48.74 -8.58
C HIS H 131 -2.53 48.38 -7.12
N ILE H 132 -2.02 47.24 -6.67
CA ILE H 132 -2.28 46.79 -5.30
C ILE H 132 -1.00 46.72 -4.46
N THR H 133 -0.91 47.59 -3.46
CA THR H 133 0.22 47.58 -2.54
C THR H 133 -0.25 47.20 -1.14
N VAL H 134 0.43 46.24 -0.51
CA VAL H 134 0.03 45.76 0.80
C VAL H 134 1.10 45.99 1.86
N LYS H 135 0.69 46.64 2.96
CA LYS H 135 1.55 46.88 4.11
C LYS H 135 0.97 46.12 5.30
N TYR H 136 1.75 45.23 5.90
CA TYR H 136 1.24 44.41 6.99
C TYR H 136 2.27 44.13 8.09
N ASP H 137 1.75 43.95 9.31
CA ASP H 137 2.59 43.65 10.47
C ASP H 137 2.99 42.18 10.47
N THR H 138 4.28 41.92 10.31
CA THR H 138 4.78 40.55 10.20
C THR H 138 4.96 39.87 11.55
N SER H 139 4.67 40.59 12.63
CA SER H 139 4.78 40.03 13.97
C SER H 139 3.60 39.12 14.28
N CYS H 140 2.45 39.43 13.69
CA CYS H 140 1.24 38.64 13.91
C CYS H 140 0.71 37.99 12.64
N ILE H 141 1.39 38.23 11.52
CA ILE H 141 0.97 37.65 10.24
C ILE H 141 2.04 36.74 9.64
N ASN H 142 1.67 35.47 9.45
CA ASN H 142 2.61 34.47 8.95
C ASN H 142 2.74 34.49 7.43
N HIS H 143 1.62 34.69 6.74
CA HIS H 143 1.62 34.73 5.28
C HIS H 143 0.42 35.53 4.74
N LEU H 144 0.63 36.20 3.61
CA LEU H 144 -0.42 36.99 2.98
C LEU H 144 -0.44 36.78 1.47
N GLY H 145 -1.59 36.36 0.95
CA GLY H 145 -1.77 36.17 -0.48
C GLY H 145 -2.85 37.09 -1.02
N VAL H 146 -2.69 37.54 -2.26
CA VAL H 146 -3.66 38.45 -2.87
C VAL H 146 -4.08 37.97 -4.25
N ASN H 147 -5.38 37.79 -4.44
CA ASN H 147 -5.91 37.47 -5.76
C ASN H 147 -6.64 38.67 -6.35
N TYR H 148 -6.52 38.85 -7.65
CA TYR H 148 -7.02 40.04 -8.32
C TYR H 148 -7.78 39.70 -9.60
N SER H 149 -8.94 40.31 -9.77
CA SER H 149 -9.78 40.07 -10.94
C SER H 149 -10.57 41.33 -11.31
N PHE H 150 -10.39 41.77 -12.55
CA PHE H 150 -11.02 43.01 -13.01
C PHE H 150 -11.29 42.94 -14.52
N ASN H 152 -14.84 42.70 -17.72
CA ASN H 152 -16.26 42.78 -18.02
C ASN H 152 -16.93 41.41 -18.15
N GLU H 153 -18.26 41.41 -18.19
CA GLU H 153 -19.02 40.16 -18.23
C GLU H 153 -18.81 39.37 -19.51
N CYS H 154 -18.44 40.05 -20.58
CA CYS H 154 -18.19 39.38 -21.86
C CYS H 154 -16.93 38.53 -21.79
N GLU H 155 -15.83 39.15 -21.39
CA GLU H 155 -14.54 38.46 -21.30
C GLU H 155 -14.54 37.38 -20.23
N ARG H 156 -15.29 37.62 -19.15
CA ARG H 156 -15.40 36.65 -18.07
C ARG H 156 -16.12 35.39 -18.57
N LYS H 157 -17.13 35.60 -19.41
CA LYS H 157 -17.90 34.50 -19.98
C LYS H 157 -17.08 33.71 -21.00
N LEU H 158 -16.14 34.40 -21.65
CA LEU H 158 -15.34 33.78 -22.71
C LEU H 158 -14.04 33.16 -22.19
N THR H 159 -13.73 33.42 -20.93
CA THR H 159 -12.52 32.86 -20.31
C THR H 159 -12.83 32.19 -18.98
N SER H 160 -13.98 31.54 -18.89
CA SER H 160 -14.40 30.87 -17.66
C SER H 160 -13.67 29.53 -17.48
N ILE H 161 -13.14 29.01 -18.58
CA ILE H 161 -12.41 27.74 -18.55
C ILE H 161 -11.04 27.89 -17.89
N TYR H 162 -10.59 29.15 -17.75
CA TYR H 162 -9.33 29.42 -17.09
C TYR H 162 -9.55 29.77 -15.62
N GLU H 163 -9.06 28.89 -14.75
CA GLU H 163 -9.23 29.07 -13.30
C GLU H 163 -7.93 29.58 -12.68
N THR H 164 -7.95 30.82 -12.22
CA THR H 164 -6.75 31.46 -11.69
C THR H 164 -6.82 31.70 -10.18
N ASP H 165 -7.95 31.38 -9.58
CA ASP H 165 -8.13 31.56 -8.14
C ASP H 165 -7.77 30.29 -7.39
N THR H 166 -6.80 30.39 -6.49
CA THR H 166 -6.35 29.24 -5.71
C THR H 166 -6.27 29.58 -4.22
N LEU H 167 -6.72 30.77 -3.87
CA LEU H 167 -6.73 31.21 -2.47
C LEU H 167 -7.83 30.52 -1.68
N THR H 168 -7.67 29.23 -1.44
CA THR H 168 -8.63 28.44 -0.68
C THR H 168 -8.77 29.00 0.74
N CYS H 169 -7.63 29.43 1.29
CA CYS H 169 -7.58 30.10 2.59
C CYS H 169 -8.20 29.30 3.73
N GLY H 170 -7.82 28.02 3.82
CA GLY H 170 -8.27 27.17 4.91
C GLY H 170 -9.44 26.26 4.55
N ALA H 171 -9.98 26.43 3.35
CA ALA H 171 -11.08 25.59 2.90
C ALA H 171 -10.60 24.60 1.85
N LYS H 172 -11.46 23.63 1.52
CA LYS H 172 -11.10 22.58 0.57
C LYS H 172 -11.00 23.14 -0.85
N ASP H 173 -11.84 24.13 -1.15
CA ASP H 173 -11.86 24.77 -2.46
C ASP H 173 -12.41 26.19 -2.36
N ILE H 174 -12.35 26.94 -3.46
CA ILE H 174 -12.80 28.32 -3.46
C ILE H 174 -14.31 28.43 -3.23
N GLN H 175 -15.05 27.42 -3.71
CA GLN H 175 -16.49 27.39 -3.54
C GLN H 175 -16.88 27.36 -2.06
N THR H 176 -16.15 26.56 -1.29
CA THR H 176 -16.43 26.45 0.14
C THR H 176 -16.10 27.75 0.86
N ARG H 177 -15.04 28.43 0.38
CA ARG H 177 -14.65 29.72 0.93
C ARG H 177 -15.75 30.76 0.79
N ASP H 178 -16.32 30.82 -0.42
CA ASP H 178 -17.35 31.82 -0.73
C ASP H 178 -18.69 31.50 -0.10
N LYS H 179 -18.87 30.25 0.35
CA LYS H 179 -20.12 29.84 0.96
C LYS H 179 -20.30 30.46 2.33
N TYR H 180 -19.21 30.57 3.09
CA TYR H 180 -19.26 31.07 4.45
C TYR H 180 -18.94 32.56 4.57
N LEU H 181 -18.91 33.26 3.44
CA LEU H 181 -18.66 34.70 3.45
C LEU H 181 -19.80 35.46 4.10
N LYS H 182 -19.44 36.51 4.84
CA LYS H 182 -20.44 37.37 5.48
C LYS H 182 -20.17 38.84 5.16
N THR H 183 -21.20 39.53 4.68
CA THR H 183 -21.07 40.94 4.31
C THR H 183 -20.83 41.80 5.55
N CYS H 184 -19.78 42.60 5.51
CA CYS H 184 -19.43 43.48 6.63
C CYS H 184 -20.44 44.61 6.77
N THR H 185 -20.78 44.94 8.02
CA THR H 185 -21.85 45.90 8.30
C THR H 185 -21.32 47.23 8.83
N ASN H 186 -22.22 48.21 8.89
CA ASN H 186 -21.87 49.55 9.38
C ASN H 186 -22.17 49.67 10.87
N THR H 187 -21.33 49.05 11.70
CA THR H 187 -21.50 49.12 13.14
C THR H 187 -20.14 49.03 13.84
N LYS H 188 -20.09 49.52 15.08
CA LYS H 188 -18.85 49.49 15.86
C LYS H 188 -18.45 48.07 16.23
N PHE H 189 -17.26 47.93 16.82
CA PHE H 189 -16.74 46.62 17.21
C PHE H 189 -16.65 46.52 18.72
N ASP H 190 -16.32 45.32 19.22
CA ASP H 190 -16.30 45.09 20.66
C ASP H 190 -15.29 44.02 21.10
N ARG H 191 -15.28 42.90 20.39
CA ARG H 191 -14.39 41.76 20.71
C ARG H 191 -14.69 41.15 22.07
N GLY I 1 12.87 -9.04 15.96
CA GLY I 1 13.60 -10.26 16.24
C GLY I 1 13.14 -10.92 17.54
N PRO I 2 13.79 -12.03 17.91
CA PRO I 2 13.46 -12.77 19.13
C PRO I 2 14.01 -12.12 20.39
N HIS I 3 13.41 -12.44 21.53
CA HIS I 3 13.86 -11.92 22.82
C HIS I 3 13.80 -13.00 23.89
N SER I 4 14.44 -12.76 25.02
CA SER I 4 14.45 -13.74 26.10
C SER I 4 14.66 -13.11 27.49
N LEU I 5 14.19 -13.82 28.51
CA LEU I 5 14.37 -13.42 29.89
C LEU I 5 15.00 -14.59 30.64
N ARG I 6 16.21 -14.38 31.16
CA ARG I 6 16.93 -15.46 31.84
C ARG I 6 17.40 -15.04 33.23
N TYR I 7 17.31 -15.97 34.17
CA TYR I 7 17.79 -15.73 35.53
C TYR I 7 18.98 -16.63 35.85
N PHE I 8 20.08 -15.99 36.27
CA PHE I 8 21.31 -16.71 36.59
C PHE I 8 21.49 -16.80 38.09
N VAL I 9 21.31 -18.00 38.63
CA VAL I 9 21.42 -18.23 40.07
C VAL I 9 22.77 -18.80 40.46
N THR I 10 23.41 -18.19 41.46
CA THR I 10 24.68 -18.67 41.98
C THR I 10 24.54 -19.04 43.46
N ALA I 11 25.08 -20.20 43.82
CA ALA I 11 25.08 -20.65 45.21
C ALA I 11 26.41 -21.31 45.57
N VAL I 12 27.23 -20.59 46.32
CA VAL I 12 28.53 -21.09 46.73
C VAL I 12 28.62 -21.26 48.24
N SER I 13 29.01 -22.46 48.68
CA SER I 13 29.14 -22.74 50.11
C SER I 13 30.49 -22.30 50.65
N ARG I 14 30.52 -21.96 51.93
CA ARG I 14 31.76 -21.58 52.61
C ARG I 14 31.82 -22.21 54.00
N PRO I 15 32.36 -23.44 54.08
CA PRO I 15 32.45 -24.20 55.34
C PRO I 15 33.28 -23.48 56.40
N GLY I 16 32.68 -23.25 57.56
CA GLY I 16 33.37 -22.61 58.67
C GLY I 16 33.57 -21.13 58.47
N LEU I 17 32.79 -20.54 57.56
CA LEU I 17 32.90 -19.11 57.29
C LEU I 17 31.54 -18.42 57.34
N GLY I 18 30.48 -19.22 57.49
CA GLY I 18 29.13 -18.68 57.56
C GLY I 18 28.19 -19.35 56.56
N GLU I 19 27.06 -18.71 56.33
CA GLU I 19 26.08 -19.20 55.36
C GLU I 19 26.56 -18.96 53.94
N PRO I 20 26.14 -19.83 53.00
CA PRO I 20 26.51 -19.74 51.58
C PRO I 20 26.14 -18.39 50.96
N ARG I 21 26.92 -17.97 49.97
CA ARG I 21 26.62 -16.75 49.22
C ARG I 21 25.61 -17.06 48.13
N TYR I 22 24.55 -16.24 48.06
CA TYR I 22 23.48 -16.48 47.10
C TYR I 22 23.28 -15.31 46.14
N MET I 23 23.19 -15.61 44.86
CA MET I 23 23.02 -14.57 43.84
C MET I 23 21.92 -14.89 42.84
N GLU I 24 21.13 -13.87 42.51
CA GLU I 24 20.13 -13.97 41.44
C GLU I 24 20.27 -12.80 40.49
N VAL I 25 20.64 -13.08 39.25
CA VAL I 25 20.85 -12.03 38.26
C VAL I 25 19.98 -12.24 37.02
N GLY I 26 19.06 -11.31 36.78
CA GLY I 26 18.17 -11.39 35.64
C GLY I 26 18.73 -10.72 34.40
N TYR I 27 18.40 -11.26 33.23
CA TYR I 27 18.86 -10.72 31.97
C TYR I 27 17.75 -10.65 30.94
N VAL I 28 17.34 -9.43 30.58
CA VAL I 28 16.51 -9.23 29.39
C VAL I 28 17.48 -9.24 28.21
N ASP I 29 17.40 -10.29 27.39
CA ASP I 29 18.39 -10.54 26.34
C ASP I 29 19.79 -10.64 26.92
N ASP I 30 20.65 -9.68 26.58
CA ASP I 30 22.02 -9.67 27.07
C ASP I 30 22.26 -8.58 28.11
N THR I 31 21.18 -7.94 28.57
CA THR I 31 21.29 -6.83 29.49
C THR I 31 20.83 -7.18 30.91
N GLU I 32 21.67 -6.89 31.89
CA GLU I 32 21.34 -7.11 33.29
C GLU I 32 20.40 -6.02 33.81
N PHE I 33 19.26 -6.41 34.36
CA PHE I 33 18.27 -5.44 34.82
C PHE I 33 17.94 -5.56 36.31
N VAL I 34 18.18 -6.73 36.89
CA VAL I 34 17.95 -6.93 38.32
C VAL I 34 19.07 -7.76 38.95
N ARG I 35 19.32 -7.53 40.24
CA ARG I 35 20.35 -8.27 40.95
C ARG I 35 20.09 -8.38 42.45
N PHE I 36 20.22 -9.60 42.97
CA PHE I 36 20.13 -9.86 44.41
C PHE I 36 21.40 -10.55 44.87
N ASP I 37 21.97 -10.06 45.96
CA ASP I 37 23.21 -10.62 46.50
C ASP I 37 23.14 -10.73 48.02
N SER I 38 23.20 -11.96 48.52
CA SER I 38 23.14 -12.21 49.95
C SER I 38 24.33 -11.57 50.68
N ASP I 39 25.50 -11.68 50.09
CA ASP I 39 26.69 -11.04 50.64
C ASP I 39 26.81 -9.59 50.17
N ALA I 40 25.92 -8.76 50.67
CA ALA I 40 25.94 -7.34 50.38
C ALA I 40 25.59 -6.56 51.65
N GLU I 41 25.68 -5.24 51.60
CA GLU I 41 25.36 -4.41 52.74
C GLU I 41 23.91 -4.61 53.18
N ASN I 42 23.01 -4.70 52.22
CA ASN I 42 21.63 -5.06 52.48
C ASN I 42 21.09 -6.00 51.42
N PRO I 43 20.80 -7.27 51.81
CA PRO I 43 20.32 -8.30 50.89
C PRO I 43 18.90 -8.02 50.39
N ARG I 44 18.78 -7.19 49.36
CA ARG I 44 17.49 -6.93 48.73
C ARG I 44 17.62 -6.82 47.21
N TYR I 45 16.50 -6.97 46.51
CA TYR I 45 16.47 -6.86 45.06
C TYR I 45 16.78 -5.44 44.61
N GLU I 46 17.82 -5.28 43.81
CA GLU I 46 18.23 -3.97 43.32
C GLU I 46 18.20 -3.90 41.80
N PRO I 47 17.66 -2.81 41.25
CA PRO I 47 17.61 -2.59 39.80
C PRO I 47 19.00 -2.45 39.21
N ARG I 48 19.20 -2.87 37.97
CA ARG I 48 20.49 -2.75 37.31
C ARG I 48 20.35 -1.97 36.01
N ALA I 49 19.10 -1.64 35.68
CA ALA I 49 18.80 -0.83 34.51
C ALA I 49 17.88 0.31 34.92
N ARG I 50 18.15 1.51 34.39
CA ARG I 50 17.40 2.70 34.77
C ARG I 50 15.93 2.66 34.34
N TRP I 51 15.57 1.70 33.48
CA TRP I 51 14.19 1.55 33.05
C TRP I 51 13.39 0.62 33.97
N MET I 52 14.05 0.13 35.02
CA MET I 52 13.39 -0.74 36.00
C MET I 52 12.93 0.04 37.23
N GLU I 53 13.23 1.33 37.25
CA GLU I 53 12.83 2.20 38.35
C GLU I 53 11.32 2.46 38.32
N GLN I 54 10.72 2.14 37.18
CA GLN I 54 9.29 2.36 36.98
C GLN I 54 8.45 1.48 37.90
N GLU I 55 8.97 0.30 38.23
CA GLU I 55 8.29 -0.61 39.13
C GLU I 55 8.19 -0.01 40.53
N GLY I 56 7.05 -0.23 41.18
CA GLY I 56 6.80 0.31 42.50
C GLY I 56 7.37 -0.55 43.62
N PRO I 57 7.19 -0.12 44.87
CA PRO I 57 7.66 -0.84 46.07
C PRO I 57 7.01 -2.21 46.20
N GLU I 58 5.81 -2.35 45.67
CA GLU I 58 5.10 -3.62 45.71
C GLU I 58 5.87 -4.70 44.96
N TYR I 59 6.51 -4.30 43.87
CA TYR I 59 7.25 -5.24 43.02
C TYR I 59 8.58 -5.64 43.66
N TRP I 60 9.27 -4.67 44.26
CA TRP I 60 10.57 -4.93 44.86
C TRP I 60 10.46 -5.66 46.18
N GLU I 61 9.24 -5.75 46.71
CA GLU I 61 9.00 -6.48 47.95
C GLU I 61 8.71 -7.94 47.67
N ARG I 62 7.94 -8.20 46.61
CA ARG I 62 7.64 -9.57 46.19
C ARG I 62 8.91 -10.32 45.82
N GLU I 63 9.70 -9.72 44.94
CA GLU I 63 10.92 -10.34 44.44
C GLU I 63 11.95 -10.59 45.53
N THR I 64 11.99 -9.71 46.53
CA THR I 64 12.91 -9.86 47.64
C THR I 64 12.51 -11.05 48.51
N GLN I 65 11.22 -11.13 48.83
CA GLN I 65 10.69 -12.25 49.60
C GLN I 65 10.92 -13.57 48.88
N LYS I 66 10.77 -13.54 47.56
CA LYS I 66 10.98 -14.72 46.74
C LYS I 66 12.46 -15.10 46.70
N ALA I 67 13.31 -14.08 46.75
CA ALA I 67 14.76 -14.28 46.74
C ALA I 67 15.23 -14.98 48.02
N LYS I 68 14.79 -14.46 49.16
CA LYS I 68 15.13 -15.04 50.45
C LYS I 68 14.59 -16.46 50.56
N GLY I 69 13.39 -16.68 50.04
CA GLY I 69 12.79 -18.00 50.01
C GLY I 69 13.60 -18.96 49.17
N ASN I 70 14.14 -18.46 48.06
CA ASN I 70 14.99 -19.27 47.20
C ASN I 70 16.35 -19.56 47.82
N GLU I 71 16.90 -18.59 48.53
CA GLU I 71 18.21 -18.75 49.18
C GLU I 71 18.21 -19.89 50.19
N GLN I 72 17.12 -19.97 50.96
CA GLN I 72 16.98 -21.04 51.95
C GLN I 72 16.88 -22.41 51.28
N SER I 73 16.16 -22.47 50.16
CA SER I 73 16.02 -23.71 49.41
C SER I 73 17.37 -24.20 48.92
N PHE I 74 18.19 -23.28 48.42
CA PHE I 74 19.51 -23.61 47.90
C PHE I 74 20.51 -23.91 49.01
N ARG I 75 20.31 -23.31 50.17
CA ARG I 75 21.14 -23.59 51.33
C ARG I 75 20.98 -25.06 51.72
N VAL I 76 19.76 -25.56 51.58
CA VAL I 76 19.46 -26.96 51.84
C VAL I 76 20.04 -27.84 50.74
N ASP I 77 19.83 -27.45 49.49
CA ASP I 77 20.29 -28.20 48.33
C ASP I 77 21.80 -28.42 48.34
N LEU I 78 22.52 -27.45 48.89
CA LEU I 78 23.97 -27.57 49.04
C LEU I 78 24.34 -28.69 50.00
N ARG I 79 23.54 -28.84 51.06
CA ARG I 79 23.75 -29.93 52.00
C ARG I 79 23.22 -31.25 51.44
N THR I 80 22.16 -31.17 50.65
CA THR I 80 21.53 -32.35 50.08
C THR I 80 22.47 -33.08 49.11
N LEU I 81 23.22 -32.32 48.34
CA LEU I 81 24.15 -32.87 47.37
C LEU I 81 25.38 -33.48 48.03
N LEU I 82 25.67 -33.05 49.25
CA LEU I 82 26.76 -33.63 50.03
C LEU I 82 26.42 -35.08 50.40
N GLY I 83 25.12 -35.36 50.50
CA GLY I 83 24.65 -36.70 50.81
C GLY I 83 24.57 -37.57 49.57
N TYR I 84 24.10 -37.00 48.46
CA TYR I 84 23.99 -37.73 47.20
C TYR I 84 25.36 -38.23 46.73
N TYR I 85 26.35 -37.34 46.78
CA TYR I 85 27.69 -37.68 46.33
C TYR I 85 28.54 -38.32 47.43
N ASN I 86 28.06 -38.19 48.67
CA ASN I 86 28.83 -38.61 49.84
C ASN I 86 30.16 -37.87 49.93
N GLN I 87 30.09 -36.55 49.93
CA GLN I 87 31.29 -35.70 50.01
C GLN I 87 31.52 -35.22 51.44
N SER I 88 32.65 -34.55 51.66
CA SER I 88 32.97 -33.99 52.96
C SER I 88 32.39 -32.60 53.12
N LYS I 89 32.13 -32.20 54.37
CA LYS I 89 31.52 -30.91 54.66
C LYS I 89 32.56 -29.79 54.65
N GLY I 90 33.83 -30.16 54.74
CA GLY I 90 34.91 -29.19 54.79
C GLY I 90 35.16 -28.47 53.48
N GLY I 91 34.69 -29.06 52.38
CA GLY I 91 34.93 -28.51 51.06
C GLY I 91 33.88 -27.51 50.62
N SER I 92 34.31 -26.49 49.88
CA SER I 92 33.41 -25.48 49.35
C SER I 92 32.89 -25.91 47.98
N HIS I 93 31.58 -25.95 47.83
CA HIS I 93 30.97 -26.40 46.58
C HIS I 93 30.08 -25.33 45.95
N THR I 94 29.80 -25.47 44.65
CA THR I 94 29.06 -24.47 43.92
C THR I 94 27.87 -25.03 43.16
N ILE I 95 26.70 -24.41 43.36
CA ILE I 95 25.52 -24.72 42.56
C ILE I 95 25.19 -23.53 41.67
N GLN I 96 25.00 -23.79 40.38
CA GLN I 96 24.62 -22.74 39.44
C GLN I 96 23.38 -23.14 38.67
N VAL I 97 22.46 -22.20 38.48
CA VAL I 97 21.23 -22.47 37.73
C VAL I 97 20.98 -21.40 36.68
N ILE I 98 20.66 -21.83 35.47
CA ILE I 98 20.20 -20.92 34.43
C ILE I 98 18.73 -21.22 34.12
N SER I 99 17.87 -20.25 34.35
CA SER I 99 16.44 -20.45 34.20
C SER I 99 15.78 -19.26 33.49
N GLY I 100 14.98 -19.56 32.49
CA GLY I 100 14.25 -18.53 31.78
C GLY I 100 13.46 -19.04 30.58
N CYS I 101 13.24 -18.15 29.62
CA CYS I 101 12.42 -18.48 28.46
C CYS I 101 12.74 -17.55 27.30
N GLU I 102 12.71 -18.09 26.08
CA GLU I 102 12.92 -17.28 24.88
C GLU I 102 11.65 -17.21 24.05
N VAL I 103 11.17 -15.98 23.84
CA VAL I 103 9.95 -15.76 23.10
C VAL I 103 10.23 -15.04 21.79
N GLY I 104 9.71 -15.59 20.69
CA GLY I 104 9.93 -15.01 19.37
C GLY I 104 9.03 -13.81 19.12
N SER I 105 9.11 -13.28 17.89
CA SER I 105 8.31 -12.13 17.50
C SER I 105 6.83 -12.47 17.48
N ASP I 106 6.53 -13.71 17.12
CA ASP I 106 5.14 -14.17 17.04
C ASP I 106 4.51 -14.36 18.42
N GLY I 107 5.34 -14.27 19.45
CA GLY I 107 4.87 -14.45 20.81
C GLY I 107 4.98 -15.91 21.24
N ARG I 108 5.39 -16.76 20.30
CA ARG I 108 5.53 -18.19 20.55
C ARG I 108 6.77 -18.47 21.39
N LEU I 109 6.64 -19.38 22.35
CA LEU I 109 7.77 -19.78 23.19
C LEU I 109 8.73 -20.66 22.40
N LEU I 110 9.95 -20.19 22.23
CA LEU I 110 10.95 -20.89 21.41
C LEU I 110 11.81 -21.83 22.24
N ARG I 111 12.25 -21.37 23.41
CA ARG I 111 13.10 -22.17 24.28
C ARG I 111 12.66 -22.12 25.74
N GLY I 112 12.66 -23.27 26.40
CA GLY I 112 12.39 -23.34 27.83
C GLY I 112 13.68 -23.63 28.59
N TYR I 113 14.17 -22.62 29.30
CA TYR I 113 15.46 -22.75 29.99
C TYR I 113 15.32 -23.18 31.46
N GLN I 114 15.97 -24.28 31.80
CA GLN I 114 16.08 -24.73 33.18
C GLN I 114 17.19 -25.78 33.31
N GLN I 115 18.39 -25.33 33.64
CA GLN I 115 19.51 -26.24 33.83
C GLN I 115 20.27 -25.96 35.14
N TYR I 116 20.63 -27.03 35.82
CA TYR I 116 21.38 -26.95 37.07
C TYR I 116 22.82 -27.36 36.84
N ALA I 117 23.72 -26.83 37.67
CA ALA I 117 25.13 -27.19 37.59
C ALA I 117 25.74 -27.31 38.97
N TYR I 118 26.37 -28.46 39.23
CA TYR I 118 27.07 -28.68 40.50
C TYR I 118 28.57 -28.72 40.25
N ASP I 119 29.29 -27.76 40.84
CA ASP I 119 30.73 -27.64 40.68
C ASP I 119 31.15 -27.52 39.21
N GLY I 120 30.31 -26.87 38.41
CA GLY I 120 30.64 -26.59 37.02
C GLY I 120 30.20 -27.68 36.06
N CYS I 121 30.01 -28.88 36.56
CA CYS I 121 29.49 -29.97 35.75
C CYS I 121 27.99 -29.83 35.63
N ASP I 122 27.45 -30.24 34.49
CA ASP I 122 26.01 -30.31 34.32
C ASP I 122 25.44 -31.29 35.32
N TYR I 123 24.30 -30.97 35.90
CA TYR I 123 23.65 -31.84 36.86
C TYR I 123 22.35 -32.39 36.29
N ILE I 124 21.33 -31.55 36.24
CA ILE I 124 20.05 -31.92 35.66
C ILE I 124 19.53 -30.78 34.80
N ALA I 125 18.74 -31.11 33.79
CA ALA I 125 18.23 -30.11 32.87
C ALA I 125 16.88 -30.50 32.28
N LEU I 126 16.01 -29.51 32.13
CA LEU I 126 14.71 -29.74 31.50
C LEU I 126 14.90 -29.87 29.99
N ASN I 127 14.41 -30.97 29.43
CA ASN I 127 14.53 -31.21 27.99
C ASN I 127 13.64 -30.28 27.18
N GLU I 128 13.70 -30.41 25.85
CA GLU I 128 12.94 -29.56 24.95
C GLU I 128 11.44 -29.88 24.98
N ASP I 129 11.10 -31.09 25.41
CA ASP I 129 9.71 -31.52 25.46
C ASP I 129 8.95 -30.89 26.63
N LEU I 130 9.71 -30.28 27.54
CA LEU I 130 9.16 -29.65 28.73
C LEU I 130 8.39 -30.62 29.61
N LYS I 131 8.80 -31.89 29.59
CA LYS I 131 8.11 -32.92 30.35
C LYS I 131 9.07 -33.93 30.98
N THR I 132 10.27 -34.04 30.41
CA THR I 132 11.27 -34.98 30.93
C THR I 132 12.57 -34.31 31.32
N TRP I 133 13.39 -35.01 32.09
CA TRP I 133 14.66 -34.49 32.57
C TRP I 133 15.85 -35.29 32.05
N THR I 134 16.97 -34.62 31.87
CA THR I 134 18.22 -35.29 31.52
C THR I 134 19.20 -35.23 32.68
N ALA I 135 19.40 -36.36 33.33
CA ALA I 135 20.33 -36.45 34.46
C ALA I 135 21.75 -36.72 33.97
N ALA I 136 22.68 -35.85 34.33
CA ALA I 136 24.05 -35.93 33.81
C ALA I 136 24.91 -36.93 34.57
N ASP I 137 24.52 -37.28 35.79
CA ASP I 137 25.29 -38.25 36.57
C ASP I 137 24.42 -39.12 37.47
N MET I 138 25.06 -40.02 38.21
CA MET I 138 24.36 -40.97 39.07
C MET I 138 23.55 -40.28 40.17
N ALA I 139 24.09 -39.18 40.69
CA ALA I 139 23.45 -38.46 41.78
C ALA I 139 22.21 -37.69 41.31
N ALA I 140 22.24 -37.23 40.07
CA ALA I 140 21.11 -36.48 39.51
C ALA I 140 19.90 -37.36 39.30
N LEU I 141 20.12 -38.67 39.21
CA LEU I 141 19.04 -39.64 39.09
C LEU I 141 18.13 -39.60 40.31
N ILE I 142 18.72 -39.26 41.47
CA ILE I 142 17.97 -39.11 42.70
C ILE I 142 17.02 -37.93 42.60
N THR I 143 17.56 -36.79 42.16
CA THR I 143 16.77 -35.58 41.95
C THR I 143 15.69 -35.81 40.91
N LYS I 144 16.09 -36.42 39.80
CA LYS I 144 15.19 -36.71 38.70
C LYS I 144 13.99 -37.54 39.15
N HIS I 145 14.25 -38.56 39.97
CA HIS I 145 13.19 -39.43 40.46
C HIS I 145 12.25 -38.69 41.40
N LYS I 146 12.80 -37.75 42.16
CA LYS I 146 11.99 -36.93 43.07
C LYS I 146 11.07 -35.99 42.29
N TRP I 147 11.59 -35.43 41.21
CA TRP I 147 10.84 -34.46 40.41
C TRP I 147 9.78 -35.13 39.53
N GLU I 148 9.96 -36.42 39.28
CA GLU I 148 8.97 -37.19 38.53
C GLU I 148 7.76 -37.49 39.41
N GLN I 149 8.03 -37.93 40.64
CA GLN I 149 6.97 -38.26 41.58
C GLN I 149 6.30 -37.00 42.15
N ALA I 150 6.95 -35.86 41.99
CA ALA I 150 6.41 -34.59 42.47
C ALA I 150 5.76 -33.81 41.35
N GLY I 151 6.00 -34.24 40.10
CA GLY I 151 5.46 -33.55 38.94
C GLY I 151 6.03 -32.16 38.79
N GLU I 152 7.33 -32.03 39.03
CA GLU I 152 8.02 -30.75 38.93
C GLU I 152 8.05 -30.25 37.49
N ALA I 153 8.20 -31.18 36.55
CA ALA I 153 8.28 -30.85 35.14
C ALA I 153 7.03 -30.14 34.65
N GLU I 154 5.87 -30.57 35.15
CA GLU I 154 4.59 -30.00 34.74
C GLU I 154 4.38 -28.62 35.35
N ARG I 155 4.75 -28.46 36.62
CA ARG I 155 4.66 -27.18 37.30
C ARG I 155 5.59 -26.17 36.65
N LEU I 156 6.74 -26.65 36.18
CA LEU I 156 7.75 -25.79 35.58
C LEU I 156 7.33 -25.31 34.19
N ARG I 157 6.72 -26.19 33.40
CA ARG I 157 6.26 -25.84 32.07
C ARG I 157 5.23 -24.73 32.12
N ALA I 158 4.41 -24.76 33.17
CA ALA I 158 3.38 -23.74 33.37
C ALA I 158 3.98 -22.36 33.55
N TYR I 159 5.04 -22.27 34.33
CA TYR I 159 5.75 -21.01 34.55
C TYR I 159 6.39 -20.50 33.26
N LEU I 160 7.07 -21.40 32.55
CA LEU I 160 7.77 -21.06 31.32
C LEU I 160 6.83 -20.54 30.23
N GLU I 161 5.70 -21.22 30.06
CA GLU I 161 4.76 -20.85 29.01
C GLU I 161 3.86 -19.68 29.43
N GLY I 162 3.65 -19.52 30.73
CA GLY I 162 2.76 -18.50 31.24
C GLY I 162 3.46 -17.32 31.89
N THR I 163 3.89 -17.51 33.14
CA THR I 163 4.45 -16.42 33.94
C THR I 163 5.68 -15.75 33.33
N CYS I 164 6.65 -16.57 32.92
CA CYS I 164 7.91 -16.05 32.37
C CYS I 164 7.68 -15.18 31.13
N VAL I 165 6.77 -15.61 30.27
CA VAL I 165 6.48 -14.89 29.04
C VAL I 165 5.77 -13.56 29.32
N GLU I 166 4.84 -13.58 30.27
CA GLU I 166 4.09 -12.38 30.63
C GLU I 166 5.00 -11.28 31.16
N TRP I 167 6.03 -11.66 31.92
CA TRP I 167 6.96 -10.69 32.47
C TRP I 167 7.96 -10.20 31.44
N LEU I 168 8.34 -11.07 30.51
CA LEU I 168 9.23 -10.68 29.43
C LEU I 168 8.59 -9.60 28.57
N ARG I 169 7.30 -9.77 28.29
CA ARG I 169 6.54 -8.80 27.53
C ARG I 169 6.49 -7.45 28.25
N ARG I 170 6.33 -7.51 29.58
CA ARG I 170 6.26 -6.30 30.39
C ARG I 170 7.60 -5.58 30.46
N TYR I 171 8.67 -6.34 30.69
CA TYR I 171 10.02 -5.80 30.79
C TYR I 171 10.44 -5.15 29.47
N LEU I 172 10.09 -5.80 28.36
CA LEU I 172 10.45 -5.32 27.04
C LEU I 172 9.82 -3.96 26.72
N LYS I 173 8.54 -3.79 27.04
CA LYS I 173 7.86 -2.54 26.76
C LYS I 173 8.20 -1.45 27.76
N ASN I 174 8.78 -1.84 28.88
CA ASN I 174 9.17 -0.90 29.92
C ASN I 174 10.55 -0.30 29.68
N GLY I 175 11.30 -0.88 28.76
CA GLY I 175 12.65 -0.41 28.47
C GLY I 175 13.08 -0.59 27.04
N ASN I 176 12.12 -0.70 26.12
CA ASN I 176 12.42 -0.86 24.70
C ASN I 176 13.23 0.29 24.14
N ALA I 177 12.98 1.49 24.65
CA ALA I 177 13.66 2.70 24.19
C ALA I 177 15.17 2.64 24.45
N THR I 178 15.55 2.02 25.55
CA THR I 178 16.95 1.95 25.94
C THR I 178 17.62 0.66 25.47
N LEU I 179 16.84 -0.41 25.34
CA LEU I 179 17.37 -1.68 24.86
C LEU I 179 17.78 -1.58 23.39
N LEU I 180 17.12 -0.68 22.66
CA LEU I 180 17.38 -0.49 21.25
C LEU I 180 18.59 0.43 21.01
N ARG I 181 18.94 1.20 22.03
CA ARG I 181 20.07 2.14 21.95
C ARG I 181 21.38 1.43 21.62
N THR I 182 22.07 1.93 20.61
CA THR I 182 23.32 1.35 20.14
C THR I 182 24.40 2.39 19.89
N ASP I 183 25.63 2.07 20.25
CA ASP I 183 26.76 2.97 20.04
C ASP I 183 27.63 2.48 18.89
N SER I 184 27.96 3.39 17.97
CA SER I 184 28.78 3.04 16.82
C SER I 184 30.24 2.84 17.21
N PRO I 185 30.85 1.77 16.70
CA PRO I 185 32.26 1.47 16.97
C PRO I 185 33.18 2.47 16.28
N LYS I 186 33.98 3.18 17.07
CA LYS I 186 35.01 4.05 16.50
C LYS I 186 36.26 3.23 16.22
N ALA I 187 36.64 3.13 14.95
CA ALA I 187 37.70 2.23 14.53
C ALA I 187 38.95 2.97 14.06
N HIS I 188 40.09 2.30 14.18
CA HIS I 188 41.35 2.81 13.65
C HIS I 188 42.37 1.68 13.49
N VAL I 189 43.35 1.88 12.61
CA VAL I 189 44.34 0.86 12.32
C VAL I 189 45.73 1.29 12.76
N THR I 190 46.38 0.49 13.59
CA THR I 190 47.74 0.78 14.04
C THR I 190 48.76 -0.08 13.28
N HIS I 191 50.03 0.24 13.43
CA HIS I 191 51.08 -0.42 12.68
C HIS I 191 52.31 -0.70 13.55
N HIS I 192 52.82 -1.92 13.49
CA HIS I 192 54.02 -2.30 14.23
C HIS I 192 54.93 -3.19 13.38
N SER I 193 56.23 -3.07 13.61
CA SER I 193 57.22 -3.82 12.85
C SER I 193 57.73 -5.01 13.66
N ARG I 194 56.82 -5.73 14.31
CA ARG I 194 57.19 -6.84 15.17
C ARG I 194 57.81 -8.05 14.46
N PRO I 195 57.16 -8.58 13.41
CA PRO I 195 57.80 -9.73 12.75
C PRO I 195 59.06 -9.31 11.99
N GLU I 196 59.91 -10.28 11.67
CA GLU I 196 61.13 -10.00 10.92
C GLU I 196 60.85 -9.87 9.43
N ASP I 197 61.27 -8.74 8.86
CA ASP I 197 61.05 -8.43 7.44
C ASP I 197 59.56 -8.34 7.11
N LYS I 198 58.72 -8.29 8.14
CA LYS I 198 57.28 -8.16 7.99
C LYS I 198 56.75 -7.18 9.04
N VAL I 199 55.47 -6.87 8.96
CA VAL I 199 54.84 -5.97 9.92
C VAL I 199 53.52 -6.54 10.43
N THR I 200 52.84 -5.77 11.28
CA THR I 200 51.58 -6.19 11.86
C THR I 200 50.55 -5.07 11.86
N LEU I 201 49.40 -5.31 11.24
CA LEU I 201 48.31 -4.36 11.22
C LEU I 201 47.23 -4.76 12.21
N ARG I 202 46.92 -3.85 13.13
CA ARG I 202 45.89 -4.12 14.13
C ARG I 202 44.69 -3.18 13.97
N CYS I 203 43.58 -3.74 13.54
CA CYS I 203 42.34 -2.96 13.36
C CYS I 203 41.57 -2.89 14.67
N TRP I 204 41.34 -1.67 15.15
CA TRP I 204 40.65 -1.47 16.42
C TRP I 204 39.16 -1.18 16.24
N ALA I 205 38.42 -1.32 17.33
CA ALA I 205 37.00 -0.99 17.37
C ALA I 205 36.59 -0.70 18.80
N LEU I 206 36.30 0.57 19.09
CA LEU I 206 36.08 1.00 20.47
C LEU I 206 34.72 1.65 20.68
N GLY I 207 34.28 1.65 21.94
CA GLY I 207 33.08 2.36 22.35
C GLY I 207 31.80 1.94 21.62
N PHE I 208 31.55 0.64 21.55
CA PHE I 208 30.34 0.16 20.88
C PHE I 208 29.43 -0.65 21.79
N TYR I 209 28.12 -0.54 21.54
CA TYR I 209 27.12 -1.35 22.24
C TYR I 209 26.07 -1.82 21.24
N PRO I 210 25.65 -3.09 21.36
CA PRO I 210 26.12 -4.08 22.33
C PRO I 210 27.43 -4.74 21.90
N ALA I 211 27.73 -5.89 22.48
CA ALA I 211 29.01 -6.57 22.25
C ALA I 211 29.07 -7.24 20.87
N ASP I 212 27.92 -7.41 20.24
CA ASP I 212 27.86 -8.04 18.91
C ASP I 212 28.58 -7.21 17.86
N ILE I 213 29.70 -7.74 17.37
CA ILE I 213 30.50 -7.05 16.36
C ILE I 213 31.30 -8.06 15.54
N THR I 214 31.65 -7.69 14.32
CA THR I 214 32.45 -8.56 13.45
C THR I 214 33.60 -7.78 12.81
N LEU I 215 34.81 -8.26 13.02
CA LEU I 215 36.00 -7.63 12.44
C LEU I 215 36.73 -8.62 11.54
N THR I 216 36.96 -8.22 10.28
CA THR I 216 37.65 -9.08 9.33
C THR I 216 38.74 -8.32 8.59
N TRP I 217 39.81 -9.02 8.24
CA TRP I 217 40.85 -8.49 7.37
C TRP I 217 40.73 -9.13 6.00
N GLN I 218 40.95 -8.35 4.95
CA GLN I 218 40.78 -8.85 3.59
C GLN I 218 41.98 -8.57 2.69
N LEU I 219 42.18 -9.45 1.72
CA LEU I 219 43.20 -9.27 0.70
C LEU I 219 42.67 -9.84 -0.62
N ASN I 220 42.71 -9.02 -1.66
CA ASN I 220 42.15 -9.40 -2.97
C ASN I 220 40.70 -9.85 -2.89
N GLY I 221 39.92 -9.19 -2.04
CA GLY I 221 38.51 -9.48 -1.91
C GLY I 221 38.20 -10.76 -1.16
N GLU I 222 39.23 -11.35 -0.56
CA GLU I 222 39.05 -12.58 0.21
C GLU I 222 39.37 -12.35 1.69
N GLU I 223 38.56 -12.94 2.56
CA GLU I 223 38.73 -12.78 4.01
C GLU I 223 39.86 -13.66 4.54
N LEU I 224 40.64 -13.09 5.46
CA LEU I 224 41.68 -13.85 6.14
C LEU I 224 41.18 -14.27 7.52
N ILE I 225 40.79 -15.54 7.64
CA ILE I 225 40.20 -16.03 8.87
C ILE I 225 41.22 -16.73 9.78
N GLN I 226 42.02 -17.62 9.20
CA GLN I 226 43.02 -18.36 9.97
C GLN I 226 44.27 -17.51 10.24
N ASP I 227 44.49 -16.51 9.39
CA ASP I 227 45.66 -15.65 9.51
C ASP I 227 45.36 -14.45 10.41
N MET I 228 44.13 -14.41 10.91
CA MET I 228 43.66 -13.28 11.71
C MET I 228 43.70 -13.57 13.20
N GLU I 229 44.43 -12.75 13.94
CA GLU I 229 44.48 -12.86 15.39
C GLU I 229 43.34 -12.07 16.02
N LEU I 230 42.32 -12.78 16.47
CA LEU I 230 41.13 -12.13 17.03
C LEU I 230 41.04 -12.36 18.54
N VAL I 231 40.88 -11.29 19.30
CA VAL I 231 40.76 -11.38 20.74
C VAL I 231 39.31 -11.20 21.20
N GLU I 232 38.99 -11.78 22.35
CA GLU I 232 37.64 -11.73 22.87
C GLU I 232 37.17 -10.32 23.16
N THR I 233 35.89 -10.05 22.91
CA THR I 233 35.31 -8.74 23.16
C THR I 233 35.32 -8.47 24.66
N ARG I 234 35.85 -7.31 25.04
CA ARG I 234 36.01 -6.96 26.45
C ARG I 234 35.26 -5.67 26.77
N PRO I 235 34.89 -5.47 28.03
CA PRO I 235 34.23 -4.24 28.45
C PRO I 235 35.24 -3.11 28.67
N ALA I 236 34.87 -1.90 28.30
CA ALA I 236 35.74 -0.74 28.51
C ALA I 236 35.56 -0.20 29.92
N GLY I 237 34.49 -0.61 30.58
CA GLY I 237 34.22 -0.20 31.94
C GLY I 237 33.18 0.90 32.03
N ASP I 238 32.85 1.49 30.89
CA ASP I 238 31.89 2.58 30.85
C ASP I 238 30.56 2.14 30.23
N GLY I 239 30.40 0.84 30.06
CA GLY I 239 29.18 0.29 29.49
C GLY I 239 29.33 -0.12 28.04
N THR I 240 30.45 0.27 27.43
CA THR I 240 30.72 -0.08 26.04
C THR I 240 31.75 -1.20 25.96
N PHE I 241 32.14 -1.56 24.74
CA PHE I 241 33.06 -2.68 24.55
C PHE I 241 34.18 -2.38 23.57
N GLN I 242 35.23 -3.20 23.64
CA GLN I 242 36.38 -3.07 22.76
C GLN I 242 36.71 -4.42 22.11
N LYS I 243 37.36 -4.37 20.96
CA LYS I 243 37.80 -5.57 20.25
C LYS I 243 38.77 -5.19 19.14
N TRP I 244 39.73 -6.06 18.85
CA TRP I 244 40.64 -5.80 17.73
C TRP I 244 41.05 -7.07 16.98
N ALA I 245 41.46 -6.88 15.73
CA ALA I 245 41.94 -7.96 14.89
C ALA I 245 43.35 -7.67 14.41
N SER I 246 44.25 -8.62 14.59
CA SER I 246 45.62 -8.47 14.14
C SER I 246 45.92 -9.40 12.96
N VAL I 247 46.72 -8.92 12.02
CA VAL I 247 47.14 -9.73 10.89
C VAL I 247 48.60 -9.42 10.54
N VAL I 248 49.35 -10.47 10.22
CA VAL I 248 50.76 -10.33 9.89
C VAL I 248 50.95 -10.25 8.38
N VAL I 249 51.37 -9.08 7.91
CA VAL I 249 51.54 -8.85 6.48
C VAL I 249 52.98 -8.46 6.15
N PRO I 250 53.47 -8.86 4.97
CA PRO I 250 54.83 -8.51 4.52
C PRO I 250 55.03 -7.00 4.43
N LEU I 251 56.26 -6.55 4.60
CA LEU I 251 56.58 -5.13 4.57
C LEU I 251 56.41 -4.55 3.17
N GLY I 252 55.81 -3.36 3.10
CA GLY I 252 55.59 -2.68 1.83
C GLY I 252 54.25 -3.00 1.21
N LYS I 253 53.49 -3.87 1.86
CA LYS I 253 52.19 -4.30 1.34
C LYS I 253 51.04 -3.92 2.27
N GLU I 254 51.24 -2.91 3.10
CA GLU I 254 50.23 -2.49 4.07
C GLU I 254 48.95 -2.02 3.38
N GLN I 255 49.11 -1.31 2.26
CA GLN I 255 47.98 -0.70 1.57
C GLN I 255 47.10 -1.73 0.85
N TYR I 256 47.62 -2.93 0.67
CA TYR I 256 46.88 -3.98 -0.02
C TYR I 256 45.87 -4.67 0.90
N TYR I 257 45.93 -4.38 2.18
CA TYR I 257 45.03 -5.00 3.15
C TYR I 257 44.03 -4.01 3.74
N THR I 258 42.78 -4.46 3.89
CA THR I 258 41.72 -3.61 4.41
C THR I 258 41.01 -4.28 5.58
N CYS I 259 40.67 -3.50 6.60
CA CYS I 259 39.91 -4.02 7.73
C CYS I 259 38.43 -3.67 7.57
N HIS I 260 37.56 -4.51 8.12
CA HIS I 260 36.12 -4.29 8.01
C HIS I 260 35.43 -4.36 9.36
N VAL I 261 34.62 -3.36 9.67
CA VAL I 261 33.90 -3.31 10.93
C VAL I 261 32.39 -3.45 10.71
N TYR I 262 31.83 -4.56 11.19
CA TYR I 262 30.40 -4.81 11.07
C TYR I 262 29.69 -4.67 12.41
N HIS I 263 28.71 -3.78 12.46
CA HIS I 263 27.94 -3.55 13.68
C HIS I 263 26.54 -3.05 13.33
N GLN I 264 25.58 -3.32 14.21
CA GLN I 264 24.19 -2.93 13.96
C GLN I 264 23.94 -1.44 14.20
N GLY I 265 24.93 -0.78 14.79
CA GLY I 265 24.84 0.65 15.05
C GLY I 265 25.43 1.49 13.94
N LEU I 266 25.83 0.81 12.86
CA LEU I 266 26.41 1.49 11.71
C LEU I 266 25.49 1.42 10.51
N PRO I 267 25.29 2.57 9.83
CA PRO I 267 24.49 2.61 8.60
C PRO I 267 25.17 1.82 7.50
N GLU I 268 26.49 1.82 7.51
CA GLU I 268 27.30 1.12 6.53
C GLU I 268 28.57 0.57 7.18
N PRO I 269 28.93 -0.68 6.87
CA PRO I 269 30.15 -1.31 7.37
C PRO I 269 31.39 -0.47 7.10
N LEU I 270 32.24 -0.32 8.10
CA LEU I 270 33.43 0.52 7.98
C LEU I 270 34.54 -0.20 7.21
N THR I 271 35.27 0.54 6.39
CA THR I 271 36.40 0.00 5.65
C THR I 271 37.65 0.84 5.95
N LEU I 272 38.67 0.20 6.50
CA LEU I 272 39.86 0.92 6.93
C LEU I 272 41.15 0.33 6.36
N ARG I 273 42.12 1.21 6.11
CA ARG I 273 43.46 0.81 5.71
C ARG I 273 44.47 1.46 6.64
N TRP I 274 45.72 0.99 6.57
CA TRP I 274 46.78 1.64 7.32
C TRP I 274 47.16 2.96 6.65
N GLU I 275 47.24 4.02 7.45
CA GLU I 275 47.53 5.34 6.92
C GLU I 275 48.50 6.11 7.83
N PRO I 276 49.73 6.33 7.33
CA PRO I 276 50.73 7.10 8.08
C PRO I 276 50.41 8.58 8.13
N PRO I 277 50.50 9.19 9.32
CA PRO I 277 50.22 10.62 9.53
C PRO I 277 51.16 11.51 8.73
N MET J 1 33.21 -32.82 38.91
CA MET J 1 33.48 -31.39 38.99
C MET J 1 34.46 -30.97 37.90
N ILE J 2 34.46 -29.68 37.58
CA ILE J 2 35.41 -29.14 36.60
C ILE J 2 36.16 -27.93 37.15
N GLN J 3 37.32 -27.63 36.54
CA GLN J 3 38.11 -26.47 36.92
C GLN J 3 38.69 -25.80 35.68
N ARG J 4 38.72 -24.47 35.69
CA ARG J 4 39.18 -23.72 34.52
C ARG J 4 40.10 -22.57 34.91
N THR J 5 41.20 -22.44 34.20
CA THR J 5 42.16 -21.37 34.44
C THR J 5 41.67 -20.08 33.80
N PRO J 6 41.72 -18.98 34.56
CA PRO J 6 41.20 -17.68 34.13
C PRO J 6 41.93 -17.11 32.91
N LYS J 7 41.17 -16.61 31.94
CA LYS J 7 41.73 -15.89 30.81
C LYS J 7 41.89 -14.44 31.22
N ILE J 8 43.08 -13.89 30.99
CA ILE J 8 43.40 -12.55 31.48
C ILE J 8 43.72 -11.57 30.36
N GLN J 9 43.13 -10.38 30.45
CA GLN J 9 43.45 -9.29 29.52
C GLN J 9 43.66 -7.99 30.26
N VAL J 10 44.81 -7.35 30.00
CA VAL J 10 45.13 -6.07 30.61
C VAL J 10 45.10 -4.99 29.54
N TYR J 11 44.29 -3.96 29.75
CA TYR J 11 44.09 -2.93 28.75
C TYR J 11 43.58 -1.63 29.36
N SER J 12 43.59 -0.57 28.57
CA SER J 12 43.13 0.74 29.03
C SER J 12 41.79 1.08 28.39
N ARG J 13 41.00 1.89 29.09
CA ARG J 13 39.67 2.28 28.61
C ARG J 13 39.78 3.12 27.33
N HIS J 14 40.83 3.92 27.24
CA HIS J 14 41.06 4.77 26.08
C HIS J 14 42.50 4.64 25.59
N PRO J 15 42.75 4.96 24.31
CA PRO J 15 44.10 4.97 23.77
C PRO J 15 45.05 5.80 24.64
N ALA J 16 46.15 5.19 25.05
CA ALA J 16 47.05 5.81 26.02
C ALA J 16 47.98 6.86 25.40
N GLU J 17 47.72 8.12 25.69
CA GLU J 17 48.64 9.19 25.35
C GLU J 17 49.22 9.75 26.65
N ASN J 18 50.54 9.74 26.75
CA ASN J 18 51.25 10.11 27.98
C ASN J 18 50.84 11.46 28.56
N GLY J 19 50.16 11.43 29.70
CA GLY J 19 49.76 12.65 30.38
C GLY J 19 48.28 12.72 30.70
N LYS J 20 47.45 12.24 29.77
CA LYS J 20 46.00 12.29 29.94
C LYS J 20 45.52 11.23 30.94
N SER J 21 44.51 11.58 31.74
CA SER J 21 43.95 10.65 32.70
C SER J 21 43.21 9.52 31.97
N ASN J 22 43.16 8.35 32.61
CA ASN J 22 42.55 7.17 31.99
C ASN J 22 42.17 6.13 33.03
N PHE J 23 41.56 5.04 32.58
CA PHE J 23 41.23 3.93 33.44
C PHE J 23 42.06 2.70 33.08
N LEU J 24 42.45 1.92 34.09
CA LEU J 24 43.19 0.68 33.86
C LEU J 24 42.31 -0.53 34.18
N ASN J 25 42.08 -1.37 33.17
CA ASN J 25 41.21 -2.52 33.34
C ASN J 25 41.95 -3.86 33.30
N CYS J 26 41.45 -4.81 34.09
CA CYS J 26 41.96 -6.17 34.06
C CYS J 26 40.78 -7.13 34.02
N TYR J 27 40.59 -7.78 32.87
CA TYR J 27 39.42 -8.61 32.64
C TYR J 27 39.75 -10.10 32.83
N VAL J 28 39.23 -10.68 33.90
CA VAL J 28 39.38 -12.11 34.13
C VAL J 28 38.07 -12.83 33.78
N SER J 29 38.19 -13.93 33.05
CA SER J 29 37.01 -14.66 32.58
C SER J 29 37.32 -16.10 32.25
N GLY J 30 36.30 -16.95 32.32
CA GLY J 30 36.45 -18.36 31.99
C GLY J 30 37.07 -19.19 33.09
N PHE J 31 36.83 -18.81 34.34
CA PHE J 31 37.40 -19.53 35.47
C PHE J 31 36.34 -20.17 36.37
N HIS J 32 36.74 -21.26 37.01
CA HIS J 32 35.85 -22.01 37.91
C HIS J 32 36.72 -22.86 38.83
N PRO J 33 36.49 -22.81 40.15
CA PRO J 33 35.42 -22.07 40.84
C PRO J 33 35.61 -20.55 40.90
N SER J 34 34.67 -19.88 41.56
CA SER J 34 34.57 -18.42 41.55
C SER J 34 35.68 -17.69 42.32
N ASP J 35 36.20 -18.33 43.36
CA ASP J 35 37.20 -17.70 44.21
C ASP J 35 38.47 -17.33 43.45
N ILE J 36 38.69 -16.03 43.27
CA ILE J 36 39.83 -15.54 42.51
C ILE J 36 40.41 -14.28 43.16
N GLU J 37 41.73 -14.11 43.06
CA GLU J 37 42.40 -12.96 43.65
C GLU J 37 43.05 -12.10 42.56
N VAL J 38 42.59 -10.86 42.45
CA VAL J 38 43.10 -9.95 41.42
C VAL J 38 43.51 -8.60 42.00
N ASP J 39 44.73 -8.17 41.68
CA ASP J 39 45.21 -6.86 42.10
C ASP J 39 46.07 -6.21 41.02
N LEU J 40 45.97 -4.89 40.93
CA LEU J 40 46.69 -4.14 39.90
C LEU J 40 48.03 -3.62 40.42
N LEU J 41 49.04 -3.62 39.54
CA LEU J 41 50.38 -3.25 39.94
C LEU J 41 50.89 -2.00 39.22
N LYS J 42 51.25 -0.98 39.99
CA LYS J 42 51.86 0.22 39.44
C LYS J 42 53.36 0.21 39.73
N ASN J 43 54.16 0.08 38.68
CA ASN J 43 55.61 -0.01 38.80
C ASN J 43 56.07 -1.17 39.68
N GLY J 44 55.36 -2.29 39.58
CA GLY J 44 55.70 -3.48 40.33
C GLY J 44 55.07 -3.56 41.70
N GLU J 45 54.50 -2.43 42.16
CA GLU J 45 53.88 -2.37 43.47
C GLU J 45 52.36 -2.33 43.38
N ARG J 46 51.69 -2.92 44.37
CA ARG J 46 50.23 -3.02 44.37
C ARG J 46 49.55 -1.67 44.58
N ILE J 47 48.53 -1.40 43.77
CA ILE J 47 47.70 -0.21 43.93
C ILE J 47 46.65 -0.46 45.01
N GLU J 48 46.58 0.44 45.99
CA GLU J 48 45.71 0.25 47.14
C GLU J 48 44.21 0.32 46.81
N LYS J 49 43.83 1.25 45.95
CA LYS J 49 42.42 1.42 45.62
C LYS J 49 42.05 0.82 44.25
N VAL J 50 41.52 -0.39 44.28
CA VAL J 50 41.11 -1.09 43.07
C VAL J 50 39.66 -1.56 43.19
N GLU J 51 38.79 -1.01 42.36
CA GLU J 51 37.38 -1.39 42.37
C GLU J 51 37.12 -2.50 41.35
N HIS J 52 36.20 -3.40 41.68
CA HIS J 52 35.89 -4.53 40.82
C HIS J 52 34.40 -4.58 40.48
N SER J 53 34.09 -5.10 39.29
CA SER J 53 32.70 -5.28 38.89
C SER J 53 32.06 -6.38 39.71
N ASP J 54 30.74 -6.48 39.63
CA ASP J 54 30.00 -7.53 40.34
C ASP J 54 30.20 -8.86 39.64
N LEU J 55 30.16 -9.95 40.40
CA LEU J 55 30.40 -11.28 39.86
C LEU J 55 29.27 -11.76 38.96
N SER J 56 29.64 -12.45 37.88
CA SER J 56 28.67 -13.01 36.95
C SER J 56 29.26 -14.23 36.26
N PHE J 57 28.42 -15.00 35.57
CA PHE J 57 28.91 -16.15 34.82
C PHE J 57 28.18 -16.35 33.49
N SER J 58 28.88 -16.92 32.52
CA SER J 58 28.34 -17.14 31.18
C SER J 58 27.66 -18.51 31.06
N LYS J 59 27.30 -18.87 29.84
CA LYS J 59 26.53 -20.09 29.59
C LYS J 59 27.35 -21.37 29.73
N ASP J 60 28.67 -21.24 29.84
CA ASP J 60 29.53 -22.39 30.05
C ASP J 60 29.85 -22.54 31.53
N TRP J 61 29.05 -21.89 32.37
CA TRP J 61 29.20 -21.87 33.82
C TRP J 61 30.45 -21.13 34.30
N SER J 62 31.16 -20.50 33.38
CA SER J 62 32.41 -19.83 33.71
C SER J 62 32.19 -18.41 34.22
N PHE J 63 32.85 -18.07 35.32
CA PHE J 63 32.70 -16.75 35.94
C PHE J 63 33.55 -15.70 35.23
N TYR J 64 33.16 -14.44 35.38
CA TYR J 64 33.95 -13.34 34.81
C TYR J 64 33.84 -12.05 35.63
N LEU J 65 34.97 -11.38 35.81
CA LEU J 65 35.05 -10.16 36.60
C LEU J 65 35.81 -9.06 35.85
N LEU J 66 35.59 -7.81 36.26
CA LEU J 66 36.35 -6.69 35.73
C LEU J 66 36.89 -5.82 36.85
N TYR J 67 38.21 -5.80 37.01
CA TYR J 67 38.85 -4.96 38.00
C TYR J 67 39.36 -3.68 37.35
N TYR J 68 39.01 -2.54 37.92
CA TYR J 68 39.36 -1.25 37.33
C TYR J 68 39.81 -0.22 38.36
N THR J 69 40.58 0.76 37.90
CA THR J 69 41.02 1.87 38.74
C THR J 69 41.38 3.07 37.88
N GLU J 70 41.40 4.24 38.48
CA GLU J 70 41.82 5.45 37.79
C GLU J 70 43.34 5.55 37.83
N PHE J 71 43.93 6.06 36.75
CA PHE J 71 45.38 6.25 36.69
C PHE J 71 45.78 7.23 35.60
N THR J 72 47.04 7.64 35.62
CA THR J 72 47.59 8.52 34.60
C THR J 72 48.90 7.95 34.07
N PRO J 73 48.89 7.46 32.83
CA PRO J 73 50.05 6.82 32.20
C PRO J 73 51.12 7.82 31.79
N THR J 74 52.39 7.41 31.90
CA THR J 74 53.50 8.24 31.47
C THR J 74 54.36 7.46 30.47
N GLU J 75 55.65 7.77 30.42
CA GLU J 75 56.54 7.12 29.46
C GLU J 75 57.27 5.91 30.05
N LYS J 76 57.82 6.07 31.25
CA LYS J 76 58.64 5.03 31.85
C LYS J 76 57.90 4.22 32.92
N ASP J 77 56.62 4.54 33.14
CA ASP J 77 55.82 3.81 34.10
C ASP J 77 55.20 2.55 33.48
N GLU J 78 55.61 1.40 33.98
CA GLU J 78 55.11 0.13 33.48
C GLU J 78 54.06 -0.46 34.43
N TYR J 79 52.88 -0.72 33.90
CA TYR J 79 51.80 -1.31 34.70
C TYR J 79 51.64 -2.79 34.39
N ALA J 80 50.94 -3.50 35.28
CA ALA J 80 50.71 -4.92 35.10
C ALA J 80 49.49 -5.39 35.88
N CYS J 81 49.25 -6.71 35.83
CA CYS J 81 48.12 -7.30 36.54
C CYS J 81 48.53 -8.61 37.19
N ARG J 82 48.17 -8.78 38.45
CA ARG J 82 48.49 -10.01 39.17
C ARG J 82 47.23 -10.80 39.48
N VAL J 83 47.16 -12.02 38.95
CA VAL J 83 45.99 -12.87 39.13
C VAL J 83 46.40 -14.24 39.67
N ASN J 84 45.78 -14.62 40.78
CA ASN J 84 45.95 -15.97 41.30
C ASN J 84 44.63 -16.72 41.39
N HIS J 85 44.64 -17.99 40.99
CA HIS J 85 43.46 -18.83 41.05
C HIS J 85 43.87 -20.19 41.60
N VAL J 86 42.90 -20.99 42.03
CA VAL J 86 43.19 -22.30 42.60
C VAL J 86 43.78 -23.23 41.55
N THR J 87 43.50 -22.94 40.28
CA THR J 87 43.98 -23.75 39.17
C THR J 87 45.40 -23.36 38.76
N LEU J 88 45.93 -22.30 39.37
CA LEU J 88 47.27 -21.83 39.03
C LEU J 88 48.32 -22.25 40.05
N SER J 89 49.42 -22.82 39.56
CA SER J 89 50.51 -23.26 40.41
C SER J 89 51.16 -22.06 41.10
N GLN J 90 51.47 -21.04 40.32
CA GLN J 90 51.96 -19.77 40.86
C GLN J 90 51.22 -18.62 40.17
N PRO J 91 51.01 -17.52 40.91
CA PRO J 91 50.28 -16.34 40.43
C PRO J 91 50.69 -15.89 39.03
N LYS J 92 49.72 -15.40 38.26
CA LYS J 92 49.97 -14.98 36.89
C LYS J 92 50.22 -13.48 36.81
N ILE J 93 51.19 -13.10 35.99
CA ILE J 93 51.51 -11.69 35.76
C ILE J 93 51.40 -11.38 34.28
N VAL J 94 50.63 -10.34 33.95
CA VAL J 94 50.48 -9.92 32.56
C VAL J 94 50.79 -8.44 32.39
N LYS J 95 51.86 -8.14 31.65
CA LYS J 95 52.28 -6.75 31.43
C LYS J 95 51.27 -5.98 30.60
N TRP J 96 51.19 -4.68 30.84
CA TRP J 96 50.24 -3.83 30.12
C TRP J 96 50.83 -3.27 28.82
N ASP J 97 50.11 -3.45 27.73
CA ASP J 97 50.50 -2.91 26.44
C ASP J 97 49.46 -1.91 25.98
N ARG J 98 49.87 -0.65 25.81
CA ARG J 98 48.94 0.43 25.50
C ARG J 98 48.27 0.26 24.13
N ASP J 99 48.85 -0.58 23.28
CA ASP J 99 48.24 -0.89 21.99
C ASP J 99 47.91 -2.36 21.88
N MET J 100 47.23 -2.88 22.90
CA MET J 100 46.77 -4.27 22.92
C MET J 100 45.57 -4.44 23.84
N SER K 1 9.98 -11.73 36.68
CA SER K 1 9.84 -12.43 37.95
C SER K 1 10.43 -13.83 37.88
N ILE K 2 11.41 -14.11 38.75
CA ILE K 2 12.04 -15.43 38.80
C ILE K 2 11.06 -16.45 39.39
N ILE K 3 11.40 -17.73 39.25
CA ILE K 3 10.54 -18.81 39.73
C ILE K 3 10.97 -19.25 41.14
N ASN K 4 9.99 -19.69 41.93
CA ASN K 4 10.25 -20.31 43.22
C ASN K 4 10.81 -21.72 43.02
N PHE K 5 12.13 -21.86 43.18
CA PHE K 5 12.81 -23.13 42.90
C PHE K 5 12.41 -24.25 43.87
N GLU K 6 12.44 -25.48 43.37
CA GLU K 6 12.17 -26.66 44.19
C GLU K 6 13.49 -27.29 44.61
N LYS K 7 13.48 -27.96 45.76
CA LYS K 7 14.69 -28.59 46.29
C LYS K 7 15.15 -29.77 45.46
N LEU K 8 16.44 -30.10 45.57
CA LEU K 8 17.03 -31.24 44.85
C LEU K 8 16.85 -32.52 45.67
N ARG L 6 9.71 -40.51 22.72
CA ARG L 6 11.00 -39.83 22.86
C ARG L 6 11.85 -39.98 21.61
N CYS L 7 12.62 -41.06 21.55
CA CYS L 7 13.51 -41.32 20.42
C CYS L 7 13.71 -42.80 20.18
N GLU L 8 14.37 -43.13 19.08
CA GLU L 8 14.55 -44.52 18.66
C GLU L 8 15.49 -45.30 19.59
N LYS L 9 15.48 -46.61 19.43
CA LYS L 9 16.35 -47.49 20.21
C LYS L 9 17.82 -47.25 19.88
N GLU L 11 19.21 -44.47 18.89
CA GLU L 11 19.66 -43.18 19.41
C GLU L 11 20.07 -43.26 20.87
N GLU L 12 19.36 -44.08 21.64
CA GLU L 12 19.65 -44.22 23.07
C GLU L 12 20.88 -45.09 23.32
N GLU L 13 21.36 -45.76 22.27
CA GLU L 13 22.51 -46.66 22.40
C GLU L 13 23.77 -46.11 21.73
N THR L 14 23.60 -45.13 20.86
CA THR L 14 24.73 -44.52 20.17
C THR L 14 25.37 -43.43 21.02
N TRP L 15 26.52 -43.72 21.60
CA TRP L 15 27.23 -42.76 22.44
C TRP L 15 28.40 -42.11 21.70
N LYS L 16 28.51 -40.79 21.79
CA LYS L 16 29.57 -40.06 21.11
C LYS L 16 30.43 -39.27 22.10
N LEU L 17 31.74 -39.24 21.83
CA LEU L 17 32.68 -38.53 22.69
C LEU L 17 33.45 -37.48 21.92
N LYS L 18 33.45 -36.25 22.43
CA LYS L 18 34.23 -35.17 21.85
C LYS L 18 35.01 -34.42 22.93
N ILE L 19 36.32 -34.39 22.79
CA ILE L 19 37.16 -33.62 23.70
C ILE L 19 37.83 -32.48 22.95
N GLY L 20 37.49 -31.25 23.30
CA GLY L 20 38.09 -30.07 22.71
C GLY L 20 39.15 -29.49 23.62
N CYS L 22 41.88 -26.02 23.65
CA CYS L 22 42.48 -24.83 23.04
C CYS L 22 43.78 -24.47 23.73
N ILE L 23 44.86 -24.43 22.94
CA ILE L 23 46.18 -24.10 23.47
C ILE L 23 46.67 -22.77 22.90
N GLN L 24 47.01 -21.84 23.78
CA GLN L 24 47.52 -20.54 23.36
C GLN L 24 49.02 -20.44 23.59
N ALA L 25 49.75 -20.01 22.57
CA ALA L 25 51.21 -19.93 22.63
C ALA L 25 51.67 -18.79 23.52
N LYS L 26 52.83 -18.96 24.13
CA LYS L 26 53.42 -17.93 24.99
C LYS L 26 54.83 -17.59 24.53
N ASP L 27 55.10 -16.29 24.39
CA ASP L 27 56.42 -15.79 24.02
C ASP L 27 56.92 -16.27 22.65
N PHE L 28 56.03 -16.84 21.85
CA PHE L 28 56.37 -17.25 20.49
C PHE L 28 55.13 -17.38 19.61
N TYR L 29 55.34 -17.42 18.30
CA TYR L 29 54.24 -17.56 17.36
C TYR L 29 54.11 -18.99 16.87
N SER L 30 52.98 -19.62 17.16
CA SER L 30 52.70 -20.97 16.69
C SER L 30 52.30 -20.95 15.22
N LYS L 31 52.90 -21.84 14.44
CA LYS L 31 52.64 -21.88 13.00
C LYS L 31 51.60 -22.92 12.64
N ARG L 32 50.70 -22.56 11.72
CA ARG L 32 49.69 -23.47 11.22
C ARG L 32 50.33 -24.54 10.35
N THR L 33 49.93 -25.80 10.56
CA THR L 33 50.48 -26.91 9.79
C THR L 33 49.57 -28.13 9.80
N ASP L 34 49.92 -29.13 8.99
CA ASP L 34 49.22 -30.40 9.00
C ASP L 34 49.50 -31.12 10.31
N CYS L 35 48.63 -32.05 10.68
CA CYS L 35 48.82 -32.80 11.91
C CYS L 35 48.93 -34.30 11.67
N SER L 36 49.71 -34.96 12.51
CA SER L 36 49.90 -36.39 12.42
C SER L 36 49.35 -37.08 13.67
N VAL L 37 49.11 -38.39 13.57
CA VAL L 37 48.62 -39.16 14.71
C VAL L 37 49.07 -40.62 14.61
N HIS L 38 49.64 -41.13 15.69
CA HIS L 38 50.15 -42.50 15.71
C HIS L 38 49.83 -43.17 17.03
N ARG L 39 49.62 -44.48 16.98
CA ARG L 39 49.49 -45.28 18.20
C ARG L 39 50.83 -45.93 18.51
N PRO L 40 51.55 -45.38 19.50
CA PRO L 40 52.87 -45.90 19.85
C PRO L 40 52.78 -47.29 20.47
N ASP L 41 53.64 -48.20 20.01
CA ASP L 41 53.72 -49.53 20.60
C ASP L 41 54.44 -49.46 21.94
N VAL L 42 54.99 -48.28 22.24
CA VAL L 42 55.69 -48.05 23.49
C VAL L 42 54.69 -48.06 24.65
N GLY L 43 53.61 -47.29 24.50
CA GLY L 43 52.57 -47.22 25.51
C GLY L 43 51.20 -47.05 24.89
N GLY L 44 50.19 -47.65 25.52
CA GLY L 44 48.83 -47.58 25.03
C GLY L 44 48.28 -46.18 24.96
N GLY L 45 47.87 -45.76 23.77
CA GLY L 45 47.31 -44.43 23.58
C GLY L 45 47.59 -43.88 22.20
N LEU L 46 47.83 -42.58 22.13
CA LEU L 46 48.11 -41.92 20.85
C LEU L 46 49.04 -40.72 21.01
N ILE L 47 49.83 -40.44 19.98
CA ILE L 47 50.71 -39.28 19.96
C ILE L 47 50.40 -38.44 18.71
N THR L 48 50.20 -37.15 18.89
CA THR L 48 49.89 -36.28 17.76
C THR L 48 50.86 -35.10 17.62
N GLU L 49 51.39 -34.92 16.42
CA GLU L 49 52.28 -33.80 16.14
C GLU L 49 51.57 -32.77 15.26
N GLY L 50 51.68 -31.50 15.61
CA GLY L 50 51.07 -30.44 14.83
C GLY L 50 50.85 -29.15 15.58
N ASN L 51 50.89 -28.04 14.84
CA ASN L 51 50.66 -26.70 15.38
C ASN L 51 51.64 -26.28 16.47
N GLY L 52 52.89 -26.72 16.33
CA GLY L 52 53.94 -26.31 17.24
C GLY L 52 54.00 -27.15 18.52
N TYR L 53 53.06 -28.08 18.65
CA TYR L 53 53.02 -28.94 19.82
C TYR L 53 52.95 -30.40 19.45
N ARG L 54 53.45 -31.26 20.34
CA ARG L 54 53.22 -32.68 20.22
C ARG L 54 52.54 -33.18 21.49
N VAL L 55 51.40 -33.86 21.33
CA VAL L 55 50.57 -34.21 22.46
C VAL L 55 50.43 -35.73 22.64
N VAL L 56 50.63 -36.19 23.87
CA VAL L 56 50.50 -37.61 24.19
C VAL L 56 49.27 -37.84 25.06
N VAL L 57 48.44 -38.80 24.67
CA VAL L 57 47.24 -39.13 25.42
C VAL L 57 47.22 -40.59 25.85
N HIS L 58 47.17 -40.82 27.17
CA HIS L 58 47.17 -42.17 27.71
C HIS L 58 45.89 -42.49 28.47
N ASP L 59 45.72 -43.76 28.80
CA ASP L 59 44.67 -44.19 29.72
C ASP L 59 45.28 -45.01 30.85
N GLN L 60 44.52 -45.27 31.90
CA GLN L 60 45.03 -46.02 33.04
C GLN L 60 44.93 -47.54 32.84
N CYS L 61 44.84 -47.96 31.58
CA CYS L 61 44.77 -49.38 31.25
C CYS L 61 46.15 -49.96 30.94
N GLU L 62 46.48 -51.08 31.58
CA GLU L 62 47.70 -51.80 31.27
C GLU L 62 47.38 -52.97 30.33
N GLU L 63 46.24 -53.60 30.57
CA GLU L 63 45.76 -54.68 29.72
C GLU L 63 45.29 -54.09 28.39
N PRO L 64 45.64 -54.75 27.28
CA PRO L 64 45.24 -54.29 25.95
C PRO L 64 43.73 -54.13 25.79
N ASN L 65 43.27 -52.88 25.88
CA ASN L 65 41.86 -52.55 25.72
C ASN L 65 41.69 -51.51 24.63
N PRO L 66 40.51 -51.48 23.98
CA PRO L 66 40.24 -50.46 22.97
C PRO L 66 40.29 -49.04 23.55
N PHE L 67 41.11 -48.18 22.96
CA PHE L 67 41.26 -46.81 23.43
C PHE L 67 39.96 -46.03 23.18
N ILE L 68 39.59 -45.18 24.13
CA ILE L 68 38.30 -44.50 24.09
C ILE L 68 38.25 -43.41 23.03
N ILE L 69 39.41 -43.02 22.51
CA ILE L 69 39.49 -42.02 21.45
C ILE L 69 39.79 -42.67 20.11
N ALA L 70 39.05 -42.30 19.08
CA ALA L 70 39.20 -42.91 17.76
C ALA L 70 39.75 -41.95 16.71
N THR L 71 39.30 -40.70 16.75
CA THR L 71 39.67 -39.72 15.72
C THR L 71 40.31 -38.47 16.32
N THR L 72 41.30 -37.91 15.62
CA THR L 72 41.97 -36.70 16.06
C THR L 72 41.97 -35.64 14.96
N LYS L 73 41.61 -34.40 15.32
CA LYS L 73 41.58 -33.30 14.37
C LYS L 73 42.26 -32.06 14.96
N GLN L 74 42.86 -31.25 14.10
CA GLN L 74 43.52 -30.03 14.53
C GLN L 74 43.28 -28.88 13.56
N THR L 75 43.35 -27.66 14.09
CA THR L 75 43.25 -26.45 13.27
C THR L 75 44.03 -25.32 13.93
N HIS L 76 44.21 -24.22 13.21
CA HIS L 76 44.98 -23.10 13.73
C HIS L 76 44.36 -21.76 13.35
N PHE L 77 44.40 -20.82 14.27
CA PHE L 77 43.91 -19.47 14.03
C PHE L 77 44.87 -18.42 14.56
N GLY L 78 45.12 -17.39 13.76
CA GLY L 78 46.03 -16.32 14.16
C GLY L 78 47.46 -16.83 14.28
N VAL L 79 48.14 -16.38 15.34
CA VAL L 79 49.53 -16.74 15.55
C VAL L 79 49.78 -17.35 16.93
N THR L 80 48.71 -17.51 17.72
CA THR L 80 48.85 -18.04 19.07
C THR L 80 47.95 -19.24 19.36
N HIS L 81 46.77 -19.26 18.77
CA HIS L 81 45.78 -20.28 19.08
C HIS L 81 45.97 -21.58 18.30
N SER L 82 45.93 -22.70 19.01
CA SER L 82 45.99 -24.03 18.39
C SER L 82 44.95 -24.93 19.04
N TYR L 83 44.05 -25.47 18.22
CA TYR L 83 42.93 -26.28 18.71
C TYR L 83 43.04 -27.73 18.31
N ILE L 84 42.69 -28.63 19.24
CA ILE L 84 42.73 -30.07 18.98
C ILE L 84 41.40 -30.71 19.39
N GLU L 85 40.88 -31.60 18.54
CA GLU L 85 39.62 -32.26 18.82
C GLU L 85 39.73 -33.79 18.76
N PHE L 86 39.58 -34.42 19.92
CA PHE L 86 39.57 -35.88 20.00
C PHE L 86 38.14 -36.38 19.91
N SER L 87 37.88 -37.33 19.02
CA SER L 87 36.52 -37.75 18.73
C SER L 87 36.32 -39.27 18.75
N ASN L 88 35.06 -39.68 18.88
CA ASN L 88 34.67 -41.08 18.76
C ASN L 88 33.18 -41.16 18.47
N SER L 89 32.82 -41.54 17.24
CA SER L 89 31.44 -41.54 16.80
C SER L 89 30.58 -42.58 17.52
N ASN L 90 31.21 -43.64 18.02
CA ASN L 90 30.48 -44.66 18.77
C ASN L 90 31.33 -45.36 19.82
N THR L 91 31.32 -44.82 21.04
CA THR L 91 32.03 -45.41 22.16
C THR L 91 31.24 -46.56 22.75
N GLY L 92 29.93 -46.53 22.54
CA GLY L 92 29.02 -47.46 23.20
C GLY L 92 28.70 -46.93 24.59
N ALA L 93 27.74 -47.56 25.27
CA ALA L 93 27.34 -47.12 26.60
C ALA L 93 28.53 -47.19 27.57
N PRO L 94 28.67 -46.15 28.42
CA PRO L 94 29.77 -46.08 29.40
C PRO L 94 29.71 -47.20 30.43
N GLU L 95 28.56 -47.84 30.55
CA GLU L 95 28.39 -48.97 31.45
C GLU L 95 29.24 -50.15 31.00
N ASN L 96 29.38 -50.30 29.69
CA ASN L 96 30.08 -51.44 29.10
C ASN L 96 31.56 -51.16 28.87
N ILE L 97 31.99 -49.95 29.17
CA ILE L 97 33.40 -49.56 29.02
C ILE L 97 34.13 -49.67 30.34
N PRO L 98 35.27 -50.37 30.35
CA PRO L 98 36.14 -50.49 31.53
C PRO L 98 36.47 -49.12 32.13
N ASP L 99 36.58 -49.06 33.46
CA ASP L 99 36.80 -47.79 34.15
C ASP L 99 38.14 -47.18 33.79
N CYS L 100 39.16 -48.01 33.66
CA CYS L 100 40.52 -47.55 33.36
C CYS L 100 40.59 -46.81 32.03
N SER L 101 39.76 -47.21 31.08
CA SER L 101 39.74 -46.59 29.76
C SER L 101 39.02 -45.24 29.80
N LYS L 102 38.43 -44.92 30.94
CA LYS L 102 37.72 -43.65 31.09
C LYS L 102 38.51 -42.65 31.93
N HIS L 103 39.74 -43.02 32.28
CA HIS L 103 40.66 -42.10 32.94
C HIS L 103 41.72 -41.65 31.93
N ILE L 104 41.63 -40.40 31.51
CA ILE L 104 42.49 -39.88 30.45
C ILE L 104 43.60 -38.99 30.99
N LEU L 105 44.84 -39.27 30.57
CA LEU L 105 45.97 -38.43 30.89
C LEU L 105 46.56 -37.81 29.63
N ILE L 106 46.52 -36.49 29.53
CA ILE L 106 46.98 -35.79 28.35
C ILE L 106 48.21 -34.92 28.66
N SER L 107 49.29 -35.16 27.92
CA SER L 107 50.52 -34.41 28.10
C SER L 107 50.82 -33.56 26.88
N VAL L 108 50.94 -32.24 27.07
CA VAL L 108 51.19 -31.33 25.97
C VAL L 108 52.60 -30.74 26.00
N TYR L 109 53.42 -31.18 25.05
CA TYR L 109 54.78 -30.67 24.92
C TYR L 109 54.87 -29.74 23.72
N CYS L 110 55.84 -28.83 23.75
CA CYS L 110 56.03 -27.90 22.64
C CYS L 110 57.23 -28.29 21.77
N ASP L 111 57.04 -28.25 20.45
CA ASP L 111 58.06 -28.63 19.50
C ASP L 111 58.71 -27.43 18.83
N GLN L 112 57.90 -26.43 18.51
CA GLN L 112 58.37 -25.25 17.79
C GLN L 112 59.42 -24.47 18.56
N GLU L 113 59.06 -24.04 19.76
CA GLU L 113 59.97 -23.25 20.59
C GLU L 113 60.75 -24.14 21.55
N ALA L 114 61.99 -23.75 21.84
CA ALA L 114 62.82 -24.48 22.80
C ALA L 114 62.19 -24.45 24.19
N SER L 115 61.70 -25.60 24.63
CA SER L 115 60.97 -25.70 25.89
C SER L 115 61.82 -25.38 27.12
N GLY L 116 61.18 -24.79 28.13
CA GLY L 116 61.84 -24.50 29.39
C GLY L 116 61.60 -25.61 30.39
N LEU L 117 60.75 -26.55 30.01
CA LEU L 117 60.47 -27.74 30.81
C LEU L 117 59.94 -27.43 32.21
N ASP L 118 58.99 -26.49 32.28
CA ASP L 118 58.32 -26.18 33.54
C ASP L 118 56.86 -26.57 33.45
N PHE L 119 56.58 -27.83 33.80
CA PHE L 119 55.24 -28.39 33.63
C PHE L 119 54.28 -28.06 34.76
N HIS L 120 53.00 -28.27 34.48
CA HIS L 120 51.94 -28.09 35.47
C HIS L 120 50.83 -29.08 35.17
N THR L 121 50.45 -29.84 36.19
CA THR L 121 49.40 -30.85 36.04
C THR L 121 48.12 -30.40 36.72
N LEU L 122 47.03 -30.37 35.95
CA LEU L 122 45.74 -29.95 36.47
C LEU L 122 44.65 -30.90 36.01
N LYS L 123 43.80 -31.30 36.96
CA LYS L 123 42.68 -32.17 36.65
C LYS L 123 41.47 -31.34 36.22
N TYR L 124 41.23 -31.30 34.92
CA TYR L 124 40.20 -30.44 34.34
C TYR L 124 38.79 -31.00 34.48
N VAL L 125 38.65 -32.30 34.30
CA VAL L 125 37.32 -32.93 34.33
C VAL L 125 37.26 -34.09 35.32
N GLU L 126 36.22 -34.09 36.15
CA GLU L 126 36.00 -35.16 37.11
C GLU L 126 34.52 -35.53 37.15
N SER L 127 34.14 -36.58 36.44
CA SER L 127 32.76 -37.02 36.40
C SER L 127 32.65 -38.54 36.32
N ASN L 128 31.41 -39.04 36.40
CA ASN L 128 31.16 -40.48 36.36
C ASN L 128 31.46 -41.11 35.01
N TYR L 129 31.49 -40.29 33.97
CA TYR L 129 31.70 -40.78 32.61
C TYR L 129 33.16 -40.66 32.16
N LEU L 130 33.85 -39.62 32.62
CA LEU L 130 35.18 -39.34 32.12
C LEU L 130 36.05 -38.59 33.13
N HIS L 131 37.35 -38.84 33.08
CA HIS L 131 38.33 -38.12 33.89
C HIS L 131 39.41 -37.53 32.97
N ILE L 132 39.53 -36.21 32.95
CA ILE L 132 40.52 -35.57 32.09
C ILE L 132 41.59 -34.82 32.90
N THR L 133 42.82 -35.31 32.81
CA THR L 133 43.95 -34.65 33.47
C THR L 133 44.92 -34.14 32.42
N VAL L 134 45.32 -32.87 32.55
CA VAL L 134 46.20 -32.25 31.57
C VAL L 134 47.53 -31.79 32.18
N LYS L 135 48.63 -32.25 31.57
CA LYS L 135 49.96 -31.85 31.96
C LYS L 135 50.60 -31.09 30.80
N TYR L 136 51.02 -29.85 31.04
CA TYR L 136 51.56 -29.03 29.96
C TYR L 136 52.71 -28.12 30.37
N ASP L 137 53.60 -27.84 29.42
CA ASP L 137 54.75 -26.97 29.64
C ASP L 137 54.32 -25.51 29.62
N THR L 138 54.43 -24.84 30.76
CA THR L 138 53.97 -23.47 30.89
C THR L 138 54.98 -22.44 30.37
N SER L 139 56.13 -22.92 29.89
CA SER L 139 57.14 -22.03 29.34
C SER L 139 56.77 -21.58 27.93
N CYS L 140 56.04 -22.43 27.21
CA CYS L 140 55.63 -22.12 25.85
C CYS L 140 54.11 -22.05 25.69
N ILE L 141 53.38 -22.29 26.78
CA ILE L 141 51.93 -22.26 26.73
C ILE L 141 51.34 -21.21 27.67
N ASN L 142 50.61 -20.26 27.10
CA ASN L 142 50.06 -19.14 27.86
C ASN L 142 48.74 -19.49 28.55
N HIS L 143 47.90 -20.26 27.87
CA HIS L 143 46.61 -20.67 28.43
C HIS L 143 46.10 -21.95 27.78
N LEU L 144 45.39 -22.77 28.57
CA LEU L 144 44.83 -24.02 28.07
C LEU L 144 43.40 -24.21 28.57
N GLY L 145 42.48 -24.40 27.63
CA GLY L 145 41.08 -24.66 27.98
C GLY L 145 40.65 -26.02 27.45
N VAL L 146 39.75 -26.67 28.17
CA VAL L 146 39.27 -27.99 27.79
C VAL L 146 37.75 -28.08 27.81
N ASN L 147 37.17 -28.44 26.67
CA ASN L 147 35.73 -28.68 26.61
C ASN L 147 35.45 -30.17 26.50
N TYR L 148 34.37 -30.61 27.15
CA TYR L 148 34.08 -32.03 27.26
C TYR L 148 32.61 -32.33 26.99
N SER L 149 32.36 -33.36 26.17
CA SER L 149 31.01 -33.74 25.80
C SER L 149 30.92 -35.25 25.57
N PHE L 150 30.03 -35.90 26.31
CA PHE L 150 29.89 -37.35 26.25
C PHE L 150 28.45 -37.77 26.57
N ASN L 152 24.54 -39.67 24.55
CA ASN L 152 23.93 -40.34 23.42
C ASN L 152 23.14 -39.40 22.52
N GLU L 153 22.73 -39.90 21.36
CA GLU L 153 22.04 -39.07 20.37
C GLU L 153 20.66 -38.61 20.83
N CYS L 154 20.05 -39.36 21.75
CA CYS L 154 18.74 -38.99 22.27
C CYS L 154 18.83 -37.74 23.15
N GLU L 155 19.71 -37.78 24.14
CA GLU L 155 19.89 -36.68 25.07
C GLU L 155 20.47 -35.44 24.39
N ARG L 156 21.30 -35.65 23.37
CA ARG L 156 21.88 -34.54 22.62
C ARG L 156 20.78 -33.82 21.85
N LYS L 157 19.83 -34.59 21.32
CA LYS L 157 18.72 -34.03 20.56
C LYS L 157 17.75 -33.28 21.47
N LEU L 158 17.66 -33.72 22.72
CA LEU L 158 16.73 -33.13 23.67
C LEU L 158 17.31 -31.98 24.47
N THR L 159 18.62 -31.77 24.35
CA THR L 159 19.29 -30.67 25.04
C THR L 159 20.15 -29.84 24.09
N SER L 160 19.67 -29.67 22.86
CA SER L 160 20.41 -28.91 21.86
C SER L 160 20.29 -27.41 22.09
N ILE L 161 19.27 -27.02 22.84
CA ILE L 161 19.03 -25.61 23.14
C ILE L 161 20.05 -25.07 24.15
N TYR L 162 20.74 -25.99 24.83
CA TYR L 162 21.78 -25.60 25.78
C TYR L 162 23.15 -25.62 25.11
N GLU L 163 23.75 -24.44 24.98
CA GLU L 163 25.05 -24.29 24.34
C GLU L 163 26.14 -24.12 25.39
N THR L 164 27.01 -25.12 25.51
CA THR L 164 28.03 -25.11 26.55
C THR L 164 29.44 -24.98 25.99
N ASP L 165 29.55 -24.95 24.66
CA ASP L 165 30.86 -24.82 24.02
C ASP L 165 31.15 -23.35 23.72
N THR L 166 32.25 -22.86 24.28
CA THR L 166 32.66 -21.47 24.07
C THR L 166 34.13 -21.36 23.66
N LEU L 167 34.76 -22.51 23.45
CA LEU L 167 36.15 -22.54 23.03
C LEU L 167 36.32 -22.14 21.56
N THR L 168 36.10 -20.86 21.29
CA THR L 168 36.23 -20.32 19.94
C THR L 168 37.65 -20.51 19.43
N CYS L 169 38.62 -20.34 20.34
CA CYS L 169 40.02 -20.60 20.07
C CYS L 169 40.58 -19.81 18.88
N GLY L 170 40.29 -18.51 18.85
CA GLY L 170 40.84 -17.63 17.82
C GLY L 170 39.88 -17.34 16.68
N ALA L 171 38.72 -17.99 16.69
CA ALA L 171 37.71 -17.77 15.67
C ALA L 171 36.54 -16.96 16.24
N LYS L 172 35.67 -16.50 15.35
CA LYS L 172 34.52 -15.68 15.76
C LYS L 172 33.50 -16.50 16.53
N ASP L 173 33.37 -17.77 16.14
CA ASP L 173 32.42 -18.68 16.79
C ASP L 173 32.88 -20.12 16.63
N ILE L 174 32.19 -21.05 17.30
CA ILE L 174 32.58 -22.45 17.25
C ILE L 174 32.40 -23.05 15.85
N GLN L 175 31.41 -22.54 15.11
CA GLN L 175 31.16 -23.01 13.75
C GLN L 175 32.35 -22.75 12.85
N THR L 176 32.95 -21.56 12.99
CA THR L 176 34.10 -21.20 12.19
C THR L 176 35.31 -22.06 12.55
N ARG L 177 35.42 -22.40 13.83
CA ARG L 177 36.49 -23.27 14.31
C ARG L 177 36.43 -24.65 13.66
N ASP L 178 35.23 -25.22 13.62
CA ASP L 178 35.04 -26.57 13.08
C ASP L 178 35.13 -26.61 11.56
N LYS L 179 35.02 -25.45 10.93
CA LYS L 179 35.06 -25.38 9.47
C LYS L 179 36.47 -25.67 8.95
N TYR L 180 37.48 -25.18 9.67
CA TYR L 180 38.87 -25.30 9.24
C TYR L 180 39.60 -26.48 9.86
N LEU L 181 38.85 -27.37 10.50
CA LEU L 181 39.44 -28.57 11.10
C LEU L 181 40.01 -29.51 10.03
N LYS L 182 41.14 -30.13 10.33
CA LYS L 182 41.74 -31.10 9.42
C LYS L 182 42.07 -32.40 10.18
N THR L 183 41.62 -33.51 9.62
CA THR L 183 41.84 -34.82 10.23
C THR L 183 43.32 -35.19 10.20
N CYS L 184 43.86 -35.54 11.36
CA CYS L 184 45.26 -35.90 11.48
C CYS L 184 45.53 -37.25 10.82
N THR L 185 46.66 -37.36 10.13
CA THR L 185 46.98 -38.54 9.33
C THR L 185 48.08 -39.40 9.94
N ASN L 186 48.25 -40.59 9.38
CA ASN L 186 49.27 -41.53 9.84
C ASN L 186 50.56 -41.39 9.05
N THR L 187 51.29 -40.31 9.33
CA THR L 187 52.56 -40.07 8.64
C THR L 187 53.52 -39.31 9.56
N LYS L 188 54.81 -39.41 9.27
CA LYS L 188 55.84 -38.73 10.06
C LYS L 188 55.76 -37.21 9.92
N PHE L 189 56.56 -36.51 10.71
CA PHE L 189 56.57 -35.05 10.69
C PHE L 189 57.90 -34.53 10.17
N ASP L 190 58.01 -33.22 9.97
CA ASP L 190 59.21 -32.64 9.38
C ASP L 190 59.49 -31.21 9.83
N ARG L 191 58.45 -30.37 9.83
CA ARG L 191 58.57 -28.96 10.20
C ARG L 191 59.47 -28.15 9.26
N GLY M 1 16.71 -7.65 12.10
CA GLY M 1 16.95 -8.98 11.58
C GLY M 1 17.64 -8.96 10.23
N PRO M 2 17.86 -10.15 9.65
CA PRO M 2 18.53 -10.29 8.34
C PRO M 2 17.61 -9.96 7.17
N HIS M 3 18.20 -9.62 6.04
CA HIS M 3 17.45 -9.32 4.82
C HIS M 3 18.16 -9.91 3.60
N SER M 4 17.44 -9.98 2.48
CA SER M 4 18.02 -10.53 1.26
C SER M 4 17.38 -9.98 -0.01
N LEU M 5 18.14 -10.04 -1.10
CA LEU M 5 17.66 -9.63 -2.43
C LEU M 5 17.91 -10.79 -3.39
N ARG M 6 16.83 -11.34 -3.94
CA ARG M 6 16.95 -12.50 -4.82
C ARG M 6 16.26 -12.28 -6.15
N TYR M 7 16.87 -12.75 -7.22
CA TYR M 7 16.27 -12.67 -8.55
C TYR M 7 15.94 -14.05 -9.09
N PHE M 8 14.69 -14.25 -9.47
CA PHE M 8 14.21 -15.53 -9.97
C PHE M 8 14.05 -15.47 -11.48
N VAL M 9 14.94 -16.16 -12.19
CA VAL M 9 14.93 -16.16 -13.65
C VAL M 9 14.26 -17.41 -14.20
N THR M 10 13.32 -17.21 -15.13
CA THR M 10 12.65 -18.32 -15.81
C THR M 10 12.91 -18.28 -17.31
N ALA M 11 13.25 -19.43 -17.88
CA ALA M 11 13.46 -19.52 -19.33
C ALA M 11 12.88 -20.82 -19.87
N VAL M 12 11.75 -20.70 -20.55
CA VAL M 12 11.07 -21.87 -21.12
C VAL M 12 11.02 -21.81 -22.64
N SER M 13 11.48 -22.87 -23.28
CA SER M 13 11.49 -22.94 -24.75
C SER M 13 10.16 -23.40 -25.29
N ARG M 14 9.84 -22.98 -26.51
CA ARG M 14 8.62 -23.40 -27.19
C ARG M 14 8.90 -23.68 -28.67
N PRO M 15 9.31 -24.93 -28.98
CA PRO M 15 9.66 -25.34 -30.33
C PRO M 15 8.50 -25.18 -31.32
N GLY M 16 8.75 -24.44 -32.40
CA GLY M 16 7.75 -24.24 -33.43
C GLY M 16 6.64 -23.29 -33.01
N LEU M 17 6.88 -22.51 -31.98
CA LEU M 17 5.88 -21.57 -31.48
C LEU M 17 6.45 -20.16 -31.34
N GLY M 18 7.76 -20.02 -31.54
CA GLY M 18 8.41 -18.73 -31.41
C GLY M 18 9.61 -18.78 -30.49
N GLU M 19 10.07 -17.60 -30.09
CA GLU M 19 11.19 -17.48 -29.17
C GLU M 19 10.76 -17.85 -27.76
N PRO M 20 11.70 -18.37 -26.94
CA PRO M 20 11.42 -18.76 -25.56
C PRO M 20 10.86 -17.63 -24.70
N ARG M 21 10.04 -17.99 -23.71
CA ARG M 21 9.52 -17.01 -22.76
C ARG M 21 10.55 -16.75 -21.67
N TYR M 22 10.81 -15.47 -21.40
CA TYR M 22 11.83 -15.10 -20.43
C TYR M 22 11.26 -14.24 -19.30
N MET M 23 11.60 -14.62 -18.06
CA MET M 23 11.11 -13.91 -16.89
C MET M 23 12.21 -13.58 -15.88
N GLU M 24 12.15 -12.36 -15.34
CA GLU M 24 13.04 -11.96 -14.26
C GLU M 24 12.21 -11.33 -13.14
N VAL M 25 12.18 -11.99 -11.98
CA VAL M 25 11.40 -11.50 -10.85
C VAL M 25 12.26 -11.29 -9.60
N GLY M 26 12.36 -10.03 -9.17
CA GLY M 26 13.15 -9.69 -8.00
C GLY M 26 12.35 -9.76 -6.71
N TYR M 27 13.03 -10.14 -5.63
CA TYR M 27 12.39 -10.24 -4.32
C TYR M 27 13.24 -9.62 -3.22
N VAL M 28 12.78 -8.51 -2.66
CA VAL M 28 13.33 -8.02 -1.41
C VAL M 28 12.68 -8.84 -0.29
N ASP M 29 13.46 -9.70 0.34
CA ASP M 29 12.95 -10.70 1.28
C ASP M 29 11.92 -11.60 0.61
N ASP M 30 10.67 -11.50 1.03
CA ASP M 30 9.60 -12.32 0.47
C ASP M 30 8.64 -11.50 -0.40
N THR M 31 9.02 -10.25 -0.67
CA THR M 31 8.15 -9.35 -1.42
C THR M 31 8.66 -9.08 -2.85
N GLU M 32 7.77 -9.26 -3.82
CA GLU M 32 8.09 -8.98 -5.22
C GLU M 32 8.04 -7.48 -5.49
N PHE M 33 9.13 -6.93 -6.02
CA PHE M 33 9.22 -5.50 -6.27
C PHE M 33 9.46 -5.13 -7.72
N VAL M 34 10.02 -6.06 -8.50
CA VAL M 34 10.24 -5.83 -9.92
C VAL M 34 9.91 -7.06 -10.75
N ARG M 35 9.49 -6.86 -11.99
CA ARG M 35 9.15 -7.97 -12.89
C ARG M 35 9.34 -7.63 -14.36
N PHE M 36 10.01 -8.54 -15.08
CA PHE M 36 10.17 -8.43 -16.52
C PHE M 36 9.64 -9.71 -17.17
N ASP M 37 8.83 -9.55 -18.21
CA ASP M 37 8.24 -10.69 -18.90
C ASP M 37 8.27 -10.47 -20.41
N SER M 38 9.00 -11.34 -21.10
CA SER M 38 9.12 -11.25 -22.56
C SER M 38 7.78 -11.45 -23.25
N ASP M 39 6.99 -12.39 -22.75
CA ASP M 39 5.65 -12.61 -23.28
C ASP M 39 4.64 -11.70 -22.59
N ALA M 40 4.74 -10.40 -22.90
CA ALA M 40 3.80 -9.41 -22.38
C ALA M 40 3.49 -8.42 -23.49
N GLU M 41 2.56 -7.51 -23.22
CA GLU M 41 2.18 -6.49 -24.21
C GLU M 41 3.39 -5.63 -24.59
N ASN M 42 4.19 -5.27 -23.59
CA ASN M 42 5.45 -4.58 -23.83
C ASN M 42 6.53 -5.10 -22.88
N PRO M 43 7.55 -5.77 -23.45
CA PRO M 43 8.65 -6.37 -22.68
C PRO M 43 9.55 -5.32 -22.05
N ARG M 44 9.16 -4.80 -20.90
CA ARG M 44 10.00 -3.86 -20.15
C ARG M 44 9.91 -4.11 -18.65
N TYR M 45 10.90 -3.59 -17.92
CA TYR M 45 10.93 -3.74 -16.47
C TYR M 45 9.80 -2.95 -15.81
N GLU M 46 8.95 -3.65 -15.07
CA GLU M 46 7.82 -3.02 -14.41
C GLU M 46 7.88 -3.20 -12.89
N PRO M 47 7.60 -2.12 -12.14
CA PRO M 47 7.58 -2.17 -10.67
C PRO M 47 6.46 -3.06 -10.17
N ARG M 48 6.66 -3.69 -9.02
CA ARG M 48 5.65 -4.56 -8.43
C ARG M 48 5.32 -4.10 -7.03
N ALA M 49 6.07 -3.10 -6.57
CA ALA M 49 5.82 -2.48 -5.27
C ALA M 49 5.74 -0.98 -5.43
N ARG M 50 4.79 -0.36 -4.73
CA ARG M 50 4.55 1.08 -4.87
C ARG M 50 5.72 1.94 -4.37
N TRP M 51 6.65 1.33 -3.65
CA TRP M 51 7.82 2.06 -3.16
C TRP M 51 8.97 2.04 -4.17
N MET M 52 8.75 1.41 -5.32
CA MET M 52 9.76 1.36 -6.37
C MET M 52 9.52 2.43 -7.44
N GLU M 53 8.45 3.19 -7.27
CA GLU M 53 8.12 4.28 -8.19
C GLU M 53 9.08 5.45 -8.01
N GLN M 54 9.82 5.44 -6.91
CA GLN M 54 10.76 6.50 -6.59
C GLN M 54 11.91 6.55 -7.58
N GLU M 55 12.26 5.38 -8.13
CA GLU M 55 13.33 5.28 -9.12
C GLU M 55 12.95 6.03 -10.40
N GLY M 56 13.91 6.72 -10.99
CA GLY M 56 13.66 7.49 -12.20
C GLY M 56 13.74 6.66 -13.47
N PRO M 57 13.52 7.30 -14.63
CA PRO M 57 13.57 6.65 -15.94
C PRO M 57 14.94 6.08 -16.25
N GLU M 58 15.98 6.68 -15.68
CA GLU M 58 17.35 6.21 -15.88
C GLU M 58 17.51 4.79 -15.35
N TYR M 59 16.83 4.49 -14.25
CA TYR M 59 16.93 3.18 -13.61
C TYR M 59 16.16 2.11 -14.39
N TRP M 60 14.98 2.48 -14.87
CA TRP M 60 14.12 1.52 -15.58
C TRP M 60 14.62 1.27 -17.00
N GLU M 61 15.55 2.09 -17.45
CA GLU M 61 16.14 1.91 -18.77
C GLU M 61 17.34 0.97 -18.71
N ARG M 62 18.14 1.11 -17.66
CA ARG M 62 19.30 0.24 -17.45
C ARG M 62 18.86 -1.21 -17.28
N GLU M 63 17.91 -1.43 -16.37
CA GLU M 63 17.43 -2.77 -16.05
C GLU M 63 16.75 -3.45 -17.24
N THR M 64 16.08 -2.67 -18.07
CA THR M 64 15.42 -3.20 -19.26
C THR M 64 16.46 -3.68 -20.28
N GLN M 65 17.46 -2.84 -20.53
CA GLN M 65 18.55 -3.20 -21.43
C GLN M 65 19.30 -4.44 -20.93
N LYS M 66 19.46 -4.53 -19.62
CA LYS M 66 20.13 -5.67 -19.00
C LYS M 66 19.26 -6.92 -19.13
N ALA M 67 17.94 -6.73 -19.07
CA ALA M 67 16.99 -7.82 -19.18
C ALA M 67 17.02 -8.44 -20.58
N LYS M 68 16.94 -7.58 -21.59
CA LYS M 68 17.00 -8.02 -22.98
C LYS M 68 18.32 -8.71 -23.28
N GLY M 69 19.40 -8.17 -22.72
CA GLY M 69 20.71 -8.76 -22.87
C GLY M 69 20.78 -10.14 -22.24
N ASN M 70 20.12 -10.30 -21.10
CA ASN M 70 20.05 -11.59 -20.43
C ASN M 70 19.18 -12.60 -21.18
N GLU M 71 18.08 -12.13 -21.76
CA GLU M 71 17.17 -12.98 -22.51
C GLU M 71 17.87 -13.67 -23.68
N GLN M 72 18.70 -12.90 -24.39
CA GLN M 72 19.45 -13.43 -25.52
C GLN M 72 20.46 -14.49 -25.08
N SER M 73 21.10 -14.24 -23.94
CA SER M 73 22.06 -15.19 -23.38
C SER M 73 21.39 -16.52 -23.06
N PHE M 74 20.20 -16.45 -22.47
CA PHE M 74 19.46 -17.64 -22.09
C PHE M 74 18.83 -18.34 -23.30
N ARG M 75 18.51 -17.57 -24.34
CA ARG M 75 18.01 -18.15 -25.58
C ARG M 75 19.07 -19.05 -26.18
N VAL M 76 20.33 -18.65 -26.05
CA VAL M 76 21.46 -19.46 -26.50
C VAL M 76 21.66 -20.67 -25.60
N ASP M 77 21.63 -20.42 -24.28
CA ASP M 77 21.84 -21.48 -23.29
C ASP M 77 20.84 -22.62 -23.44
N LEU M 78 19.63 -22.28 -23.86
CA LEU M 78 18.61 -23.30 -24.13
C LEU M 78 19.01 -24.21 -25.27
N ARG M 79 19.65 -23.65 -26.29
CA ARG M 79 20.15 -24.44 -27.40
C ARG M 79 21.45 -25.16 -27.02
N THR M 80 22.24 -24.52 -26.16
CA THR M 80 23.52 -25.07 -25.74
C THR M 80 23.35 -26.38 -24.98
N LEU M 81 22.31 -26.43 -24.14
CA LEU M 81 22.04 -27.61 -23.32
C LEU M 81 21.47 -28.76 -24.15
N LEU M 82 20.90 -28.43 -25.31
CA LEU M 82 20.42 -29.45 -26.24
C LEU M 82 21.60 -30.23 -26.79
N GLY M 83 22.76 -29.58 -26.86
CA GLY M 83 23.97 -30.21 -27.34
C GLY M 83 24.68 -31.01 -26.26
N TYR M 84 24.73 -30.45 -25.06
CA TYR M 84 25.35 -31.12 -23.91
C TYR M 84 24.68 -32.46 -23.63
N TYR M 85 23.35 -32.44 -23.59
CA TYR M 85 22.58 -33.65 -23.28
C TYR M 85 22.29 -34.49 -24.52
N ASN M 86 22.50 -33.90 -25.69
CA ASN M 86 22.13 -34.51 -26.96
C ASN M 86 20.64 -34.83 -27.02
N GLN M 87 19.82 -33.81 -26.81
CA GLN M 87 18.37 -33.95 -26.83
C GLN M 87 17.79 -33.51 -28.17
N SER M 88 16.49 -33.72 -28.35
CA SER M 88 15.81 -33.32 -29.58
C SER M 88 15.33 -31.87 -29.47
N LYS M 89 15.20 -31.21 -30.62
CA LYS M 89 14.79 -29.82 -30.66
C LYS M 89 13.27 -29.66 -30.55
N GLY M 90 12.55 -30.76 -30.77
CA GLY M 90 11.10 -30.72 -30.74
C GLY M 90 10.51 -30.57 -29.35
N GLY M 91 11.32 -30.88 -28.33
CA GLY M 91 10.85 -30.83 -26.96
C GLY M 91 11.02 -29.48 -26.30
N SER M 92 10.06 -29.13 -25.44
CA SER M 92 10.12 -27.88 -24.70
C SER M 92 10.85 -28.08 -23.37
N HIS M 93 11.88 -27.27 -23.14
CA HIS M 93 12.70 -27.41 -21.95
C HIS M 93 12.71 -26.14 -21.12
N THR M 94 13.09 -26.27 -19.85
CA THR M 94 13.03 -25.15 -18.91
C THR M 94 14.35 -24.91 -18.18
N ILE M 95 14.81 -23.67 -18.21
CA ILE M 95 15.94 -23.25 -17.39
C ILE M 95 15.46 -22.30 -16.31
N GLN M 96 15.86 -22.56 -15.07
CA GLN M 96 15.50 -21.70 -13.96
C GLN M 96 16.75 -21.31 -13.16
N VAL M 97 16.83 -20.04 -12.78
CA VAL M 97 17.97 -19.56 -12.01
C VAL M 97 17.52 -18.76 -10.79
N ILE M 98 18.11 -19.07 -9.63
CA ILE M 98 17.92 -18.27 -8.44
C ILE M 98 19.23 -17.58 -8.09
N SER M 99 19.24 -16.25 -8.11
CA SER M 99 20.45 -15.49 -7.90
C SER M 99 20.23 -14.30 -6.98
N GLY M 100 21.09 -14.16 -5.99
CA GLY M 100 20.99 -13.04 -5.07
C GLY M 100 21.98 -13.08 -3.93
N CYS M 101 21.64 -12.44 -2.82
CA CYS M 101 22.53 -12.32 -1.68
C CYS M 101 21.75 -12.03 -0.40
N GLU M 102 22.18 -12.62 0.71
CA GLU M 102 21.57 -12.35 2.00
C GLU M 102 22.52 -11.58 2.91
N VAL M 103 22.09 -10.41 3.34
CA VAL M 103 22.92 -9.56 4.19
C VAL M 103 22.30 -9.42 5.58
N GLY M 104 23.10 -9.67 6.61
CA GLY M 104 22.64 -9.58 7.98
C GLY M 104 22.54 -8.15 8.48
N SER M 105 22.20 -8.01 9.76
CA SER M 105 22.08 -6.70 10.38
C SER M 105 23.42 -5.99 10.44
N ASP M 106 24.48 -6.76 10.63
CA ASP M 106 25.83 -6.21 10.72
C ASP M 106 26.34 -5.72 9.37
N GLY M 107 25.61 -6.02 8.31
CA GLY M 107 26.02 -5.64 6.97
C GLY M 107 26.85 -6.71 6.31
N ARG M 108 27.15 -7.76 7.08
CA ARG M 108 27.97 -8.87 6.59
C ARG M 108 27.17 -9.77 5.65
N LEU M 109 27.81 -10.19 4.56
CA LEU M 109 27.18 -11.09 3.60
C LEU M 109 27.08 -12.50 4.18
N LEU M 110 25.84 -12.97 4.35
CA LEU M 110 25.61 -14.27 4.98
C LEU M 110 25.53 -15.41 3.96
N ARG M 111 24.83 -15.16 2.86
CA ARG M 111 24.68 -16.17 1.81
C ARG M 111 24.88 -15.61 0.41
N GLY M 112 25.60 -16.35 -0.41
CA GLY M 112 25.76 -16.01 -1.82
C GLY M 112 24.94 -16.94 -2.70
N TYR M 113 23.87 -16.40 -3.28
CA TYR M 113 22.95 -17.22 -4.06
C TYR M 113 23.24 -17.22 -5.55
N GLN M 114 23.46 -18.41 -6.11
CA GLN M 114 23.60 -18.59 -7.55
C GLN M 114 23.44 -20.06 -7.91
N GLN M 115 22.22 -20.46 -8.25
CA GLN M 115 21.96 -21.84 -8.65
C GLN M 115 21.13 -21.93 -9.93
N TYR M 116 21.53 -22.85 -10.81
CA TYR M 116 20.84 -23.07 -12.07
C TYR M 116 20.03 -24.36 -12.00
N ALA M 117 18.96 -24.42 -12.78
CA ALA M 117 18.13 -25.62 -12.85
C ALA M 117 17.68 -25.89 -14.28
N TYR M 118 17.92 -27.11 -14.75
CA TYR M 118 17.49 -27.51 -16.07
C TYR M 118 16.40 -28.57 -15.94
N ASP M 119 15.20 -28.24 -16.41
CA ASP M 119 14.04 -29.12 -16.32
C ASP M 119 13.72 -29.54 -14.88
N GLY M 120 13.98 -28.64 -13.94
CA GLY M 120 13.62 -28.87 -12.54
C GLY M 120 14.71 -29.54 -11.74
N CYS M 121 15.62 -30.23 -12.42
CA CYS M 121 16.77 -30.82 -11.77
C CYS M 121 17.82 -29.75 -11.52
N ASP M 122 18.56 -29.90 -10.43
CA ASP M 122 19.69 -29.02 -10.17
C ASP M 122 20.72 -29.22 -11.28
N TYR M 123 21.33 -28.13 -11.72
CA TYR M 123 22.33 -28.21 -12.78
C TYR M 123 23.70 -27.85 -12.21
N ILE M 124 23.92 -26.57 -11.98
CA ILE M 124 25.17 -26.11 -11.38
C ILE M 124 24.86 -25.06 -10.32
N ALA M 125 25.73 -24.95 -9.32
CA ALA M 125 25.51 -24.01 -8.23
C ALA M 125 26.82 -23.52 -7.63
N LEU M 126 26.84 -22.24 -7.26
CA LEU M 126 28.00 -21.67 -6.59
C LEU M 126 28.03 -22.12 -5.13
N ASN M 127 29.15 -22.71 -4.73
CA ASN M 127 29.31 -23.19 -3.36
C ASN M 127 29.40 -22.04 -2.35
N GLU M 128 29.53 -22.40 -1.08
CA GLU M 128 29.60 -21.42 -0.01
C GLU M 128 30.92 -20.67 0.01
N ASP M 129 31.95 -21.28 -0.58
CA ASP M 129 33.28 -20.67 -0.60
C ASP M 129 33.37 -19.52 -1.60
N LEU M 130 32.35 -19.42 -2.46
CA LEU M 130 32.28 -18.40 -3.51
C LEU M 130 33.45 -18.48 -4.48
N LYS M 131 33.98 -19.69 -4.68
CA LYS M 131 35.14 -19.88 -5.55
C LYS M 131 35.03 -21.15 -6.38
N THR M 132 34.22 -22.11 -5.92
CA THR M 132 34.06 -23.37 -6.64
C THR M 132 32.60 -23.66 -7.00
N TRP M 133 32.41 -24.60 -7.92
CA TRP M 133 31.08 -24.96 -8.39
C TRP M 133 30.75 -26.42 -8.08
N THR M 134 29.46 -26.69 -7.88
CA THR M 134 28.98 -28.05 -7.71
C THR M 134 28.14 -28.46 -8.91
N ALA M 135 28.69 -29.34 -9.75
CA ALA M 135 27.99 -29.82 -10.92
C ALA M 135 27.13 -31.03 -10.58
N ALA M 136 25.84 -30.94 -10.85
CA ALA M 136 24.89 -31.97 -10.45
C ALA M 136 24.84 -33.16 -11.39
N ASP M 137 25.30 -32.97 -12.63
CA ASP M 137 25.31 -34.05 -13.60
C ASP M 137 26.50 -33.99 -14.56
N MET M 138 26.56 -34.95 -15.49
CA MET M 138 27.66 -35.06 -16.44
C MET M 138 27.74 -33.84 -17.35
N ALA M 139 26.59 -33.30 -17.73
CA ALA M 139 26.55 -32.17 -18.65
C ALA M 139 27.00 -30.87 -18.00
N ALA M 140 26.75 -30.75 -16.69
CA ALA M 140 27.13 -29.55 -15.95
C ALA M 140 28.64 -29.43 -15.81
N LEU M 141 29.33 -30.57 -15.95
CA LEU M 141 30.79 -30.59 -15.91
C LEU M 141 31.37 -29.78 -17.05
N ILE M 142 30.65 -29.73 -18.17
CA ILE M 142 31.05 -28.92 -19.31
C ILE M 142 30.99 -27.44 -18.97
N THR M 143 29.87 -27.03 -18.39
CA THR M 143 29.68 -25.64 -17.95
C THR M 143 30.71 -25.28 -16.89
N LYS M 144 30.87 -26.17 -15.91
CA LYS M 144 31.80 -25.98 -14.81
C LYS M 144 33.23 -25.73 -15.33
N HIS M 145 33.65 -26.53 -16.29
CA HIS M 145 34.99 -26.39 -16.87
C HIS M 145 35.16 -25.08 -17.61
N LYS M 146 34.08 -24.61 -18.25
CA LYS M 146 34.10 -23.34 -18.96
C LYS M 146 34.23 -22.17 -17.98
N TRP M 147 33.52 -22.26 -16.86
CA TRP M 147 33.50 -21.18 -15.88
C TRP M 147 34.79 -21.14 -15.06
N GLU M 148 35.53 -22.24 -15.02
CA GLU M 148 36.81 -22.28 -14.33
C GLU M 148 37.87 -21.57 -15.17
N GLN M 149 37.88 -21.88 -16.46
CA GLN M 149 38.85 -21.28 -17.39
C GLN M 149 38.49 -19.82 -17.70
N ALA M 150 37.26 -19.43 -17.40
CA ALA M 150 36.82 -18.06 -17.65
C ALA M 150 36.86 -17.23 -16.37
N GLY M 151 37.03 -17.91 -15.23
CA GLY M 151 37.05 -17.24 -13.95
C GLY M 151 35.72 -16.60 -13.62
N GLU M 152 34.64 -17.33 -13.91
CA GLU M 152 33.29 -16.84 -13.65
C GLU M 152 33.01 -16.72 -12.16
N ALA M 153 33.56 -17.66 -11.40
CA ALA M 153 33.37 -17.70 -9.95
C ALA M 153 33.88 -16.42 -9.27
N GLU M 154 35.01 -15.92 -9.75
CA GLU M 154 35.61 -14.71 -9.19
C GLU M 154 34.83 -13.46 -9.56
N ARG M 155 34.38 -13.39 -10.81
CA ARG M 155 33.57 -12.27 -11.28
C ARG M 155 32.25 -12.23 -10.53
N LEU M 156 31.72 -13.41 -10.21
CA LEU M 156 30.43 -13.54 -9.55
C LEU M 156 30.51 -13.13 -8.08
N ARG M 157 31.60 -13.51 -7.41
CA ARG M 157 31.79 -13.16 -6.00
C ARG M 157 31.84 -11.65 -5.83
N ALA M 158 32.42 -10.97 -6.80
CA ALA M 158 32.52 -9.51 -6.78
C ALA M 158 31.14 -8.86 -6.76
N TYR M 159 30.23 -9.37 -7.59
CA TYR M 159 28.87 -8.86 -7.65
C TYR M 159 28.12 -9.11 -6.35
N LEU M 160 28.25 -10.33 -5.83
CA LEU M 160 27.56 -10.73 -4.61
C LEU M 160 27.99 -9.91 -3.40
N GLU M 161 29.29 -9.70 -3.26
CA GLU M 161 29.82 -8.97 -2.11
C GLU M 161 29.72 -7.45 -2.28
N GLY M 162 29.69 -7.00 -3.53
CA GLY M 162 29.66 -5.57 -3.82
C GLY M 162 28.32 -5.06 -4.31
N THR M 163 28.05 -5.28 -5.59
CA THR M 163 26.87 -4.72 -6.26
C THR M 163 25.54 -5.12 -5.61
N CYS M 164 25.36 -6.43 -5.41
CA CYS M 164 24.12 -6.95 -4.86
C CYS M 164 23.78 -6.37 -3.49
N VAL M 165 24.80 -6.22 -2.65
CA VAL M 165 24.62 -5.69 -1.30
C VAL M 165 24.27 -4.21 -1.33
N GLU M 166 24.93 -3.46 -2.20
CA GLU M 166 24.68 -2.02 -2.33
C GLU M 166 23.25 -1.72 -2.73
N TRP M 167 22.69 -2.55 -3.60
CA TRP M 167 21.32 -2.35 -4.07
C TRP M 167 20.29 -2.80 -3.02
N LEU M 168 20.64 -3.84 -2.27
CA LEU M 168 19.77 -4.32 -1.20
C LEU M 168 19.59 -3.24 -0.15
N ARG M 169 20.69 -2.56 0.18
CA ARG M 169 20.67 -1.47 1.13
C ARG M 169 19.78 -0.34 0.64
N ARG M 170 19.86 -0.06 -0.66
CA ARG M 170 19.08 1.01 -1.28
C ARG M 170 17.60 0.68 -1.32
N TYR M 171 17.28 -0.55 -1.72
CA TYR M 171 15.89 -1.00 -1.82
C TYR M 171 15.24 -1.02 -0.44
N LEU M 172 15.99 -1.44 0.56
CA LEU M 172 15.48 -1.54 1.93
C LEU M 172 15.08 -0.18 2.50
N LYS M 173 15.91 0.83 2.28
CA LYS M 173 15.63 2.17 2.80
C LYS M 173 14.59 2.92 1.96
N ASN M 174 14.35 2.42 0.75
CA ASN M 174 13.38 3.03 -0.14
C ASN M 174 11.96 2.54 0.11
N GLY M 175 11.83 1.46 0.87
CA GLY M 175 10.52 0.88 1.14
C GLY M 175 10.39 0.24 2.50
N ASN M 176 11.24 0.64 3.45
CA ASN M 176 11.20 0.09 4.81
C ASN M 176 9.86 0.33 5.49
N ALA M 177 9.24 1.46 5.19
CA ALA M 177 7.97 1.82 5.80
C ALA M 177 6.87 0.84 5.43
N THR M 178 6.91 0.32 4.22
CA THR M 178 5.87 -0.59 3.74
C THR M 178 6.24 -2.06 3.96
N LEU M 179 7.53 -2.37 3.97
CA LEU M 179 7.99 -3.73 4.21
C LEU M 179 7.70 -4.15 5.64
N LEU M 180 7.65 -3.17 6.54
CA LEU M 180 7.40 -3.43 7.94
C LEU M 180 5.92 -3.58 8.25
N ARG M 181 5.08 -3.07 7.34
CA ARG M 181 3.63 -3.13 7.49
C ARG M 181 3.11 -4.56 7.64
N THR M 182 2.32 -4.80 8.67
CA THR M 182 1.80 -6.14 8.95
C THR M 182 0.31 -6.10 9.29
N ASP M 183 -0.43 -7.09 8.80
CA ASP M 183 -1.85 -7.20 9.09
C ASP M 183 -2.12 -8.32 10.10
N SER M 184 -2.92 -8.01 11.12
CA SER M 184 -3.25 -8.98 12.15
C SER M 184 -4.23 -10.03 11.64
N PRO M 185 -3.96 -11.31 11.94
CA PRO M 185 -4.85 -12.40 11.53
C PRO M 185 -6.16 -12.38 12.31
N LYS M 186 -7.27 -12.26 11.60
CA LYS M 186 -8.58 -12.36 12.22
C LYS M 186 -8.97 -13.84 12.29
N ALA M 187 -9.13 -14.35 13.51
CA ALA M 187 -9.31 -15.78 13.71
C ALA M 187 -10.71 -16.13 14.21
N HIS M 188 -11.15 -17.35 13.91
CA HIS M 188 -12.39 -17.89 14.45
C HIS M 188 -12.41 -19.42 14.35
N VAL M 189 -13.22 -20.05 15.19
CA VAL M 189 -13.29 -21.50 15.25
C VAL M 189 -14.66 -22.01 14.80
N THR M 190 -14.66 -22.91 13.81
CA THR M 190 -15.90 -23.51 13.33
C THR M 190 -16.06 -24.92 13.89
N HIS M 191 -17.23 -25.50 13.69
CA HIS M 191 -17.56 -26.80 14.27
C HIS M 191 -18.35 -27.66 13.29
N HIS M 192 -17.92 -28.92 13.14
CA HIS M 192 -18.61 -29.85 12.26
C HIS M 192 -18.68 -31.24 12.89
N SER M 193 -19.75 -31.97 12.60
CA SER M 193 -19.96 -33.30 13.17
C SER M 193 -19.61 -34.38 12.15
N ARG M 194 -18.49 -34.21 11.47
CA ARG M 194 -18.09 -35.13 10.41
C ARG M 194 -17.72 -36.55 10.88
N PRO M 195 -16.83 -36.68 11.88
CA PRO M 195 -16.52 -38.06 12.31
C PRO M 195 -17.70 -38.69 13.05
N GLU M 196 -17.69 -40.02 13.15
CA GLU M 196 -18.75 -40.74 13.85
C GLU M 196 -18.54 -40.69 15.36
N ASP M 197 -19.57 -40.23 16.08
CA ASP M 197 -19.52 -40.07 17.54
C ASP M 197 -18.44 -39.09 17.98
N LYS M 198 -17.91 -38.34 17.01
CA LYS M 198 -16.90 -37.32 17.27
C LYS M 198 -17.19 -36.08 16.43
N VAL M 199 -16.42 -35.02 16.64
CA VAL M 199 -16.59 -33.80 15.88
C VAL M 199 -15.26 -33.27 15.36
N THR M 200 -15.31 -32.13 14.69
CA THR M 200 -14.11 -31.52 14.13
C THR M 200 -14.07 -30.02 14.38
N LEU M 201 -13.00 -29.55 15.02
CA LEU M 201 -12.81 -28.13 15.27
C LEU M 201 -11.79 -27.56 14.29
N ARG M 202 -12.19 -26.54 13.55
CA ARG M 202 -11.30 -25.90 12.59
C ARG M 202 -11.01 -24.45 12.96
N CYS M 203 -9.77 -24.20 13.39
CA CYS M 203 -9.35 -22.85 13.76
C CYS M 203 -8.88 -22.08 12.53
N TRP M 204 -9.52 -20.95 12.26
CA TRP M 204 -9.21 -20.15 11.09
C TRP M 204 -8.27 -18.98 11.39
N ALA M 205 -7.67 -18.43 10.35
CA ALA M 205 -6.82 -17.25 10.46
C ALA M 205 -6.80 -16.55 9.11
N LEU M 206 -7.42 -15.37 9.04
CA LEU M 206 -7.61 -14.68 7.76
C LEU M 206 -7.03 -13.28 7.74
N GLY M 207 -6.78 -12.78 6.53
CA GLY M 207 -6.34 -11.41 6.32
C GLY M 207 -5.07 -11.00 7.05
N PHE M 208 -4.03 -11.81 6.93
CA PHE M 208 -2.76 -11.49 7.59
C PHE M 208 -1.59 -11.34 6.63
N TYR M 209 -0.66 -10.46 6.98
CA TYR M 209 0.57 -10.28 6.23
C TYR M 209 1.73 -10.10 7.19
N PRO M 210 2.87 -10.74 6.91
CA PRO M 210 3.11 -11.63 5.77
C PRO M 210 2.58 -13.03 6.01
N ALA M 211 3.07 -13.99 5.23
CA ALA M 211 2.58 -15.36 5.27
C ALA M 211 3.04 -16.13 6.52
N ASP M 212 4.06 -15.61 7.18
CA ASP M 212 4.59 -16.24 8.40
C ASP M 212 3.56 -16.27 9.52
N ILE M 213 3.09 -17.47 9.85
CA ILE M 213 2.10 -17.64 10.90
C ILE M 213 2.20 -19.05 11.49
N THR M 214 1.76 -19.19 12.74
CA THR M 214 1.77 -20.49 13.41
C THR M 214 0.43 -20.78 14.09
N LEU M 215 -0.18 -21.89 13.73
CA LEU M 215 -1.45 -22.30 14.32
C LEU M 215 -1.31 -23.65 15.02
N THR M 216 -1.66 -23.70 16.29
CA THR M 216 -1.57 -24.95 17.05
C THR M 216 -2.85 -25.22 17.84
N TRP M 217 -3.17 -26.50 18.00
CA TRP M 217 -4.26 -26.93 18.87
C TRP M 217 -3.67 -27.53 20.14
N GLN M 218 -4.28 -27.26 21.28
CA GLN M 218 -3.76 -27.76 22.55
C GLN M 218 -4.80 -28.46 23.40
N LEU M 219 -4.32 -29.41 24.21
CA LEU M 219 -5.14 -30.11 25.18
C LEU M 219 -4.30 -30.39 26.42
N ASN M 220 -4.80 -29.98 27.58
CA ASN M 220 -4.07 -30.10 28.84
C ASN M 220 -2.68 -29.47 28.78
N GLY M 221 -2.57 -28.33 28.10
CA GLY M 221 -1.32 -27.60 28.01
C GLY M 221 -0.30 -28.23 27.09
N GLU M 222 -0.72 -29.25 26.34
CA GLU M 222 0.17 -29.91 25.39
C GLU M 222 -0.29 -29.72 23.95
N GLU M 223 0.66 -29.47 23.06
CA GLU M 223 0.34 -29.24 21.65
C GLU M 223 0.03 -30.54 20.92
N LEU M 224 -0.97 -30.50 20.05
CA LEU M 224 -1.31 -31.62 19.20
C LEU M 224 -0.73 -31.38 17.80
N ILE M 225 0.38 -32.04 17.51
CA ILE M 225 1.09 -31.82 16.25
C ILE M 225 0.73 -32.86 15.19
N GLN M 226 0.74 -34.14 15.56
CA GLN M 226 0.41 -35.21 14.63
C GLN M 226 -1.09 -35.37 14.42
N ASP M 227 -1.87 -34.90 15.40
CA ASP M 227 -3.32 -35.02 15.33
C ASP M 227 -3.92 -33.79 14.66
N MET M 228 -3.05 -32.87 14.25
CA MET M 228 -3.48 -31.60 13.68
C MET M 228 -3.41 -31.60 12.15
N GLU M 229 -4.54 -31.35 11.51
CA GLU M 229 -4.59 -31.24 10.05
C GLU M 229 -4.27 -29.81 9.63
N LEU M 230 -3.06 -29.58 9.14
CA LEU M 230 -2.64 -28.24 8.76
C LEU M 230 -2.50 -28.11 7.24
N VAL M 231 -3.12 -27.09 6.69
CA VAL M 231 -3.05 -26.86 5.25
C VAL M 231 -2.10 -25.70 4.93
N GLU M 232 -1.55 -25.73 3.72
CA GLU M 232 -0.58 -24.73 3.29
C GLU M 232 -1.18 -23.33 3.27
N THR M 233 -0.38 -22.34 3.65
CA THR M 233 -0.81 -20.95 3.63
C THR M 233 -1.08 -20.51 2.19
N ARG M 234 -2.26 -19.94 1.97
CA ARG M 234 -2.69 -19.56 0.63
C ARG M 234 -2.97 -18.06 0.57
N PRO M 235 -2.90 -17.47 -0.64
CA PRO M 235 -3.23 -16.06 -0.81
C PRO M 235 -4.74 -15.86 -0.92
N ALA M 236 -5.24 -14.78 -0.32
CA ALA M 236 -6.66 -14.46 -0.40
C ALA M 236 -6.98 -13.72 -1.70
N GLY M 237 -5.93 -13.22 -2.35
CA GLY M 237 -6.08 -12.52 -3.61
C GLY M 237 -6.01 -11.01 -3.45
N ASP M 238 -6.08 -10.54 -2.22
CA ASP M 238 -6.08 -9.10 -1.95
C ASP M 238 -4.76 -8.66 -1.33
N GLY M 239 -3.77 -9.55 -1.34
CA GLY M 239 -2.46 -9.25 -0.80
C GLY M 239 -2.22 -9.88 0.56
N THR M 240 -3.28 -10.43 1.14
CA THR M 240 -3.18 -11.08 2.44
C THR M 240 -3.22 -12.59 2.29
N PHE M 241 -3.20 -13.31 3.40
CA PHE M 241 -3.16 -14.77 3.35
C PHE M 241 -4.14 -15.45 4.30
N GLN M 242 -4.39 -16.73 4.04
CA GLN M 242 -5.30 -17.53 4.86
C GLN M 242 -4.63 -18.84 5.26
N LYS M 243 -5.09 -19.41 6.37
CA LYS M 243 -4.59 -20.70 6.85
C LYS M 243 -5.52 -21.23 7.93
N TRP M 244 -5.65 -22.55 8.03
CA TRP M 244 -6.44 -23.13 9.10
C TRP M 244 -5.89 -24.46 9.62
N ALA M 245 -6.25 -24.78 10.85
CA ALA M 245 -5.85 -26.04 11.48
C ALA M 245 -7.08 -26.82 11.92
N SER M 246 -7.14 -28.08 11.53
CA SER M 246 -8.25 -28.95 11.91
C SER M 246 -7.80 -30.01 12.90
N VAL M 247 -8.67 -30.33 13.85
CA VAL M 247 -8.39 -31.39 14.81
C VAL M 247 -9.67 -32.17 15.11
N VAL M 248 -9.52 -33.49 15.21
CA VAL M 248 -10.67 -34.36 15.47
C VAL M 248 -10.79 -34.67 16.96
N VAL M 249 -11.83 -34.14 17.59
CA VAL M 249 -12.03 -34.32 19.02
C VAL M 249 -13.36 -35.03 19.31
N PRO M 250 -13.40 -35.83 20.39
CA PRO M 250 -14.62 -36.53 20.79
C PRO M 250 -15.75 -35.57 21.11
N LEU M 251 -16.99 -36.02 20.94
CA LEU M 251 -18.16 -35.18 21.17
C LEU M 251 -18.33 -34.86 22.65
N GLY M 252 -18.65 -33.59 22.95
CA GLY M 252 -18.86 -33.15 24.31
C GLY M 252 -17.61 -32.61 24.97
N LYS M 253 -16.50 -32.65 24.23
CA LYS M 253 -15.22 -32.20 24.76
C LYS M 253 -14.64 -31.03 23.97
N GLU M 254 -15.51 -30.28 23.31
CA GLU M 254 -15.07 -29.15 22.49
C GLU M 254 -14.38 -28.07 23.32
N GLN M 255 -14.90 -27.83 24.51
CA GLN M 255 -14.41 -26.76 25.37
C GLN M 255 -13.03 -27.05 25.97
N TYR M 256 -12.62 -28.31 25.93
CA TYR M 256 -11.33 -28.72 26.48
C TYR M 256 -10.17 -28.42 25.55
N TYR M 257 -10.49 -28.03 24.31
CA TYR M 257 -9.45 -27.75 23.32
C TYR M 257 -9.38 -26.27 22.97
N THR M 258 -8.16 -25.77 22.83
CA THR M 258 -7.94 -24.35 22.51
C THR M 258 -7.02 -24.20 21.30
N CYS M 259 -7.35 -23.24 20.43
CA CYS M 259 -6.50 -22.94 19.29
C CYS M 259 -5.61 -21.73 19.59
N HIS M 260 -4.43 -21.70 18.98
CA HIS M 260 -3.48 -20.62 19.21
C HIS M 260 -2.99 -20.01 17.90
N VAL M 261 -3.05 -18.68 17.82
CA VAL M 261 -2.61 -17.97 16.63
C VAL M 261 -1.37 -17.12 16.92
N TYR M 262 -0.25 -17.50 16.31
CA TYR M 262 1.00 -16.77 16.48
C TYR M 262 1.37 -15.98 15.23
N HIS M 263 1.52 -14.67 15.37
CA HIS M 263 1.88 -13.81 14.25
C HIS M 263 2.64 -12.58 14.76
N GLN M 264 3.48 -12.01 13.91
CA GLN M 264 4.30 -10.86 14.31
C GLN M 264 3.48 -9.56 14.32
N GLY M 265 2.27 -9.62 13.79
CA GLY M 265 1.40 -8.45 13.76
C GLY M 265 0.47 -8.40 14.95
N LEU M 266 0.66 -9.33 15.89
CA LEU M 266 -0.16 -9.41 17.09
C LEU M 266 0.65 -9.04 18.33
N PRO M 267 0.10 -8.17 19.18
CA PRO M 267 0.73 -7.81 20.45
C PRO M 267 0.80 -9.01 21.38
N GLU M 268 -0.20 -9.88 21.26
CA GLU M 268 -0.29 -11.09 22.08
C GLU M 268 -0.92 -12.21 21.27
N PRO M 269 -0.35 -13.43 21.37
CA PRO M 269 -0.90 -14.61 20.68
C PRO M 269 -2.37 -14.85 21.02
N LEU M 270 -3.17 -15.12 19.99
CA LEU M 270 -4.60 -15.31 20.16
C LEU M 270 -4.92 -16.69 20.74
N THR M 271 -5.91 -16.74 21.62
CA THR M 271 -6.37 -18.01 22.19
C THR M 271 -7.86 -18.16 21.96
N LEU M 272 -8.25 -19.21 21.25
CA LEU M 272 -9.64 -19.39 20.86
C LEU M 272 -10.20 -20.75 21.25
N ARG M 273 -11.50 -20.77 21.57
CA ARG M 273 -12.22 -22.01 21.81
C ARG M 273 -13.45 -22.06 20.94
N TRP M 274 -14.09 -23.22 20.85
CA TRP M 274 -15.36 -23.33 20.14
C TRP M 274 -16.47 -22.70 20.99
N GLU M 275 -17.26 -21.84 20.37
CA GLU M 275 -18.33 -21.14 21.08
C GLU M 275 -19.60 -21.06 20.25
N PRO M 276 -20.65 -21.78 20.69
CA PRO M 276 -21.95 -21.76 20.01
C PRO M 276 -22.68 -20.42 20.22
N PRO M 277 -23.21 -19.84 19.13
CA PRO M 277 -23.96 -18.59 19.17
C PRO M 277 -25.20 -18.66 20.04
N MET N 1 15.58 -34.83 -15.60
CA MET N 1 14.44 -33.93 -15.47
C MET N 1 13.48 -34.43 -14.39
N ILE N 2 12.66 -33.53 -13.86
CA ILE N 2 11.64 -33.89 -12.88
C ILE N 2 10.26 -33.40 -13.29
N GLN N 3 9.23 -34.02 -12.72
CA GLN N 3 7.85 -33.61 -12.96
C GLN N 3 7.03 -33.69 -11.68
N ARG N 4 6.15 -32.72 -11.47
CA ARG N 4 5.38 -32.65 -10.23
C ARG N 4 3.91 -32.32 -10.50
N THR N 5 3.03 -33.06 -9.85
CA THR N 5 1.59 -32.84 -9.98
C THR N 5 1.16 -31.67 -9.12
N PRO N 6 0.36 -30.76 -9.69
CA PRO N 6 -0.06 -29.52 -9.01
C PRO N 6 -0.91 -29.78 -7.78
N LYS N 7 -0.61 -29.07 -6.70
CA LYS N 7 -1.44 -29.09 -5.50
C LYS N 7 -2.53 -28.04 -5.68
N ILE N 8 -3.78 -28.43 -5.44
CA ILE N 8 -4.91 -27.57 -5.74
C ILE N 8 -5.73 -27.22 -4.51
N GLN N 9 -6.06 -25.95 -4.36
CA GLN N 9 -6.95 -25.50 -3.29
C GLN N 9 -8.01 -24.54 -3.82
N VAL N 10 -9.27 -24.84 -3.55
CA VAL N 10 -10.39 -24.00 -3.96
C VAL N 10 -11.01 -23.36 -2.74
N TYR N 11 -11.06 -22.03 -2.73
CA TYR N 11 -11.53 -21.30 -1.55
C TYR N 11 -12.02 -19.90 -1.92
N SER N 12 -12.67 -19.25 -0.97
CA SER N 12 -13.19 -17.90 -1.19
C SER N 12 -12.36 -16.89 -0.40
N ARG N 13 -12.32 -15.66 -0.91
CA ARG N 13 -11.54 -14.59 -0.28
C ARG N 13 -12.10 -14.24 1.10
N HIS N 14 -13.41 -14.35 1.25
CA HIS N 14 -14.07 -14.05 2.52
C HIS N 14 -15.05 -15.17 2.87
N PRO N 15 -15.38 -15.30 4.16
CA PRO N 15 -16.41 -16.25 4.61
C PRO N 15 -17.70 -16.10 3.83
N ALA N 16 -18.17 -17.20 3.23
CA ALA N 16 -19.31 -17.16 2.32
C ALA N 16 -20.65 -17.10 3.04
N GLU N 17 -21.29 -15.93 2.98
CA GLU N 17 -22.67 -15.78 3.42
C GLU N 17 -23.54 -15.53 2.19
N ASN N 18 -24.54 -16.38 2.00
CA ASN N 18 -25.38 -16.35 0.80
C ASN N 18 -25.97 -14.99 0.47
N GLY N 19 -25.50 -14.37 -0.61
CA GLY N 19 -26.01 -13.10 -1.06
C GLY N 19 -24.95 -12.03 -1.26
N LYS N 20 -23.96 -12.00 -0.36
CA LYS N 20 -22.90 -11.01 -0.43
C LYS N 20 -21.91 -11.32 -1.55
N SER N 21 -21.41 -10.28 -2.20
CA SER N 21 -20.42 -10.44 -3.26
C SER N 21 -19.10 -10.94 -2.68
N ASN N 22 -18.33 -11.66 -3.48
CA ASN N 22 -17.08 -12.24 -3.02
C ASN N 22 -16.16 -12.61 -4.19
N PHE N 23 -14.97 -13.09 -3.87
CA PHE N 23 -14.04 -13.57 -4.89
C PHE N 23 -13.86 -15.08 -4.79
N LEU N 24 -13.70 -15.74 -5.93
CA LEU N 24 -13.45 -17.18 -5.95
C LEU N 24 -12.03 -17.46 -6.40
N ASN N 25 -11.25 -18.10 -5.53
CA ASN N 25 -9.84 -18.37 -5.81
C ASN N 25 -9.54 -19.85 -6.04
N CYS N 26 -8.60 -20.11 -6.94
CA CYS N 26 -8.09 -21.46 -7.16
C CYS N 26 -6.57 -21.42 -7.20
N TYR N 27 -5.94 -21.97 -6.16
CA TYR N 27 -4.51 -21.88 -5.98
C TYR N 27 -3.80 -23.16 -6.43
N VAL N 28 -3.09 -23.07 -7.54
CA VAL N 28 -2.28 -24.20 -8.00
C VAL N 28 -0.81 -23.95 -7.69
N SER N 29 -0.14 -24.96 -7.15
CA SER N 29 1.25 -24.81 -6.72
C SER N 29 1.96 -26.15 -6.65
N GLY N 30 3.29 -26.11 -6.78
CA GLY N 30 4.10 -27.32 -6.68
C GLY N 30 4.13 -28.15 -7.96
N PHE N 31 3.99 -27.50 -9.10
CA PHE N 31 3.96 -28.22 -10.38
C PHE N 31 5.13 -27.87 -11.28
N HIS N 32 5.51 -28.83 -12.13
CA HIS N 32 6.62 -28.66 -13.07
C HIS N 32 6.46 -29.71 -14.17
N PRO N 33 6.53 -29.29 -15.44
CA PRO N 33 6.83 -27.94 -15.93
C PRO N 33 5.69 -26.93 -15.77
N SER N 34 5.94 -25.70 -16.24
CA SER N 34 5.07 -24.55 -15.99
C SER N 34 3.72 -24.60 -16.71
N ASP N 35 3.68 -25.24 -17.88
CA ASP N 35 2.46 -25.28 -18.68
C ASP N 35 1.30 -25.95 -17.94
N ILE N 36 0.30 -25.16 -17.58
CA ILE N 36 -0.85 -25.65 -16.84
C ILE N 36 -2.13 -24.98 -17.32
N GLU N 37 -3.24 -25.73 -17.28
CA GLU N 37 -4.53 -25.20 -17.72
C GLU N 37 -5.51 -25.16 -16.56
N VAL N 38 -5.98 -23.96 -16.22
CA VAL N 38 -6.89 -23.78 -15.09
C VAL N 38 -8.10 -22.95 -15.48
N ASP N 39 -9.29 -23.47 -15.18
CA ASP N 39 -10.54 -22.74 -15.42
C ASP N 39 -11.55 -22.99 -14.31
N LEU N 40 -12.33 -21.96 -13.99
CA LEU N 40 -13.30 -22.03 -12.91
C LEU N 40 -14.68 -22.43 -13.43
N LEU N 41 -15.40 -23.22 -12.64
CA LEU N 41 -16.70 -23.74 -13.06
C LEU N 41 -17.85 -23.27 -12.18
N LYS N 42 -18.82 -22.61 -12.80
CA LYS N 42 -20.04 -22.21 -12.11
C LYS N 42 -21.18 -23.13 -12.52
N ASN N 43 -21.65 -23.92 -11.55
CA ASN N 43 -22.70 -24.90 -11.78
C ASN N 43 -22.34 -25.91 -12.86
N GLY N 44 -21.07 -26.31 -12.90
CA GLY N 44 -20.61 -27.30 -13.85
C GLY N 44 -20.14 -26.71 -15.18
N GLU N 45 -20.46 -25.44 -15.40
CA GLU N 45 -20.10 -24.78 -16.64
C GLU N 45 -18.96 -23.78 -16.43
N ARG N 46 -18.13 -23.61 -17.45
CA ARG N 46 -16.95 -22.74 -17.37
C ARG N 46 -17.32 -21.26 -17.32
N ILE N 47 -16.68 -20.53 -16.40
CA ILE N 47 -16.83 -19.09 -16.32
C ILE N 47 -15.93 -18.42 -17.36
N GLU N 48 -16.50 -17.54 -18.16
CA GLU N 48 -15.78 -16.92 -19.27
C GLU N 48 -14.67 -15.96 -18.83
N LYS N 49 -14.94 -15.16 -17.81
CA LYS N 49 -13.96 -14.18 -17.35
C LYS N 49 -13.22 -14.60 -16.09
N VAL N 50 -12.04 -15.17 -16.28
CA VAL N 50 -11.21 -15.63 -15.16
C VAL N 50 -9.81 -15.02 -15.26
N GLU N 51 -9.45 -14.18 -14.28
CA GLU N 51 -8.15 -13.56 -14.25
C GLU N 51 -7.17 -14.37 -13.41
N HIS N 52 -5.91 -14.41 -13.83
CA HIS N 52 -4.89 -15.19 -13.14
C HIS N 52 -3.71 -14.32 -12.71
N SER N 53 -3.08 -14.70 -11.60
CA SER N 53 -1.88 -14.00 -11.14
C SER N 53 -0.72 -14.27 -12.08
N ASP N 54 0.34 -13.50 -11.93
CA ASP N 54 1.54 -13.69 -12.74
C ASP N 54 2.31 -14.93 -12.27
N LEU N 55 3.00 -15.58 -13.20
CA LEU N 55 3.69 -16.83 -12.89
C LEU N 55 4.92 -16.60 -12.00
N SER N 56 5.15 -17.53 -11.08
CA SER N 56 6.29 -17.47 -10.18
C SER N 56 6.67 -18.89 -9.75
N PHE N 57 7.84 -19.03 -9.13
CA PHE N 57 8.25 -20.32 -8.60
C PHE N 57 9.00 -20.22 -7.28
N SER N 58 8.89 -21.27 -6.46
CA SER N 58 9.52 -21.30 -5.15
C SER N 58 10.92 -21.90 -5.19
N LYS N 59 11.50 -22.14 -4.02
CA LYS N 59 12.88 -22.59 -3.92
C LYS N 59 13.10 -24.04 -4.33
N ASP N 60 12.00 -24.78 -4.50
CA ASP N 60 12.07 -26.16 -4.95
C ASP N 60 11.85 -26.24 -6.46
N TRP N 61 12.00 -25.09 -7.12
CA TRP N 61 11.79 -24.93 -8.56
C TRP N 61 10.34 -25.13 -9.00
N SER N 62 9.44 -25.27 -8.04
CA SER N 62 8.03 -25.51 -8.35
C SER N 62 7.26 -24.23 -8.61
N PHE N 63 6.47 -24.22 -9.68
CA PHE N 63 5.70 -23.04 -10.06
C PHE N 63 4.42 -22.92 -9.25
N TYR N 64 3.88 -21.70 -9.17
CA TYR N 64 2.61 -21.48 -8.50
C TYR N 64 1.81 -20.33 -9.09
N LEU N 65 0.50 -20.53 -9.24
CA LEU N 65 -0.39 -19.53 -9.82
C LEU N 65 -1.64 -19.34 -8.96
N LEU N 66 -2.31 -18.21 -9.16
CA LEU N 66 -3.58 -17.94 -8.50
C LEU N 66 -4.61 -17.45 -9.51
N TYR N 67 -5.64 -18.25 -9.74
CA TYR N 67 -6.72 -17.88 -10.64
C TYR N 67 -7.90 -17.38 -9.82
N TYR N 68 -8.41 -16.20 -10.18
CA TYR N 68 -9.48 -15.57 -9.41
C TYR N 68 -10.54 -14.92 -10.29
N THR N 69 -11.73 -14.77 -9.73
CA THR N 69 -12.82 -14.08 -10.41
C THR N 69 -13.84 -13.57 -9.39
N GLU N 70 -14.65 -12.60 -9.81
CA GLU N 70 -15.71 -12.09 -8.96
C GLU N 70 -16.93 -13.00 -9.09
N PHE N 71 -17.66 -13.18 -7.99
CA PHE N 71 -18.87 -13.98 -8.00
C PHE N 71 -19.76 -13.69 -6.80
N THR N 72 -20.99 -14.20 -6.84
CA THR N 72 -21.92 -14.06 -5.73
C THR N 72 -22.51 -15.43 -5.39
N PRO N 73 -22.12 -15.99 -4.24
CA PRO N 73 -22.56 -17.32 -3.81
C PRO N 73 -24.00 -17.33 -3.31
N THR N 74 -24.69 -18.44 -3.57
CA THR N 74 -26.07 -18.63 -3.09
C THR N 74 -26.15 -19.92 -2.28
N GLU N 75 -27.33 -20.53 -2.28
CA GLU N 75 -27.54 -21.75 -1.50
C GLU N 75 -27.34 -23.02 -2.32
N LYS N 76 -27.93 -23.06 -3.52
CA LYS N 76 -27.90 -24.27 -4.33
C LYS N 76 -26.88 -24.21 -5.47
N ASP N 77 -26.13 -23.12 -5.54
CA ASP N 77 -25.08 -22.98 -6.56
C ASP N 77 -23.77 -23.62 -6.11
N GLU N 78 -23.36 -24.67 -6.81
CA GLU N 78 -22.13 -25.36 -6.48
C GLU N 78 -21.00 -24.97 -7.44
N TYR N 79 -19.91 -24.48 -6.88
CA TYR N 79 -18.75 -24.08 -7.68
C TYR N 79 -17.65 -25.14 -7.61
N ALA N 80 -16.70 -25.06 -8.54
CA ALA N 80 -15.61 -26.01 -8.58
C ALA N 80 -14.41 -25.45 -9.34
N CYS N 81 -13.38 -26.27 -9.50
CA CYS N 81 -12.17 -25.86 -10.21
C CYS N 81 -11.67 -27.00 -11.08
N ARG N 82 -11.34 -26.68 -12.32
CA ARG N 82 -10.83 -27.69 -13.26
C ARG N 82 -9.37 -27.41 -13.59
N VAL N 83 -8.50 -28.36 -13.25
CA VAL N 83 -7.08 -28.21 -13.50
C VAL N 83 -6.52 -29.40 -14.29
N ASN N 84 -5.86 -29.11 -15.40
CA ASN N 84 -5.14 -30.13 -16.14
C ASN N 84 -3.66 -29.81 -16.25
N HIS N 85 -2.84 -30.82 -16.05
CA HIS N 85 -1.39 -30.68 -16.18
C HIS N 85 -0.85 -31.87 -16.97
N VAL N 86 0.38 -31.77 -17.44
CA VAL N 86 0.99 -32.84 -18.23
C VAL N 86 1.20 -34.09 -17.38
N THR N 87 1.28 -33.90 -16.08
CA THR N 87 1.50 -35.00 -15.15
C THR N 87 0.19 -35.69 -14.77
N LEU N 88 -0.94 -35.15 -15.24
CA LEU N 88 -2.24 -35.72 -14.92
C LEU N 88 -2.82 -36.54 -16.07
N SER N 89 -3.25 -37.76 -15.75
CA SER N 89 -3.84 -38.65 -16.74
C SER N 89 -5.14 -38.07 -17.28
N GLN N 90 -6.00 -37.63 -16.36
CA GLN N 90 -7.23 -36.92 -16.72
C GLN N 90 -7.38 -35.70 -15.81
N PRO N 91 -7.97 -34.62 -16.34
CA PRO N 91 -8.15 -33.34 -15.64
C PRO N 91 -8.68 -33.50 -14.22
N LYS N 92 -8.22 -32.65 -13.31
CA LYS N 92 -8.61 -32.72 -11.90
C LYS N 92 -9.78 -31.78 -11.61
N ILE N 93 -10.72 -32.26 -10.80
CA ILE N 93 -11.85 -31.45 -10.37
C ILE N 93 -11.90 -31.39 -8.86
N VAL N 94 -11.98 -30.19 -8.31
CA VAL N 94 -12.06 -30.00 -6.87
C VAL N 94 -13.26 -29.13 -6.49
N LYS N 95 -14.21 -29.72 -5.78
CA LYS N 95 -15.42 -29.00 -5.38
C LYS N 95 -15.10 -27.91 -4.36
N TRP N 96 -15.89 -26.84 -4.38
CA TRP N 96 -15.69 -25.72 -3.47
C TRP N 96 -16.43 -25.90 -2.16
N ASP N 97 -15.71 -25.75 -1.05
CA ASP N 97 -16.29 -25.82 0.29
C ASP N 97 -16.12 -24.47 0.96
N ARG N 98 -17.24 -23.83 1.30
CA ARG N 98 -17.23 -22.48 1.85
C ARG N 98 -16.54 -22.40 3.22
N ASP N 99 -16.38 -23.54 3.88
CA ASP N 99 -15.66 -23.59 5.14
C ASP N 99 -14.44 -24.50 5.04
N MET N 100 -13.64 -24.26 3.99
CA MET N 100 -12.39 -25.00 3.79
C MET N 100 -11.42 -24.20 2.93
N SER O 1 19.23 -4.46 -8.62
CA SER O 1 19.77 -4.66 -9.96
C SER O 1 20.25 -6.09 -10.15
N ILE O 2 19.68 -6.79 -11.14
CA ILE O 2 20.08 -8.15 -11.44
C ILE O 2 21.47 -8.17 -12.06
N ILE O 3 22.07 -9.35 -12.15
CA ILE O 3 23.41 -9.50 -12.71
C ILE O 3 23.36 -9.87 -14.19
N ASN O 4 24.36 -9.41 -14.95
CA ASN O 4 24.53 -9.81 -16.33
C ASN O 4 25.06 -11.25 -16.39
N PHE O 5 24.16 -12.19 -16.69
CA PHE O 5 24.49 -13.61 -16.68
C PHE O 5 25.51 -14.00 -17.75
N GLU O 6 26.32 -15.02 -17.44
CA GLU O 6 27.28 -15.57 -18.39
C GLU O 6 26.71 -16.84 -19.02
N LYS O 7 27.12 -17.12 -20.25
CA LYS O 7 26.61 -18.28 -20.98
C LYS O 7 27.07 -19.60 -20.38
N LEU O 8 26.33 -20.67 -20.65
CA LEU O 8 26.66 -22.01 -20.17
C LEU O 8 27.62 -22.69 -21.14
N ARG P 6 39.45 -28.07 0.41
CA ARG P 6 38.03 -28.36 0.31
C ARG P 6 37.56 -29.23 1.47
N CYS P 7 37.67 -30.54 1.30
CA CYS P 7 37.21 -31.50 2.32
C CYS P 7 38.04 -32.77 2.31
N GLU P 8 37.81 -33.63 3.30
CA GLU P 8 38.59 -34.85 3.47
C GLU P 8 38.31 -35.87 2.38
N LYS P 9 39.18 -36.89 2.32
CA LYS P 9 39.04 -37.98 1.36
C LYS P 9 37.77 -38.79 1.64
N GLU P 11 34.98 -37.76 2.97
CA GLU P 11 33.78 -37.00 2.65
C GLU P 11 33.43 -37.09 1.17
N GLU P 12 34.46 -37.13 0.32
CA GLU P 12 34.25 -37.18 -1.13
C GLU P 12 33.84 -38.59 -1.59
N GLU P 13 33.97 -39.56 -0.70
CA GLU P 13 33.67 -40.95 -1.04
C GLU P 13 32.39 -41.47 -0.36
N THR P 14 31.93 -40.76 0.66
CA THR P 14 30.73 -41.15 1.37
C THR P 14 29.49 -40.60 0.68
N TRP P 15 28.76 -41.47 -0.01
CA TRP P 15 27.55 -41.06 -0.72
C TRP P 15 26.29 -41.45 0.04
N LYS P 16 25.34 -40.52 0.16
CA LYS P 16 24.11 -40.77 0.88
C LYS P 16 22.89 -40.57 -0.02
N LEU P 17 21.88 -41.43 0.18
CA LEU P 17 20.66 -41.37 -0.61
C LEU P 17 19.43 -41.20 0.27
N LYS P 18 18.61 -40.19 -0.04
CA LYS P 18 17.37 -39.98 0.66
C LYS P 18 16.23 -39.74 -0.33
N ILE P 19 15.21 -40.59 -0.26
CA ILE P 19 14.01 -40.41 -1.08
C ILE P 19 12.81 -40.11 -0.20
N GLY P 20 12.27 -38.90 -0.33
CA GLY P 20 11.09 -38.51 0.42
C GLY P 20 9.85 -38.60 -0.45
N CYS P 22 5.53 -37.75 -0.09
CA CYS P 22 4.35 -37.35 0.67
C CYS P 22 3.07 -37.82 -0.03
N ILE P 23 2.28 -38.60 0.68
CA ILE P 23 1.02 -39.12 0.14
C ILE P 23 -0.18 -38.53 0.89
N GLN P 24 -1.09 -37.90 0.14
CA GLN P 24 -2.29 -37.33 0.74
C GLN P 24 -3.51 -38.19 0.44
N ALA P 25 -4.28 -38.50 1.47
CA ALA P 25 -5.44 -39.36 1.34
C ALA P 25 -6.59 -38.66 0.63
N LYS P 26 -7.41 -39.44 -0.07
CA LYS P 26 -8.56 -38.91 -0.79
C LYS P 26 -9.84 -39.63 -0.37
N ASP P 27 -10.86 -38.86 -0.04
CA ASP P 27 -12.17 -39.40 0.33
C ASP P 27 -12.16 -40.30 1.56
N PHE P 28 -11.06 -40.28 2.32
CA PHE P 28 -10.98 -41.03 3.57
C PHE P 28 -9.90 -40.48 4.49
N TYR P 29 -9.96 -40.84 5.76
CA TYR P 29 -8.98 -40.40 6.74
C TYR P 29 -7.94 -41.47 6.99
N SER P 30 -6.68 -41.16 6.68
CA SER P 30 -5.58 -42.07 6.93
C SER P 30 -5.20 -42.03 8.41
N LYS P 31 -5.01 -43.21 9.00
CA LYS P 31 -4.72 -43.31 10.42
C LYS P 31 -3.22 -43.48 10.68
N ARG P 32 -2.73 -42.78 11.69
CA ARG P 32 -1.33 -42.90 12.10
C ARG P 32 -1.07 -44.25 12.75
N THR P 33 0.01 -44.89 12.35
CA THR P 33 0.35 -46.20 12.91
C THR P 33 1.84 -46.53 12.75
N ASP P 34 2.26 -47.63 13.36
CA ASP P 34 3.61 -48.13 13.19
C ASP P 34 3.78 -48.64 11.76
N CYS P 35 5.02 -48.71 11.30
CA CYS P 35 5.29 -49.20 9.95
C CYS P 35 6.17 -50.43 9.95
N SER P 36 5.95 -51.29 8.96
CA SER P 36 6.74 -52.51 8.80
C SER P 36 7.54 -52.46 7.51
N VAL P 37 8.56 -53.29 7.40
CA VAL P 37 9.37 -53.38 6.20
C VAL P 37 9.96 -54.78 6.02
N HIS P 38 9.79 -55.35 4.84
CA HIS P 38 10.29 -56.69 4.57
C HIS P 38 10.88 -56.79 3.17
N ARG P 39 11.89 -57.63 3.03
CA ARG P 39 12.43 -57.95 1.71
C ARG P 39 11.80 -59.25 1.22
N PRO P 40 10.84 -59.14 0.28
CA PRO P 40 10.14 -60.33 -0.21
C PRO P 40 11.07 -61.21 -1.05
N ASP P 41 11.03 -62.51 -0.80
CA ASP P 41 11.80 -63.45 -1.60
C ASP P 41 11.11 -63.66 -2.95
N VAL P 42 9.93 -63.08 -3.09
CA VAL P 42 9.16 -63.15 -4.32
C VAL P 42 9.85 -62.33 -5.41
N GLY P 43 10.20 -61.09 -5.07
CA GLY P 43 10.89 -60.21 -5.99
C GLY P 43 11.86 -59.29 -5.27
N GLY P 44 12.98 -58.98 -5.93
CA GLY P 44 14.01 -58.15 -5.35
C GLY P 44 13.53 -56.75 -5.04
N GLY P 45 13.64 -56.36 -3.77
CA GLY P 45 13.22 -55.05 -3.33
C GLY P 45 12.74 -55.04 -1.89
N LEU P 46 11.72 -54.22 -1.62
CA LEU P 46 11.16 -54.12 -0.27
C LEU P 46 9.67 -53.79 -0.29
N ILE P 47 8.96 -54.27 0.71
CA ILE P 47 7.54 -53.96 0.88
C ILE P 47 7.30 -53.34 2.25
N THR P 48 6.61 -52.22 2.30
CA THR P 48 6.36 -51.55 3.57
C THR P 48 4.87 -51.30 3.84
N GLU P 49 4.42 -51.71 5.02
CA GLU P 49 3.03 -51.49 5.43
C GLU P 49 2.97 -50.40 6.50
N GLY P 50 2.04 -49.47 6.35
CA GLY P 50 1.88 -48.41 7.33
C GLY P 50 1.17 -47.17 6.81
N ASN P 51 0.47 -46.49 7.72
CA ASN P 51 -0.25 -45.25 7.42
C ASN P 51 -1.33 -45.40 6.35
N GLY P 52 -2.00 -46.55 6.34
CA GLY P 52 -3.12 -46.78 5.44
C GLY P 52 -2.69 -47.23 4.06
N TYR P 53 -1.38 -47.31 3.83
CA TYR P 53 -0.87 -47.73 2.54
C TYR P 53 0.15 -48.84 2.68
N ARG P 54 0.27 -49.65 1.63
CA ARG P 54 1.37 -50.59 1.53
C ARG P 54 2.13 -50.33 0.23
N VAL P 55 3.43 -50.14 0.35
CA VAL P 55 4.24 -49.67 -0.77
C VAL P 55 5.31 -50.69 -1.18
N VAL P 56 5.38 -50.96 -2.47
CA VAL P 56 6.37 -51.89 -3.02
C VAL P 56 7.40 -51.12 -3.84
N VAL P 57 8.68 -51.38 -3.56
CA VAL P 57 9.77 -50.73 -4.28
C VAL P 57 10.69 -51.74 -4.94
N HIS P 58 10.80 -51.67 -6.26
CA HIS P 58 11.64 -52.60 -7.01
C HIS P 58 12.77 -51.88 -7.75
N ASP P 59 13.71 -52.67 -8.27
CA ASP P 59 14.73 -52.16 -9.18
C ASP P 59 14.72 -52.99 -10.46
N GLN P 60 15.41 -52.52 -11.49
CA GLN P 60 15.44 -53.23 -12.76
C GLN P 60 16.49 -54.34 -12.81
N CYS P 61 16.91 -54.80 -11.63
CA CYS P 61 17.89 -55.87 -11.53
C CYS P 61 17.23 -57.24 -11.40
N GLU P 62 17.68 -58.18 -12.22
CA GLU P 62 17.22 -59.56 -12.12
C GLU P 62 18.26 -60.38 -11.37
N GLU P 63 19.53 -60.09 -11.64
CA GLU P 63 20.64 -60.72 -10.94
C GLU P 63 20.70 -60.19 -9.51
N PRO P 64 20.92 -61.09 -8.53
CA PRO P 64 21.01 -60.71 -7.12
C PRO P 64 22.06 -59.64 -6.86
N ASN P 65 21.62 -58.40 -6.73
CA ASN P 65 22.49 -57.27 -6.42
C ASN P 65 22.01 -56.55 -5.17
N PRO P 66 22.93 -55.88 -4.46
CA PRO P 66 22.55 -55.09 -3.27
C PRO P 66 21.56 -53.98 -3.62
N PHE P 67 20.41 -53.96 -2.95
CA PHE P 67 19.39 -52.96 -3.20
C PHE P 67 19.89 -51.59 -2.76
N ILE P 68 19.57 -50.56 -3.54
CA ILE P 68 20.12 -49.22 -3.30
C ILE P 68 19.52 -48.54 -2.07
N ILE P 69 18.41 -49.08 -1.57
CA ILE P 69 17.78 -48.55 -0.36
C ILE P 69 18.04 -49.46 0.83
N ALA P 70 18.44 -48.87 1.95
CA ALA P 70 18.78 -49.64 3.14
C ALA P 70 17.81 -49.44 4.30
N THR P 71 17.34 -48.21 4.49
CA THR P 71 16.50 -47.89 5.63
C THR P 71 15.16 -47.26 5.21
N THR P 72 14.10 -47.59 5.93
CA THR P 72 12.78 -47.03 5.66
C THR P 72 12.16 -46.42 6.90
N LYS P 73 11.62 -45.21 6.77
CA LYS P 73 10.98 -44.53 7.89
C LYS P 73 9.64 -43.94 7.47
N GLN P 74 8.71 -43.86 8.41
CA GLN P 74 7.39 -43.30 8.14
C GLN P 74 6.89 -42.44 9.30
N THR P 75 6.02 -41.48 8.98
CA THR P 75 5.37 -40.65 9.98
C THR P 75 4.01 -40.19 9.47
N HIS P 76 3.21 -39.60 10.35
CA HIS P 76 1.87 -39.17 9.97
C HIS P 76 1.50 -37.85 10.60
N PHE P 77 0.81 -37.01 9.84
CA PHE P 77 0.34 -35.72 10.33
C PHE P 77 -1.11 -35.48 9.93
N GLY P 78 -1.91 -34.99 10.85
CA GLY P 78 -3.32 -34.72 10.59
C GLY P 78 -4.09 -35.98 10.29
N VAL P 79 -4.96 -35.92 9.28
CA VAL P 79 -5.80 -37.05 8.94
C VAL P 79 -5.68 -37.44 7.47
N THR P 80 -4.81 -36.76 6.72
CA THR P 80 -4.66 -37.01 5.30
C THR P 80 -3.22 -37.29 4.87
N HIS P 81 -2.27 -36.63 5.52
CA HIS P 81 -0.87 -36.71 5.11
C HIS P 81 -0.13 -37.94 5.65
N SER P 82 0.58 -38.63 4.78
CA SER P 82 1.41 -39.76 5.17
C SER P 82 2.75 -39.67 4.45
N TYR P 83 3.84 -39.63 5.23
CA TYR P 83 5.18 -39.43 4.67
C TYR P 83 6.07 -40.66 4.83
N ILE P 84 6.85 -40.96 3.79
CA ILE P 84 7.77 -42.09 3.80
C ILE P 84 9.16 -41.65 3.38
N GLU P 85 10.18 -42.13 4.11
CA GLU P 85 11.56 -41.76 3.80
C GLU P 85 12.45 -42.98 3.60
N PHE P 86 12.90 -43.18 2.37
CA PHE P 86 13.85 -44.25 2.05
C PHE P 86 15.27 -43.71 2.14
N SER P 87 16.13 -44.41 2.89
CA SER P 87 17.46 -43.89 3.18
C SER P 87 18.58 -44.90 2.92
N ASN P 88 19.80 -44.38 2.80
CA ASN P 88 21.01 -45.19 2.73
C ASN P 88 22.22 -44.34 3.08
N SER P 89 22.80 -44.58 4.25
CA SER P 89 23.88 -43.77 4.78
C SER P 89 25.17 -43.89 3.96
N ASN P 90 25.34 -45.00 3.25
CA ASN P 90 26.50 -45.17 2.38
C ASN P 90 26.25 -46.07 1.18
N THR P 91 25.84 -45.46 0.07
CA THR P 91 25.61 -46.19 -1.17
C THR P 91 26.92 -46.44 -1.89
N GLY P 92 27.92 -45.61 -1.60
CA GLY P 92 29.16 -45.61 -2.35
C GLY P 92 28.98 -44.77 -3.60
N ALA P 93 30.07 -44.53 -4.32
CA ALA P 93 30.02 -43.74 -5.54
C ALA P 93 29.11 -44.38 -6.58
N PRO P 94 28.29 -43.57 -7.25
CA PRO P 94 27.34 -44.05 -8.27
C PRO P 94 28.03 -44.68 -9.47
N GLU P 95 29.33 -44.41 -9.62
CA GLU P 95 30.13 -44.99 -10.68
C GLU P 95 30.27 -46.50 -10.48
N ASN P 96 30.32 -46.91 -9.21
CA ASN P 96 30.56 -48.31 -8.86
C ASN P 96 29.26 -49.09 -8.68
N ILE P 97 28.13 -48.42 -8.81
CA ILE P 97 26.83 -49.05 -8.68
C ILE P 97 26.26 -49.39 -10.04
N PRO P 98 25.83 -50.65 -10.24
CA PRO P 98 25.19 -51.10 -11.47
C PRO P 98 24.02 -50.20 -11.86
N ASP P 99 23.82 -50.00 -13.16
CA ASP P 99 22.80 -49.09 -13.65
C ASP P 99 21.38 -49.55 -13.26
N CYS P 100 21.15 -50.85 -13.35
CA CYS P 100 19.84 -51.42 -13.06
C CYS P 100 19.39 -51.14 -11.62
N SER P 101 20.35 -51.06 -10.71
CA SER P 101 20.04 -50.79 -9.31
C SER P 101 19.71 -49.32 -9.08
N LYS P 102 19.90 -48.51 -10.12
CA LYS P 102 19.61 -47.07 -10.03
C LYS P 102 18.31 -46.70 -10.74
N HIS P 103 17.59 -47.71 -11.22
CA HIS P 103 16.25 -47.51 -11.76
C HIS P 103 15.21 -48.02 -10.77
N ILE P 104 14.50 -47.09 -10.14
CA ILE P 104 13.58 -47.42 -9.07
C ILE P 104 12.12 -47.38 -9.52
N LEU P 105 11.39 -48.45 -9.22
CA LEU P 105 9.96 -48.50 -9.48
C LEU P 105 9.18 -48.63 -8.17
N ILE P 106 8.38 -47.62 -7.86
CA ILE P 106 7.64 -47.59 -6.60
C ILE P 106 6.12 -47.68 -6.84
N SER P 107 5.50 -48.67 -6.21
CA SER P 107 4.06 -48.87 -6.34
C SER P 107 3.35 -48.63 -5.02
N VAL P 108 2.41 -47.69 -5.01
CA VAL P 108 1.69 -47.34 -3.79
C VAL P 108 0.25 -47.81 -3.81
N TYR P 109 -0.04 -48.82 -3.00
CA TYR P 109 -1.40 -49.33 -2.87
C TYR P 109 -2.01 -48.89 -1.54
N CYS P 110 -3.33 -48.82 -1.48
CA CYS P 110 -4.01 -48.43 -0.25
C CYS P 110 -4.62 -49.63 0.48
N ASP P 111 -4.41 -49.69 1.78
CA ASP P 111 -4.89 -50.80 2.60
C ASP P 111 -6.12 -50.43 3.42
N GLN P 112 -6.13 -49.20 3.94
CA GLN P 112 -7.20 -48.74 4.82
C GLN P 112 -8.55 -48.71 4.12
N GLU P 113 -8.63 -47.95 3.03
CA GLU P 113 -9.88 -47.82 2.29
C GLU P 113 -9.96 -48.83 1.16
N ALA P 114 -11.17 -49.28 0.85
CA ALA P 114 -11.39 -50.21 -0.26
C ALA P 114 -11.02 -49.56 -1.58
N SER P 115 -9.93 -50.03 -2.17
CA SER P 115 -9.38 -49.43 -3.39
C SER P 115 -10.31 -49.54 -4.59
N GLY P 116 -10.26 -48.53 -5.46
CA GLY P 116 -11.03 -48.52 -6.69
C GLY P 116 -10.20 -49.04 -7.85
N LEU P 117 -8.91 -49.25 -7.58
CA LEU P 117 -7.98 -49.84 -8.54
C LEU P 117 -7.86 -49.03 -9.83
N ASP P 118 -7.75 -47.71 -9.70
CA ASP P 118 -7.52 -46.84 -10.83
C ASP P 118 -6.13 -46.22 -10.73
N PHE P 119 -5.14 -46.92 -11.26
CA PHE P 119 -3.75 -46.50 -11.10
C PHE P 119 -3.29 -45.45 -12.11
N HIS P 120 -2.16 -44.83 -11.80
CA HIS P 120 -1.53 -43.86 -12.66
C HIS P 120 -0.01 -43.95 -12.48
N THR P 121 0.71 -44.10 -13.58
CA THR P 121 2.16 -44.20 -13.52
C THR P 121 2.82 -42.93 -14.04
N LEU P 122 3.67 -42.33 -13.22
CA LEU P 122 4.34 -41.10 -13.57
C LEU P 122 5.83 -41.19 -13.22
N LYS P 123 6.68 -40.79 -14.17
CA LYS P 123 8.12 -40.77 -13.94
C LYS P 123 8.52 -39.43 -13.30
N TYR P 124 8.76 -39.46 -12.01
CA TYR P 124 9.02 -38.25 -11.24
C TYR P 124 10.45 -37.74 -11.38
N VAL P 125 11.41 -38.65 -11.40
CA VAL P 125 12.81 -38.28 -11.45
C VAL P 125 13.56 -38.95 -12.61
N GLU P 126 14.29 -38.14 -13.37
CA GLU P 126 15.10 -38.64 -14.48
C GLU P 126 16.46 -37.95 -14.48
N SER P 127 17.47 -38.62 -13.92
CA SER P 127 18.81 -38.06 -13.88
C SER P 127 19.88 -39.14 -14.04
N ASN P 128 21.14 -38.71 -14.12
CA ASN P 128 22.26 -39.62 -14.31
C ASN P 128 22.52 -40.50 -13.09
N TYR P 129 22.03 -40.09 -11.94
CA TYR P 129 22.26 -40.81 -10.69
C TYR P 129 21.11 -41.73 -10.32
N LEU P 130 19.89 -41.31 -10.63
CA LEU P 130 18.71 -42.05 -10.19
C LEU P 130 17.51 -41.88 -11.11
N HIS P 131 16.67 -42.91 -11.18
CA HIS P 131 15.41 -42.87 -11.92
C HIS P 131 14.27 -43.27 -10.99
N ILE P 132 13.33 -42.37 -10.76
CA ILE P 132 12.21 -42.67 -9.87
C ILE P 132 10.87 -42.66 -10.60
N THR P 133 10.25 -43.83 -10.68
CA THR P 133 8.92 -43.95 -11.28
C THR P 133 7.90 -44.37 -10.23
N VAL P 134 6.78 -43.65 -10.18
CA VAL P 134 5.76 -43.92 -9.16
C VAL P 134 4.42 -44.33 -9.76
N LYS P 135 3.92 -45.47 -9.30
CA LYS P 135 2.61 -45.98 -9.70
C LYS P 135 1.71 -46.01 -8.48
N TYR P 136 0.58 -45.30 -8.54
CA TYR P 136 -0.30 -45.21 -7.37
C TYR P 136 -1.79 -45.20 -7.71
N ASP P 137 -2.59 -45.71 -6.77
CA ASP P 137 -4.04 -45.78 -6.92
C ASP P 137 -4.65 -44.40 -6.63
N THR P 138 -5.24 -43.80 -7.65
CA THR P 138 -5.77 -42.44 -7.53
C THR P 138 -7.16 -42.42 -6.91
N SER P 139 -7.70 -43.59 -6.59
CA SER P 139 -9.02 -43.67 -5.96
C SER P 139 -8.94 -43.32 -4.48
N CYS P 140 -7.80 -43.60 -3.87
CA CYS P 140 -7.61 -43.32 -2.45
C CYS P 140 -6.49 -42.32 -2.19
N ILE P 141 -5.83 -41.86 -3.26
CA ILE P 141 -4.74 -40.91 -3.12
C ILE P 141 -5.03 -39.58 -3.84
N ASN P 142 -5.04 -38.50 -3.08
CA ASN P 142 -5.38 -37.19 -3.62
C ASN P 142 -4.19 -36.49 -4.27
N HIS P 143 -3.02 -36.63 -3.67
CA HIS P 143 -1.81 -36.02 -4.21
C HIS P 143 -0.55 -36.76 -3.76
N LEU P 144 0.46 -36.79 -4.62
CA LEU P 144 1.73 -37.44 -4.29
C LEU P 144 2.92 -36.58 -4.73
N GLY P 145 3.80 -36.29 -3.78
CA GLY P 145 5.00 -35.53 -4.08
C GLY P 145 6.24 -36.35 -3.76
N VAL P 146 7.30 -36.14 -4.52
CA VAL P 146 8.54 -36.89 -4.32
C VAL P 146 9.76 -35.97 -4.26
N ASN P 147 10.51 -36.05 -3.17
CA ASN P 147 11.76 -35.31 -3.07
C ASN P 147 12.94 -36.26 -3.17
N TYR P 148 14.01 -35.80 -3.83
CA TYR P 148 15.14 -36.66 -4.16
C TYR P 148 16.47 -35.98 -3.84
N SER P 149 17.36 -36.73 -3.19
CA SER P 149 18.67 -36.20 -2.81
C SER P 149 19.72 -37.31 -2.82
N PHE P 150 20.78 -37.10 -3.60
CA PHE P 150 21.82 -38.11 -3.76
C PHE P 150 23.16 -37.45 -4.06
N ASN P 152 27.49 -36.69 -2.15
CA ASN P 152 28.46 -36.97 -1.10
C ASN P 152 28.51 -35.90 -0.02
N GLU P 153 29.21 -36.20 1.07
CA GLU P 153 29.26 -35.29 2.22
C GLU P 153 29.99 -33.99 1.92
N CYS P 154 30.88 -34.01 0.94
CA CYS P 154 31.61 -32.81 0.56
C CYS P 154 30.69 -31.80 -0.10
N GLU P 155 29.99 -32.23 -1.14
CA GLU P 155 29.09 -31.37 -1.89
C GLU P 155 27.90 -30.92 -1.06
N ARG P 156 27.45 -31.78 -0.15
CA ARG P 156 26.34 -31.45 0.75
C ARG P 156 26.76 -30.33 1.70
N LYS P 157 28.01 -30.38 2.15
CA LYS P 157 28.55 -29.37 3.05
C LYS P 157 28.75 -28.03 2.33
N LEU P 158 29.02 -28.10 1.03
CA LEU P 158 29.31 -26.91 0.25
C LEU P 158 28.07 -26.28 -0.38
N THR P 159 26.94 -26.98 -0.31
CA THR P 159 25.68 -26.48 -0.86
C THR P 159 24.56 -26.57 0.16
N SER P 160 24.87 -26.34 1.43
CA SER P 160 23.88 -26.41 2.50
C SER P 160 23.00 -25.16 2.52
N ILE P 161 23.48 -24.08 1.91
CA ILE P 161 22.73 -22.84 1.85
C ILE P 161 21.56 -22.93 0.88
N TYR P 162 21.57 -23.96 0.03
CA TYR P 162 20.49 -24.18 -0.91
C TYR P 162 19.48 -25.17 -0.34
N GLU P 163 18.27 -24.70 -0.05
CA GLU P 163 17.23 -25.53 0.52
C GLU P 163 16.22 -25.93 -0.55
N THR P 164 16.20 -27.21 -0.89
CA THR P 164 15.35 -27.70 -1.97
C THR P 164 14.21 -28.59 -1.47
N ASP P 165 14.20 -28.86 -0.17
CA ASP P 165 13.15 -29.71 0.41
C ASP P 165 12.00 -28.85 0.92
N THR P 166 10.81 -29.10 0.39
CA THR P 166 9.62 -28.35 0.78
C THR P 166 8.45 -29.28 1.12
N LEU P 167 8.72 -30.59 1.11
CA LEU P 167 7.70 -31.58 1.42
C LEU P 167 7.41 -31.61 2.92
N THR P 168 6.77 -30.56 3.42
CA THR P 168 6.40 -30.47 4.83
C THR P 168 5.47 -31.61 5.21
N CYS P 169 4.57 -31.95 4.29
CA CYS P 169 3.67 -33.09 4.43
C CYS P 169 2.81 -33.05 5.69
N GLY P 170 2.19 -31.90 5.95
CA GLY P 170 1.28 -31.75 7.07
C GLY P 170 1.89 -31.11 8.30
N ALA P 171 3.19 -30.85 8.26
CA ALA P 171 3.88 -30.20 9.36
C ALA P 171 4.22 -28.75 9.00
N LYS P 172 4.64 -27.98 10.01
CA LYS P 172 4.96 -26.58 9.80
C LYS P 172 6.23 -26.40 8.98
N ASP P 173 7.17 -27.32 9.16
CA ASP P 173 8.43 -27.30 8.43
C ASP P 173 9.02 -28.69 8.32
N ILE P 174 10.10 -28.84 7.55
CA ILE P 174 10.71 -30.14 7.35
C ILE P 174 11.32 -30.71 8.65
N GLN P 175 11.78 -29.81 9.52
CA GLN P 175 12.36 -30.21 10.79
C GLN P 175 11.33 -30.94 11.66
N THR P 176 10.11 -30.42 11.67
CA THR P 176 9.04 -31.02 12.46
C THR P 176 8.66 -32.38 11.88
N ARG P 177 8.71 -32.49 10.55
CA ARG P 177 8.43 -33.75 9.88
C ARG P 177 9.40 -34.85 10.31
N ASP P 178 10.69 -34.51 10.32
CA ASP P 178 11.73 -35.48 10.64
C ASP P 178 11.78 -35.83 12.12
N LYS P 179 11.16 -34.99 12.95
CA LYS P 179 11.17 -35.20 14.39
C LYS P 179 10.30 -36.41 14.77
N TYR P 180 9.18 -36.56 14.09
CA TYR P 180 8.22 -37.62 14.41
C TYR P 180 8.39 -38.88 13.56
N LEU P 181 9.49 -38.96 12.82
CA LEU P 181 9.77 -40.14 12.01
C LEU P 181 10.01 -41.38 12.87
N LYS P 182 9.52 -42.52 12.42
CA LYS P 182 9.74 -43.79 13.10
C LYS P 182 10.29 -44.84 12.14
N THR P 183 11.38 -45.47 12.53
CA THR P 183 12.01 -46.49 11.71
C THR P 183 11.12 -47.73 11.59
N CYS P 184 10.86 -48.15 10.36
CA CYS P 184 10.02 -49.31 10.09
C CYS P 184 10.73 -50.60 10.51
N THR P 185 9.97 -51.51 11.11
CA THR P 185 10.53 -52.73 11.69
C THR P 185 10.21 -53.98 10.88
N ASN P 186 10.88 -55.08 11.23
CA ASN P 186 10.68 -56.36 10.56
C ASN P 186 9.65 -57.21 11.28
N THR P 187 8.38 -56.83 11.14
CA THR P 187 7.29 -57.58 11.77
C THR P 187 6.02 -57.48 10.94
N LYS P 188 5.11 -58.44 11.13
CA LYS P 188 3.85 -58.45 10.39
C LYS P 188 2.95 -57.29 10.79
N PHE P 189 1.84 -57.15 10.07
CA PHE P 189 0.89 -56.07 10.33
C PHE P 189 -0.43 -56.63 10.85
N ASP P 190 -1.34 -55.74 11.25
CA ASP P 190 -2.60 -56.17 11.86
C ASP P 190 -3.76 -55.20 11.63
N ARG P 191 -3.51 -53.91 11.83
CA ARG P 191 -4.52 -52.86 11.68
C ARG P 191 -5.68 -53.01 12.68
#